data_7INS
# 
_entry.id   7INS 
# 
_audit_conform.dict_name       mmcif_pdbx.dic 
_audit_conform.dict_version    5.402 
_audit_conform.dict_location   http://mmcif.pdb.org/dictionaries/ascii/mmcif_pdbx.dic 
# 
loop_
_database_2.database_id 
_database_2.database_code 
_database_2.pdbx_database_accession 
_database_2.pdbx_DOI 
PDB   7INS         pdb_00007ins 10.2210/pdb7ins/pdb 
WWPDB D_1000179924 ?            ?                   
# 
loop_
_pdbx_audit_revision_history.ordinal 
_pdbx_audit_revision_history.data_content_type 
_pdbx_audit_revision_history.major_revision 
_pdbx_audit_revision_history.minor_revision 
_pdbx_audit_revision_history.revision_date 
1 'Structure model' 1 0 1994-01-31 
2 'Structure model' 1 1 2007-11-29 
3 'Structure model' 1 2 2011-07-13 
4 'Structure model' 1 3 2024-06-05 
5 'Structure model' 1 4 2024-11-20 
6 'Structure model' 2 0 2025-02-12 
# 
_pdbx_audit_revision_details.ordinal             1 
_pdbx_audit_revision_details.revision_ordinal    1 
_pdbx_audit_revision_details.data_content_type   'Structure model' 
_pdbx_audit_revision_details.provider            repository 
_pdbx_audit_revision_details.type                'Initial release' 
_pdbx_audit_revision_details.description         ? 
_pdbx_audit_revision_details.details             ? 
# 
loop_
_pdbx_audit_revision_group.ordinal 
_pdbx_audit_revision_group.revision_ordinal 
_pdbx_audit_revision_group.data_content_type 
_pdbx_audit_revision_group.group 
1  2 'Structure model' 'Version format compliance' 
2  3 'Structure model' 'Version format compliance' 
3  4 'Structure model' 'Data collection'           
4  4 'Structure model' 'Database references'       
5  4 'Structure model' 'Derived calculations'      
6  4 'Structure model' Other                       
7  5 'Structure model' 'Structure summary'         
8  6 'Structure model' Advisory                    
9  6 'Structure model' 'Atomic model'              
10 6 'Structure model' 'Data collection'           
11 6 'Structure model' 'Derived calculations'      
12 6 'Structure model' 'Non-polymer description'   
13 6 'Structure model' 'Structure summary'         
# 
loop_
_pdbx_audit_revision_category.ordinal 
_pdbx_audit_revision_category.revision_ordinal 
_pdbx_audit_revision_category.data_content_type 
_pdbx_audit_revision_category.category 
1  4 'Structure model' chem_comp_atom            
2  4 'Structure model' chem_comp_bond            
3  4 'Structure model' database_2                
4  4 'Structure model' pdbx_database_status      
5  4 'Structure model' struct_conn               
6  4 'Structure model' struct_site               
7  5 'Structure model' pdbx_entry_details        
8  5 'Structure model' pdbx_modification_feature 
9  6 'Structure model' atom_site                 
10 6 'Structure model' chem_comp                 
11 6 'Structure model' database_PDB_caveat       
12 6 'Structure model' entity                    
13 6 'Structure model' pdbx_entity_nonpoly       
14 6 'Structure model' pdbx_nonpoly_scheme       
# 
loop_
_pdbx_audit_revision_item.ordinal 
_pdbx_audit_revision_item.revision_ordinal 
_pdbx_audit_revision_item.data_content_type 
_pdbx_audit_revision_item.item 
1  4 'Structure model' '_database_2.pdbx_DOI'                
2  4 'Structure model' '_database_2.pdbx_database_accession' 
3  4 'Structure model' '_pdbx_database_status.process_site'  
4  4 'Structure model' '_struct_conn.ptnr1_auth_asym_id'     
5  4 'Structure model' '_struct_conn.ptnr1_auth_comp_id'     
6  4 'Structure model' '_struct_conn.ptnr1_auth_seq_id'      
7  4 'Structure model' '_struct_conn.ptnr1_label_asym_id'    
8  4 'Structure model' '_struct_conn.ptnr1_label_atom_id'    
9  4 'Structure model' '_struct_conn.ptnr1_label_comp_id'    
10 4 'Structure model' '_struct_conn.ptnr1_label_seq_id'     
11 4 'Structure model' '_struct_conn.ptnr2_auth_asym_id'     
12 4 'Structure model' '_struct_conn.ptnr2_auth_comp_id'     
13 4 'Structure model' '_struct_conn.ptnr2_auth_seq_id'      
14 4 'Structure model' '_struct_conn.ptnr2_label_asym_id'    
15 4 'Structure model' '_struct_conn.ptnr2_label_atom_id'    
16 4 'Structure model' '_struct_conn.ptnr2_label_comp_id'    
17 4 'Structure model' '_struct_conn.ptnr2_label_seq_id'     
18 4 'Structure model' '_struct_site.pdbx_auth_asym_id'      
19 4 'Structure model' '_struct_site.pdbx_auth_comp_id'      
20 4 'Structure model' '_struct_site.pdbx_auth_seq_id'       
21 6 'Structure model' '_atom_site.auth_comp_id'             
22 6 'Structure model' '_atom_site.label_comp_id'            
23 6 'Structure model' '_chem_comp.formula'                  
24 6 'Structure model' '_chem_comp.formula_weight'           
25 6 'Structure model' '_chem_comp.id'                       
26 6 'Structure model' '_chem_comp.mon_nstd_flag'            
27 6 'Structure model' '_chem_comp.name'                     
28 6 'Structure model' '_chem_comp.type'                     
29 6 'Structure model' '_entity.pdbx_description'            
30 6 'Structure model' '_pdbx_entity_nonpoly.comp_id'        
31 6 'Structure model' '_pdbx_entity_nonpoly.name'           
32 6 'Structure model' '_pdbx_nonpoly_scheme.mon_id'         
33 6 'Structure model' '_pdbx_nonpoly_scheme.pdb_mon_id'     
# 
_database_PDB_caveat.id     1 
_database_PDB_caveat.text   'UNK G 33 HAS WRONG CHIRALITY AT ATOM CA' 
# 
_pdbx_database_status.status_code                     REL 
_pdbx_database_status.entry_id                        7INS 
_pdbx_database_status.recvd_initial_deposition_date   1991-09-03 
_pdbx_database_status.deposit_site                    ? 
_pdbx_database_status.process_site                    BNL 
_pdbx_database_status.status_code_sf                  REL 
_pdbx_database_status.status_code_mr                  ? 
_pdbx_database_status.SG_entry                        ? 
_pdbx_database_status.pdb_format_compatible           Y 
_pdbx_database_status.status_code_cs                  ? 
_pdbx_database_status.status_code_nmr_data            ? 
_pdbx_database_status.methods_development_category    ? 
# 
loop_
_audit_author.name 
_audit_author.pdbx_ordinal 
'Balschmidt, P.' 1 
'Hansen, F.B.'   2 
'Dodson, E.'     3 
'Dodson, G.'     4 
'Korber, F.'     5 
# 
loop_
_citation.id 
_citation.title 
_citation.journal_abbrev 
_citation.journal_volume 
_citation.page_first 
_citation.page_last 
_citation.year 
_citation.journal_id_ASTM 
_citation.country 
_citation.journal_id_ISSN 
_citation.journal_id_CSD 
_citation.book_publisher 
_citation.pdbx_database_id_PubMed 
_citation.pdbx_database_id_DOI 
primary 'Structure of porcine insulin cocrystallized with clupeine Z.'           'Acta Crystallogr.,Sect.B'      47  975 986 1991 
ASBSDK DK 0108-7681 0622 ? 1772633 10.1107/S010876819100842X 
1       'Phenol Stabilizes More Helix in a New Symmetrical Zinc Insulin Hexamer' Nature                          338 594 ?   1989 
NATUAS UK 0028-0836 0006 ? ?       ?                         
2       'The Structure of 2Zn Pig Insulin Crystals at 1.5 Angstroms Resolution'  Philos.Trans.R.Soc.London,Ser.B 319 369 ?   1988 
PTRBAE UK 0080-4622 0441 ? ?       ?                         
# 
loop_
_citation_author.citation_id 
_citation_author.name 
_citation_author.ordinal 
_citation_author.identifier_ORCID 
primary 'Balschmidt, P.'  1  ? 
primary 'Hansen, F.B.'    2  ? 
primary 'Dodson, E.J.'    3  ? 
primary 'Dodson, G.G.'    4  ? 
primary 'Korber, F.'      5  ? 
1       'Derewenda, U.'   6  ? 
1       'Derewenda, Z.'   7  ? 
1       'Dodson, E.J.'    8  ? 
1       'Dodson, G.G.'    9  ? 
1       'Reynolds, C.D.'  10 ? 
1       'Smith, G.D.'     11 ? 
1       'Sparks, C.'      12 ? 
1       'Swenson, D.'     13 ? 
2       'Baker, E.N.'     14 ? 
2       'Blundell, T.L.'  15 ? 
2       'Cutfield, J.F.'  16 ? 
2       'Cutfield, S.M.'  17 ? 
2       'Dodson, E.J.'    18 ? 
2       'Dodson, G.G.'    19 ? 
2       'Hodgkin, D.M.C.' 20 ? 
2       'Hubbard, R.E.'   21 ? 
2       'Isaacs, N.W.'    22 ? 
2       'Reynolds, C.D.'  23 ? 
2       'Sakabe, K.'      24 ? 
2       'Sakabe, N.'      25 ? 
2       'Vijayan, N.M.'   26 ? 
# 
loop_
_entity.id 
_entity.type 
_entity.src_method 
_entity.pdbx_description 
_entity.formula_weight 
_entity.pdbx_number_of_molecules 
_entity.pdbx_ec 
_entity.pdbx_mutation 
_entity.pdbx_fragment 
_entity.details 
1 polymer     man 'INSULIN (CHAIN A)'       2383.698 3   ? ? ? ? 
2 polymer     man 'INSULIN (CHAIN B)'       3403.927 3   ? ? ? ? 
3 polymer     syn 'GENERAL PROTAMINE CHAIN' 1379.692 1   ? ? ? ? 
4 non-polymer syn M-CRESOL                  108.138  3   ? ? ? ? 
5 non-polymer syn 'ZINC ION'                65.409   1   ? ? ? ? 
6 non-polymer syn 'UNKNOWN LIGAND'          103.120  2   ? ? ? ? 
7 water       nat water                     18.015   109 ? ? ? ? 
# 
loop_
_entity_poly.entity_id 
_entity_poly.type 
_entity_poly.nstd_linkage 
_entity_poly.nstd_monomer 
_entity_poly.pdbx_seq_one_letter_code 
_entity_poly.pdbx_seq_one_letter_code_can 
_entity_poly.pdbx_strand_id 
_entity_poly.pdbx_target_identifier 
1 'polypeptide(L)' no no GIVEQCCTSICSLYQLENYCN                                                              GIVEQCCTSICSLYQLENYCN 
A,C,E ? 
2 'polypeptide(L)' no no FVNQHLCGSHLVEALYLVCGERGFFYTPKA                                                     
FVNQHLCGSHLVEALYLVCGERGFFYTPKA B,D,F ? 
3 'polypeptide(L)' no no '(UNK)(UNK)(UNK)(UNK)(UNK)(UNK)(UNK)(UNK)(UNK)(UNK)(UNK)(UNK)(UNK)(UNK)(UNK)(UNK)' XXXXXXXXXXXXXXXX G     
? 
# 
loop_
_pdbx_entity_nonpoly.entity_id 
_pdbx_entity_nonpoly.name 
_pdbx_entity_nonpoly.comp_id 
4 M-CRESOL         CRS 
5 'ZINC ION'       ZN  
6 'UNKNOWN LIGAND' UNL 
7 water            HOH 
# 
loop_
_entity_poly_seq.entity_id 
_entity_poly_seq.num 
_entity_poly_seq.mon_id 
_entity_poly_seq.hetero 
1 1  GLY n 
1 2  ILE n 
1 3  VAL n 
1 4  GLU n 
1 5  GLN n 
1 6  CYS n 
1 7  CYS n 
1 8  THR n 
1 9  SER n 
1 10 ILE n 
1 11 CYS n 
1 12 SER n 
1 13 LEU n 
1 14 TYR n 
1 15 GLN n 
1 16 LEU n 
1 17 GLU n 
1 18 ASN n 
1 19 TYR n 
1 20 CYS n 
1 21 ASN n 
2 1  PHE n 
2 2  VAL n 
2 3  ASN n 
2 4  GLN n 
2 5  HIS n 
2 6  LEU n 
2 7  CYS n 
2 8  GLY n 
2 9  SER n 
2 10 HIS n 
2 11 LEU n 
2 12 VAL n 
2 13 GLU n 
2 14 ALA n 
2 15 LEU n 
2 16 TYR n 
2 17 LEU n 
2 18 VAL n 
2 19 CYS n 
2 20 GLY n 
2 21 GLU n 
2 22 ARG n 
2 23 GLY n 
2 24 PHE n 
2 25 PHE n 
2 26 TYR n 
2 27 THR n 
2 28 PRO n 
2 29 LYS n 
2 30 ALA n 
3 1  UNK n 
3 2  UNK n 
3 3  UNK n 
3 4  UNK n 
3 5  UNK n 
3 6  UNK n 
3 7  UNK n 
3 8  UNK n 
3 9  UNK n 
3 10 UNK n 
3 11 UNK n 
3 12 UNK n 
3 13 UNK n 
3 14 UNK n 
3 15 UNK n 
3 16 UNK n 
# 
loop_
_entity_src_gen.entity_id 
_entity_src_gen.pdbx_src_id 
_entity_src_gen.pdbx_alt_source_flag 
_entity_src_gen.pdbx_seq_type 
_entity_src_gen.pdbx_beg_seq_num 
_entity_src_gen.pdbx_end_seq_num 
_entity_src_gen.gene_src_common_name 
_entity_src_gen.gene_src_genus 
_entity_src_gen.pdbx_gene_src_gene 
_entity_src_gen.gene_src_species 
_entity_src_gen.gene_src_strain 
_entity_src_gen.gene_src_tissue 
_entity_src_gen.gene_src_tissue_fraction 
_entity_src_gen.gene_src_details 
_entity_src_gen.pdbx_gene_src_fragment 
_entity_src_gen.pdbx_gene_src_scientific_name 
_entity_src_gen.pdbx_gene_src_ncbi_taxonomy_id 
_entity_src_gen.pdbx_gene_src_variant 
_entity_src_gen.pdbx_gene_src_cell_line 
_entity_src_gen.pdbx_gene_src_atcc 
_entity_src_gen.pdbx_gene_src_organ 
_entity_src_gen.pdbx_gene_src_organelle 
_entity_src_gen.pdbx_gene_src_cell 
_entity_src_gen.pdbx_gene_src_cellular_location 
_entity_src_gen.host_org_common_name 
_entity_src_gen.pdbx_host_org_scientific_name 
_entity_src_gen.pdbx_host_org_ncbi_taxonomy_id 
_entity_src_gen.host_org_genus 
_entity_src_gen.pdbx_host_org_gene 
_entity_src_gen.pdbx_host_org_organ 
_entity_src_gen.host_org_species 
_entity_src_gen.pdbx_host_org_tissue 
_entity_src_gen.pdbx_host_org_tissue_fraction 
_entity_src_gen.pdbx_host_org_strain 
_entity_src_gen.pdbx_host_org_variant 
_entity_src_gen.pdbx_host_org_cell_line 
_entity_src_gen.pdbx_host_org_atcc 
_entity_src_gen.pdbx_host_org_culture_collection 
_entity_src_gen.pdbx_host_org_cell 
_entity_src_gen.pdbx_host_org_organelle 
_entity_src_gen.pdbx_host_org_cellular_location 
_entity_src_gen.pdbx_host_org_vector_type 
_entity_src_gen.pdbx_host_org_vector 
_entity_src_gen.host_org_details 
_entity_src_gen.expression_system_id 
_entity_src_gen.plasmid_name 
_entity_src_gen.plasmid_details 
_entity_src_gen.pdbx_description 
1 1 sample ? ? ? pig Sus ? ? ? ? ? ? ? 'Sus scrofa' 9823 ? ? ? ? ? ? ? ? ? ? ? ? ? ? ? ? ? ? ? ? ? ? ? ? ? ? ? ? ? ? ? 
2 1 sample ? ? ? pig Sus ? ? ? ? ? ? ? 'Sus scrofa' 9823 ? ? ? ? ? ? ? ? ? ? ? ? ? ? ? ? ? ? ? ? ? ? ? ? ? ? ? ? ? ? ? 
# 
loop_
_chem_comp.id 
_chem_comp.type 
_chem_comp.mon_nstd_flag 
_chem_comp.name 
_chem_comp.pdbx_synonyms 
_chem_comp.formula 
_chem_comp.formula_weight 
ALA 'L-peptide linking' y ALANINE          ? 'C3 H7 N O2'     89.093  
ARG 'L-peptide linking' y ARGININE         ? 'C6 H15 N4 O2 1' 175.209 
ASN 'L-peptide linking' y ASPARAGINE       ? 'C4 H8 N2 O3'    132.118 
CRS non-polymer         . M-CRESOL         ? 'C7 H8 O'        108.138 
CYS 'L-peptide linking' y CYSTEINE         ? 'C3 H7 N O2 S'   121.158 
GLN 'L-peptide linking' y GLUTAMINE        ? 'C5 H10 N2 O3'   146.144 
GLU 'L-peptide linking' y 'GLUTAMIC ACID'  ? 'C5 H9 N O4'     147.129 
GLY 'peptide linking'   y GLYCINE          ? 'C2 H5 N O2'     75.067  
HIS 'L-peptide linking' y HISTIDINE        ? 'C6 H10 N3 O2 1' 156.162 
HOH non-polymer         . WATER            ? 'H2 O'           18.015  
ILE 'L-peptide linking' y ISOLEUCINE       ? 'C6 H13 N O2'    131.173 
LEU 'L-peptide linking' y LEUCINE          ? 'C6 H13 N O2'    131.173 
LYS 'L-peptide linking' y LYSINE           ? 'C6 H15 N2 O2 1' 147.195 
PHE 'L-peptide linking' y PHENYLALANINE    ? 'C9 H11 N O2'    165.189 
PRO 'L-peptide linking' y PROLINE          ? 'C5 H9 N O2'     115.130 
SER 'L-peptide linking' y SERINE           ? 'C3 H7 N O3'     105.093 
THR 'L-peptide linking' y THREONINE        ? 'C4 H9 N O3'     119.119 
TYR 'L-peptide linking' y TYROSINE         ? 'C9 H11 N O3'    181.189 
UNK 'L-peptide linking' . UNKNOWN          ? 'C4 H9 N O2'     103.120 
UNL non-polymer         . 'UNKNOWN LIGAND' ? ?                ?       
VAL 'L-peptide linking' y VALINE           ? 'C5 H11 N O2'    117.146 
ZN  non-polymer         . 'ZINC ION'       ? 'Zn 2'           65.409  
# 
loop_
_pdbx_poly_seq_scheme.asym_id 
_pdbx_poly_seq_scheme.entity_id 
_pdbx_poly_seq_scheme.seq_id 
_pdbx_poly_seq_scheme.mon_id 
_pdbx_poly_seq_scheme.ndb_seq_num 
_pdbx_poly_seq_scheme.pdb_seq_num 
_pdbx_poly_seq_scheme.auth_seq_num 
_pdbx_poly_seq_scheme.pdb_mon_id 
_pdbx_poly_seq_scheme.auth_mon_id 
_pdbx_poly_seq_scheme.pdb_strand_id 
_pdbx_poly_seq_scheme.pdb_ins_code 
_pdbx_poly_seq_scheme.hetero 
A 1 1  GLY 1  1  1  GLY GLY A . n 
A 1 2  ILE 2  2  2  ILE ILE A . n 
A 1 3  VAL 3  3  3  VAL VAL A . n 
A 1 4  GLU 4  4  4  GLU GLU A . n 
A 1 5  GLN 5  5  5  GLN GLN A . n 
A 1 6  CYS 6  6  6  CYS CYS A . n 
A 1 7  CYS 7  7  7  CYS CYS A . n 
A 1 8  THR 8  8  8  THR THR A . n 
A 1 9  SER 9  9  9  SER SER A . n 
A 1 10 ILE 10 10 10 ILE ILE A . n 
A 1 11 CYS 11 11 11 CYS CYS A . n 
A 1 12 SER 12 12 12 SER SER A . n 
A 1 13 LEU 13 13 13 LEU LEU A . n 
A 1 14 TYR 14 14 14 TYR TYR A . n 
A 1 15 GLN 15 15 15 GLN GLN A . n 
A 1 16 LEU 16 16 16 LEU LEU A . n 
A 1 17 GLU 17 17 17 GLU GLU A . n 
A 1 18 ASN 18 18 18 ASN ASN A . n 
A 1 19 TYR 19 19 19 TYR TYR A . n 
A 1 20 CYS 20 20 20 CYS CYS A . n 
A 1 21 ASN 21 21 21 ASN ASN A . n 
B 2 1  PHE 1  1  1  PHE PHE B . n 
B 2 2  VAL 2  2  2  VAL VAL B . n 
B 2 3  ASN 3  3  3  ASN ASN B . n 
B 2 4  GLN 4  4  4  GLN GLN B . n 
B 2 5  HIS 5  5  5  HIS HIS B . n 
B 2 6  LEU 6  6  6  LEU LEU B . n 
B 2 7  CYS 7  7  7  CYS CYS B . n 
B 2 8  GLY 8  8  8  GLY GLY B . n 
B 2 9  SER 9  9  9  SER SER B . n 
B 2 10 HIS 10 10 10 HIS HIS B . n 
B 2 11 LEU 11 11 11 LEU LEU B . n 
B 2 12 VAL 12 12 12 VAL VAL B . n 
B 2 13 GLU 13 13 13 GLU GLU B . n 
B 2 14 ALA 14 14 14 ALA ALA B . n 
B 2 15 LEU 15 15 15 LEU LEU B . n 
B 2 16 TYR 16 16 16 TYR TYR B . n 
B 2 17 LEU 17 17 17 LEU LEU B . n 
B 2 18 VAL 18 18 18 VAL VAL B . n 
B 2 19 CYS 19 19 19 CYS CYS B . n 
B 2 20 GLY 20 20 20 GLY GLY B . n 
B 2 21 GLU 21 21 21 GLU GLU B . n 
B 2 22 ARG 22 22 22 ARG ARG B . n 
B 2 23 GLY 23 23 23 GLY GLY B . n 
B 2 24 PHE 24 24 24 PHE PHE B . n 
B 2 25 PHE 25 25 25 PHE PHE B . n 
B 2 26 TYR 26 26 26 TYR TYR B . n 
B 2 27 THR 27 27 27 THR THR B . n 
B 2 28 PRO 28 28 28 PRO PRO B . n 
B 2 29 LYS 29 29 29 LYS LYS B . n 
B 2 30 ALA 30 30 30 ALA ALA B . n 
C 1 1  GLY 1  1  1  GLY GLY C . n 
C 1 2  ILE 2  2  2  ILE ILE C . n 
C 1 3  VAL 3  3  3  VAL VAL C . n 
C 1 4  GLU 4  4  4  GLU GLU C . n 
C 1 5  GLN 5  5  5  GLN GLN C . n 
C 1 6  CYS 6  6  6  CYS CYS C . n 
C 1 7  CYS 7  7  7  CYS CYS C . n 
C 1 8  THR 8  8  8  THR THR C . n 
C 1 9  SER 9  9  9  SER SER C . n 
C 1 10 ILE 10 10 10 ILE ILE C . n 
C 1 11 CYS 11 11 11 CYS CYS C . n 
C 1 12 SER 12 12 12 SER SER C . n 
C 1 13 LEU 13 13 13 LEU LEU C . n 
C 1 14 TYR 14 14 14 TYR TYR C . n 
C 1 15 GLN 15 15 15 GLN GLN C . n 
C 1 16 LEU 16 16 16 LEU LEU C . n 
C 1 17 GLU 17 17 17 GLU GLU C . n 
C 1 18 ASN 18 18 18 ASN ASN C . n 
C 1 19 TYR 19 19 19 TYR TYR C . n 
C 1 20 CYS 20 20 20 CYS CYS C . n 
C 1 21 ASN 21 21 21 ASN ASN C . n 
D 2 1  PHE 1  1  1  PHE PHE D . n 
D 2 2  VAL 2  2  2  VAL VAL D . n 
D 2 3  ASN 3  3  3  ASN ASN D . n 
D 2 4  GLN 4  4  4  GLN GLN D . n 
D 2 5  HIS 5  5  5  HIS HIS D . n 
D 2 6  LEU 6  6  6  LEU LEU D . n 
D 2 7  CYS 7  7  7  CYS CYS D . n 
D 2 8  GLY 8  8  8  GLY GLY D . n 
D 2 9  SER 9  9  9  SER SER D . n 
D 2 10 HIS 10 10 10 HIS HIS D . n 
D 2 11 LEU 11 11 11 LEU LEU D . n 
D 2 12 VAL 12 12 12 VAL VAL D . n 
D 2 13 GLU 13 13 13 GLU GLU D . n 
D 2 14 ALA 14 14 14 ALA ALA D . n 
D 2 15 LEU 15 15 15 LEU LEU D . n 
D 2 16 TYR 16 16 16 TYR TYR D . n 
D 2 17 LEU 17 17 17 LEU LEU D . n 
D 2 18 VAL 18 18 18 VAL VAL D . n 
D 2 19 CYS 19 19 19 CYS CYS D . n 
D 2 20 GLY 20 20 20 GLY GLY D . n 
D 2 21 GLU 21 21 21 GLU GLU D . n 
D 2 22 ARG 22 22 22 ARG ARG D . n 
D 2 23 GLY 23 23 23 GLY GLY D . n 
D 2 24 PHE 24 24 24 PHE PHE D . n 
D 2 25 PHE 25 25 25 PHE PHE D . n 
D 2 26 TYR 26 26 26 TYR TYR D . n 
D 2 27 THR 27 27 27 THR THR D . n 
D 2 28 PRO 28 28 28 PRO PRO D . n 
D 2 29 LYS 29 29 29 LYS LYS D . n 
D 2 30 ALA 30 30 30 ALA ALA D . n 
E 1 1  GLY 1  1  1  GLY GLY E . n 
E 1 2  ILE 2  2  2  ILE ILE E . n 
E 1 3  VAL 3  3  3  VAL VAL E . n 
E 1 4  GLU 4  4  4  GLU GLU E . n 
E 1 5  GLN 5  5  5  GLN GLN E . n 
E 1 6  CYS 6  6  6  CYS CYS E . n 
E 1 7  CYS 7  7  7  CYS CYS E . n 
E 1 8  THR 8  8  8  THR THR E . n 
E 1 9  SER 9  9  9  SER SER E . n 
E 1 10 ILE 10 10 10 ILE ILE E . n 
E 1 11 CYS 11 11 11 CYS CYS E . n 
E 1 12 SER 12 12 12 SER SER E . n 
E 1 13 LEU 13 13 13 LEU LEU E . n 
E 1 14 TYR 14 14 14 TYR TYR E . n 
E 1 15 GLN 15 15 15 GLN GLN E . n 
E 1 16 LEU 16 16 16 LEU LEU E . n 
E 1 17 GLU 17 17 17 GLU GLU E . n 
E 1 18 ASN 18 18 18 ASN ASN E . n 
E 1 19 TYR 19 19 19 TYR TYR E . n 
E 1 20 CYS 20 20 20 CYS CYS E . n 
E 1 21 ASN 21 21 21 ASN ASN E . n 
F 2 1  PHE 1  1  1  PHE PHE F . n 
F 2 2  VAL 2  2  2  VAL VAL F . n 
F 2 3  ASN 3  3  3  ASN ASN F . n 
F 2 4  GLN 4  4  4  GLN GLN F . n 
F 2 5  HIS 5  5  5  HIS HIS F . n 
F 2 6  LEU 6  6  6  LEU LEU F . n 
F 2 7  CYS 7  7  7  CYS CYS F . n 
F 2 8  GLY 8  8  8  GLY GLY F . n 
F 2 9  SER 9  9  9  SER SER F . n 
F 2 10 HIS 10 10 10 HIS HIS F . n 
F 2 11 LEU 11 11 11 LEU LEU F . n 
F 2 12 VAL 12 12 12 VAL VAL F . n 
F 2 13 GLU 13 13 13 GLU GLU F . n 
F 2 14 ALA 14 14 14 ALA ALA F . n 
F 2 15 LEU 15 15 15 LEU LEU F . n 
F 2 16 TYR 16 16 16 TYR TYR F . n 
F 2 17 LEU 17 17 17 LEU LEU F . n 
F 2 18 VAL 18 18 18 VAL VAL F . n 
F 2 19 CYS 19 19 19 CYS CYS F . n 
F 2 20 GLY 20 20 20 GLY GLY F . n 
F 2 21 GLU 21 21 21 GLU GLU F . n 
F 2 22 ARG 22 22 22 ARG ARG F . n 
F 2 23 GLY 23 23 23 GLY GLY F . n 
F 2 24 PHE 24 24 24 PHE PHE F . n 
F 2 25 PHE 25 25 25 PHE PHE F . n 
F 2 26 TYR 26 26 26 TYR TYR F . n 
F 2 27 THR 27 27 27 THR THR F . n 
F 2 28 PRO 28 28 28 PRO PRO F . n 
F 2 29 LYS 29 29 29 LYS LYS F . n 
F 2 30 ALA 30 30 30 ALA ALA F . n 
G 3 1  UNK 1  5  5  UNK UNK G . n 
G 3 2  UNK 2  6  6  UNK UNK G . n 
G 3 3  UNK 3  8  8  UNK UNK G . n 
G 3 4  UNK 4  11 11 UNK UNK G . n 
G 3 5  UNK 5  20 20 UNK UNK G . n 
G 3 6  UNK 6  21 21 UNK UNK G . n 
G 3 7  UNK 7  22 22 UNK UNK G . n 
G 3 8  UNK 8  23 23 UNK UNK G . n 
G 3 9  UNK 9  25 25 UNK UNK G . n 
G 3 10 UNK 10 27 27 UNK UNK G . n 
G 3 11 UNK 11 29 29 UNK UNK G . n 
G 3 12 UNK 12 33 33 UNK UNK G . n 
G 3 13 UNK 13 35 35 UNK UNK G . n 
G 3 14 UNK 14 39 39 UNK UNK G . n 
G 3 15 UNK 15 41 41 UNK UNK G . n 
G 3 16 UNK 16 43 43 UNK UNK G . n 
# 
loop_
_pdbx_nonpoly_scheme.asym_id 
_pdbx_nonpoly_scheme.entity_id 
_pdbx_nonpoly_scheme.mon_id 
_pdbx_nonpoly_scheme.ndb_seq_num 
_pdbx_nonpoly_scheme.pdb_seq_num 
_pdbx_nonpoly_scheme.auth_seq_num 
_pdbx_nonpoly_scheme.pdb_mon_id 
_pdbx_nonpoly_scheme.auth_mon_id 
_pdbx_nonpoly_scheme.pdb_strand_id 
_pdbx_nonpoly_scheme.pdb_ins_code 
H 4 CRS 1  22  3   CRS CRS A . 
I 4 CRS 1  22  2   CRS CRS C . 
J 5 ZN  1  31  22  ZN  ZN  D . 
K 6 UNL 1  45  45  UNL UNK D . 
L 6 UNL 1  47  47  UNL UNK D . 
M 4 CRS 1  22  1   CRS CRS E . 
N 7 HOH 1  23  12  HOH HOH A . 
N 7 HOH 2  24  19  HOH HOH A . 
N 7 HOH 3  25  20  HOH HOH A . 
N 7 HOH 4  26  55  HOH HOH A . 
N 7 HOH 5  27  84  HOH HOH A . 
N 7 HOH 6  28  110 HOH HOH A . 
N 7 HOH 7  29  111 HOH HOH A . 
N 7 HOH 8  30  117 HOH HOH A . 
N 7 HOH 9  31  118 HOH HOH A . 
N 7 HOH 10 32  119 HOH HOH A . 
N 7 HOH 11 33  120 HOH HOH A . 
N 7 HOH 12 34  121 HOH HOH A . 
N 7 HOH 13 35  144 HOH HOH A . 
N 7 HOH 14 36  152 HOH HOH A . 
N 7 HOH 15 37  161 HOH HOH A . 
N 7 HOH 16 38  162 HOH HOH A . 
N 7 HOH 17 39  171 HOH HOH A . 
O 7 HOH 1  31  1   HOH HOH B . 
O 7 HOH 2  32  16  HOH HOH B . 
O 7 HOH 3  33  31  HOH HOH B . 
O 7 HOH 4  34  54  HOH HOH B . 
O 7 HOH 5  35  57  HOH HOH B . 
O 7 HOH 6  36  113 HOH HOH B . 
O 7 HOH 7  37  114 HOH HOH B . 
O 7 HOH 8  38  116 HOH HOH B . 
O 7 HOH 9  39  122 HOH HOH B . 
O 7 HOH 10 40  124 HOH HOH B . 
O 7 HOH 11 41  128 HOH HOH B . 
O 7 HOH 12 42  129 HOH HOH B . 
O 7 HOH 13 43  130 HOH HOH B . 
O 7 HOH 14 44  131 HOH HOH B . 
O 7 HOH 15 45  133 HOH HOH B . 
O 7 HOH 16 46  134 HOH HOH B . 
O 7 HOH 17 47  141 HOH HOH B . 
O 7 HOH 18 48  163 HOH HOH B . 
O 7 HOH 19 49  165 HOH HOH B . 
P 7 HOH 1  23  5   HOH HOH C . 
P 7 HOH 2  24  8   HOH HOH C . 
P 7 HOH 3  25  14  HOH HOH C . 
P 7 HOH 4  26  70  HOH HOH C . 
P 7 HOH 5  27  76  HOH HOH C . 
Q 7 HOH 1  48  6   HOH HOH D . 
Q 7 HOH 2  49  32  HOH HOH D . 
Q 7 HOH 3  50  33  HOH HOH D . 
Q 7 HOH 4  51  46  HOH HOH D . 
Q 7 HOH 5  52  73  HOH HOH D . 
Q 7 HOH 6  53  74  HOH HOH D . 
Q 7 HOH 7  54  77  HOH HOH D . 
Q 7 HOH 8  55  78  HOH HOH D . 
Q 7 HOH 9  56  82  HOH HOH D . 
Q 7 HOH 10 57  89  HOH HOH D . 
Q 7 HOH 11 58  90  HOH HOH D . 
Q 7 HOH 12 59  91  HOH HOH D . 
Q 7 HOH 13 60  94  HOH HOH D . 
Q 7 HOH 14 61  95  HOH HOH D . 
Q 7 HOH 15 62  96  HOH HOH D . 
Q 7 HOH 16 63  98  HOH HOH D . 
Q 7 HOH 17 64  99  HOH HOH D . 
Q 7 HOH 18 65  103 HOH HOH D . 
Q 7 HOH 19 66  104 HOH HOH D . 
Q 7 HOH 20 67  105 HOH HOH D . 
Q 7 HOH 21 68  140 HOH HOH D . 
Q 7 HOH 22 69  142 HOH HOH D . 
Q 7 HOH 23 70  143 HOH HOH D . 
Q 7 HOH 24 71  148 HOH HOH D . 
Q 7 HOH 25 72  149 HOH HOH D . 
Q 7 HOH 26 73  150 HOH HOH D . 
Q 7 HOH 27 74  151 HOH HOH D . 
Q 7 HOH 28 75  154 HOH HOH D . 
Q 7 HOH 29 76  155 HOH HOH D . 
Q 7 HOH 30 77  169 HOH HOH D . 
Q 7 HOH 31 78  172 HOH HOH D . 
R 7 HOH 1  23  10  HOH HOH E . 
R 7 HOH 2  24  17  HOH HOH E . 
R 7 HOH 3  25  22  HOH HOH E . 
R 7 HOH 4  26  39  HOH HOH E . 
R 7 HOH 5  27  52  HOH HOH E . 
R 7 HOH 6  28  59  HOH HOH E . 
R 7 HOH 7  29  61  HOH HOH E . 
R 7 HOH 8  30  63  HOH HOH E . 
R 7 HOH 9  31  69  HOH HOH E . 
R 7 HOH 10 32  83  HOH HOH E . 
R 7 HOH 11 33  156 HOH HOH E . 
R 7 HOH 12 34  166 HOH HOH E . 
R 7 HOH 13 35  167 HOH HOH E . 
R 7 HOH 14 36  168 HOH HOH E . 
R 7 HOH 15 37  170 HOH HOH E . 
S 7 HOH 1  31  11  HOH HOH F . 
S 7 HOH 2  32  36  HOH HOH F . 
S 7 HOH 3  33  37  HOH HOH F . 
S 7 HOH 4  34  38  HOH HOH F . 
S 7 HOH 5  35  41  HOH HOH F . 
S 7 HOH 6  36  43  HOH HOH F . 
S 7 HOH 7  37  44  HOH HOH F . 
S 7 HOH 8  38  48  HOH HOH F . 
S 7 HOH 9  39  60  HOH HOH F . 
S 7 HOH 10 40  65  HOH HOH F . 
S 7 HOH 11 41  86  HOH HOH F . 
S 7 HOH 12 42  157 HOH HOH F . 
S 7 HOH 13 43  158 HOH HOH F . 
T 7 HOH 1  24  24  HOH HOH G . 
T 7 HOH 2  26  26  HOH HOH G . 
T 7 HOH 3  64  64  HOH HOH G . 
T 7 HOH 4  87  87  HOH HOH G . 
T 7 HOH 5  112 112 HOH HOH G . 
T 7 HOH 6  153 153 HOH HOH G . 
T 7 HOH 7  159 159 HOH HOH G . 
T 7 HOH 8  160 160 HOH HOH G . 
T 7 HOH 9  164 164 HOH HOH G . 
# 
loop_
_pdbx_unobs_or_zero_occ_atoms.id 
_pdbx_unobs_or_zero_occ_atoms.PDB_model_num 
_pdbx_unobs_or_zero_occ_atoms.polymer_flag 
_pdbx_unobs_or_zero_occ_atoms.occupancy_flag 
_pdbx_unobs_or_zero_occ_atoms.auth_asym_id 
_pdbx_unobs_or_zero_occ_atoms.auth_comp_id 
_pdbx_unobs_or_zero_occ_atoms.auth_seq_id 
_pdbx_unobs_or_zero_occ_atoms.PDB_ins_code 
_pdbx_unobs_or_zero_occ_atoms.auth_atom_id 
_pdbx_unobs_or_zero_occ_atoms.label_alt_id 
_pdbx_unobs_or_zero_occ_atoms.label_asym_id 
_pdbx_unobs_or_zero_occ_atoms.label_comp_id 
_pdbx_unobs_or_zero_occ_atoms.label_seq_id 
_pdbx_unobs_or_zero_occ_atoms.label_atom_id 
1  1 Y 0 A ILE 10 ? CG1 ? A ILE 10 CG1 
2  1 Y 0 A ILE 10 ? CG2 ? A ILE 10 CG2 
3  1 Y 0 A ILE 10 ? CD1 ? A ILE 10 CD1 
4  1 Y 0 D LYS 29 ? CG  ? D LYS 29 CG  
5  1 Y 0 D LYS 29 ? CD  ? D LYS 29 CD  
6  1 Y 0 D LYS 29 ? CE  ? D LYS 29 CE  
7  1 Y 0 D LYS 29 ? NZ  ? D LYS 29 NZ  
8  1 Y 0 G UNK 8  ? N   ? G UNK 3  N   
9  1 Y 0 G UNK 29 ? C   ? G UNK 11 C   
10 1 Y 0 G UNK 29 ? O   ? G UNK 11 O   
11 1 Y 0 G UNK 35 ? N   ? G UNK 13 N   
12 1 Y 0 G UNK 41 ? N   ? G UNK 15 N   
13 1 Y 0 G UNK 41 ? CA  ? G UNK 15 CA  
14 1 Y 0 G UNK 41 ? C   ? G UNK 15 C   
15 1 Y 0 G UNK 41 ? O   ? G UNK 15 O   
16 1 Y 0 G UNK 41 ? CB  ? G UNK 15 CB  
17 1 Y 0 G UNK 43 ? CA  ? G UNK 16 CA  
18 1 Y 0 G UNK 43 ? C   ? G UNK 16 C   
19 1 Y 0 G UNK 43 ? O   ? G UNK 16 O   
20 1 Y 0 G UNK 43 ? CB  ? G UNK 16 CB  
21 1 Y 0 G UNK 43 ? CG  ? G UNK 16 CG  
22 1 Y 0 G UNK 43 ? CD  ? G UNK 16 CD  
23 1 N 1 C CRS 22 ? C7  ? I CRS 1  C7  
24 1 N 1 E CRS 22 ? C7  ? M CRS 1  C7  
# 
_software.name             PROLSQ 
_software.classification   refinement 
_software.version          . 
_software.citation_id      ? 
_software.pdbx_ordinal     1 
# 
_cell.entry_id           7INS 
_cell.length_a           62.900 
_cell.length_b           62.900 
_cell.length_c           85.900 
_cell.angle_alpha        90.00 
_cell.angle_beta         90.00 
_cell.angle_gamma        90.00 
_cell.Z_PDB              24 
_cell.pdbx_unique_axis   ? 
# 
_symmetry.entry_id                         7INS 
_symmetry.space_group_name_H-M             'P 43 21 2' 
_symmetry.pdbx_full_space_group_name_H-M   ? 
_symmetry.cell_setting                     ? 
_symmetry.Int_Tables_number                96 
# 
_exptl.entry_id          7INS 
_exptl.method            'X-RAY DIFFRACTION' 
_exptl.crystals_number   ? 
# 
_exptl_crystal.id                    1 
_exptl_crystal.density_meas          ? 
_exptl_crystal.density_Matthews      2.27 
_exptl_crystal.density_percent_sol   45.72 
_exptl_crystal.description           ? 
# 
_refine.entry_id                                 7INS 
_refine.ls_number_reflns_obs                     ? 
_refine.ls_number_reflns_all                     ? 
_refine.pdbx_ls_sigma_I                          ? 
_refine.pdbx_ls_sigma_F                          ? 
_refine.pdbx_data_cutoff_high_absF               ? 
_refine.pdbx_data_cutoff_low_absF                ? 
_refine.pdbx_data_cutoff_high_rms_absF           ? 
_refine.ls_d_res_low                             ? 
_refine.ls_d_res_high                            2.0 
_refine.ls_percent_reflns_obs                    ? 
_refine.ls_R_factor_obs                          0.194 
_refine.ls_R_factor_all                          ? 
_refine.ls_R_factor_R_work                       ? 
_refine.ls_R_factor_R_free                       ? 
_refine.ls_R_factor_R_free_error                 ? 
_refine.ls_R_factor_R_free_error_details         ? 
_refine.ls_percent_reflns_R_free                 ? 
_refine.ls_number_reflns_R_free                  ? 
_refine.ls_number_parameters                     ? 
_refine.ls_number_restraints                     ? 
_refine.occupancy_min                            ? 
_refine.occupancy_max                            ? 
_refine.B_iso_mean                               ? 
_refine.aniso_B[1][1]                            ? 
_refine.aniso_B[2][2]                            ? 
_refine.aniso_B[3][3]                            ? 
_refine.aniso_B[1][2]                            ? 
_refine.aniso_B[1][3]                            ? 
_refine.aniso_B[2][3]                            ? 
_refine.solvent_model_details                    ? 
_refine.solvent_model_param_ksol                 ? 
_refine.solvent_model_param_bsol                 ? 
_refine.pdbx_ls_cross_valid_method               ? 
_refine.details                                  
;CHAIN *G* IS THE GENERAL PROTAMINE CHAIN.  THE PROTAMINE
RESIDUES HAVE BEEN SELECTED TO FIT THE ELECTRON DENSITY
WITHOUT ANY REFERENCE TO THE SEQUENCE OR CONTINUITY OF THE
CLUPEINE Z.  FOR THIS REASON SOME ATOMS HAVE ZERO
OCCUPANCY.  THE SEQRES RECORDS FOR CHAIN *G* PRESENT THE
ACTUAL SEQUENCE OF CLUPEINE Z.  THE ATOM RECORDS FOR CHAIN
*G* HAVE BEEN PRESENTED WITH RESIDUE NAME *UNK*.

THE FOLLOWING PROTAMINE RESIDUES BELONG (LOOSELY)
TOGETHER: ASSOCIATED WITH THE DIMER-DIMER INTERFACE G41,
G 25, G 5, G 6, G 43;  ASSOCIATED WITH THE TOP OF THE
CENTRAL CAVITY G 8, G 21 - G 23, G 33.  G 35 CA, C, O HAVE
BEEN FITTED INTO DENSITY FOR THE UNIDENTIFIED ZINC LIGAND,
NOTE THE OCCUPANCY FOR THE OTHER ATOMS OF G 35 IS ZERO.

THERE IS AN APPROXIMATE THREEFOLD AXIS THROUGH (26.72,
26.72, 0) WITH DIRECTION COSINES (0.543, -0.543, 0.640).
;
_refine.pdbx_starting_model                      ? 
_refine.pdbx_method_to_determine_struct          ? 
_refine.pdbx_isotropic_thermal_model             ? 
_refine.pdbx_stereochemistry_target_values       ? 
_refine.pdbx_stereochem_target_val_spec_case     ? 
_refine.pdbx_R_Free_selection_details            ? 
_refine.pdbx_overall_ESU_R                       ? 
_refine.pdbx_overall_ESU_R_Free                  ? 
_refine.overall_SU_ML                            ? 
_refine.overall_SU_B                             ? 
_refine.pdbx_refine_id                           'X-RAY DIFFRACTION' 
_refine.pdbx_diffrn_id                           1 
_refine.pdbx_TLS_residual_ADP_flag               ? 
_refine.correlation_coeff_Fo_to_Fc               ? 
_refine.correlation_coeff_Fo_to_Fc_free          ? 
_refine.pdbx_solvent_vdw_probe_radii             ? 
_refine.pdbx_solvent_ion_probe_radii             ? 
_refine.pdbx_solvent_shrinkage_radii             ? 
_refine.pdbx_overall_phase_error                 ? 
_refine.overall_SU_R_Cruickshank_DPI             ? 
_refine.pdbx_overall_SU_R_free_Cruickshank_DPI   ? 
_refine.pdbx_overall_SU_R_Blow_DPI               ? 
_refine.pdbx_overall_SU_R_free_Blow_DPI          ? 
# 
_refine_hist.pdbx_refine_id                   'X-RAY DIFFRACTION' 
_refine_hist.cycle_id                         LAST 
_refine_hist.pdbx_number_atoms_protein        1343 
_refine_hist.pdbx_number_atoms_nucleic_acid   0 
_refine_hist.pdbx_number_atoms_ligand         40 
_refine_hist.number_atoms_solvent             109 
_refine_hist.number_atoms_total               1492 
_refine_hist.d_res_high                       2.0 
_refine_hist.d_res_low                        . 
# 
_struct.entry_id                  7INS 
_struct.title                     'STRUCTURE OF PORCINE INSULIN COCRYSTALLIZED WITH CLUPEINE Z' 
_struct.pdbx_model_details        ? 
_struct.pdbx_CASP_flag            ? 
_struct.pdbx_model_type_details   ? 
# 
_struct_keywords.entry_id        7INS 
_struct_keywords.pdbx_keywords   HORMONE 
_struct_keywords.text            HORMONE 
# 
loop_
_struct_asym.id 
_struct_asym.pdbx_blank_PDB_chainid_flag 
_struct_asym.pdbx_modified 
_struct_asym.entity_id 
_struct_asym.details 
A N N 1 ? 
B N N 2 ? 
C N N 1 ? 
D N N 2 ? 
E N N 1 ? 
F N N 2 ? 
G N N 3 ? 
H N N 4 ? 
I N N 4 ? 
J N N 5 ? 
K N N 6 ? 
L N N 6 ? 
M N N 4 ? 
N N N 7 ? 
O N N 7 ? 
P N N 7 ? 
Q N N 7 ? 
R N N 7 ? 
S N N 7 ? 
T N N 7 ? 
# 
loop_
_struct_ref.id 
_struct_ref.db_name 
_struct_ref.db_code 
_struct_ref.pdbx_db_accession 
_struct_ref.entity_id 
_struct_ref.pdbx_align_begin 
_struct_ref.pdbx_db_isoform 
_struct_ref.pdbx_seq_one_letter_code 
1 UNP INS_PIG P01315 1 88 ? ? 
2 UNP INS_PIG P01315 2 25 ? ? 
3 PDB 7INS    7INS   3 ?  ? ? 
# 
loop_
_struct_ref_seq.align_id 
_struct_ref_seq.ref_id 
_struct_ref_seq.pdbx_PDB_id_code 
_struct_ref_seq.pdbx_strand_id 
_struct_ref_seq.seq_align_beg 
_struct_ref_seq.pdbx_seq_align_beg_ins_code 
_struct_ref_seq.seq_align_end 
_struct_ref_seq.pdbx_seq_align_end_ins_code 
_struct_ref_seq.pdbx_db_accession 
_struct_ref_seq.db_align_beg 
_struct_ref_seq.pdbx_db_align_beg_ins_code 
_struct_ref_seq.db_align_end 
_struct_ref_seq.pdbx_db_align_end_ins_code 
_struct_ref_seq.pdbx_auth_seq_align_beg 
_struct_ref_seq.pdbx_auth_seq_align_end 
1 1 7INS A 1 ? 21 ? P01315 88 ? 108 ? 1 21 
2 2 7INS B 1 ? 30 ? P01315 25 ? 54  ? 1 30 
3 1 7INS C 1 ? 21 ? P01315 88 ? 108 ? 1 21 
4 2 7INS D 1 ? 30 ? P01315 25 ? 54  ? 1 30 
5 1 7INS E 1 ? 21 ? P01315 88 ? 108 ? 1 21 
6 2 7INS F 1 ? 30 ? P01315 25 ? 54  ? 1 30 
7 3 7INS G 1 ? 16 ? 7INS   5  ? 43  ? 5 43 
# 
loop_
_pdbx_struct_assembly.id 
_pdbx_struct_assembly.details 
_pdbx_struct_assembly.method_details 
_pdbx_struct_assembly.oligomeric_details 
_pdbx_struct_assembly.oligomeric_count 
1  author_defined_assembly              ?    trimeric       3  
2  author_and_software_defined_assembly PISA dimeric        2  
3  author_and_software_defined_assembly PISA dimeric        2  
4  software_defined_assembly            PISA tetradecameric 14 
5  software_defined_assembly            PISA heptameric     7  
6  software_defined_assembly            PISA decameric      10 
7  software_defined_assembly            PISA tetrameric     4  
8  software_defined_assembly            PISA octameric      8  
9  software_defined_assembly            PISA tetrameric     4  
10 software_defined_assembly            PISA tetrameric     4  
11 software_defined_assembly            PISA tetrameric     4  
12 software_defined_assembly            PISA dimeric        2  
# 
loop_
_pdbx_struct_assembly_prop.biol_id 
_pdbx_struct_assembly_prop.type 
_pdbx_struct_assembly_prop.value 
_pdbx_struct_assembly_prop.details 
2  'ABSA (A^2)' 1180  ? 
2  MORE         -11   ? 
2  'SSA (A^2)'  4270  ? 
3  'ABSA (A^2)' 1150  ? 
3  MORE         -11   ? 
3  'SSA (A^2)'  4380  ? 
4  'ABSA (A^2)' 27400 ? 
4  MORE         -220  ? 
4  'SSA (A^2)'  11820 ? 
5  'ABSA (A^2)' 8680  ? 
5  MORE         -95   ? 
5  'SSA (A^2)'  10940 ? 
6  'ABSA (A^2)' 9260  ? 
6  MORE         -77   ? 
6  'SSA (A^2)'  19570 ? 
7  'ABSA (A^2)' 3540  ? 
7  MORE         -31   ? 
7  'SSA (A^2)'  6850  ? 
8  'ABSA (A^2)' 14350 ? 
8  MORE         -130  ? 
8  'SSA (A^2)'  12250 ? 
9  'ABSA (A^2)' 3940  ? 
9  MORE         -30   ? 
9  'SSA (A^2)'  7050  ? 
10 'ABSA (A^2)' 3370  ? 
10 MORE         -50   ? 
10 'SSA (A^2)'  9930  ? 
11 'ABSA (A^2)' 3580  ? 
11 MORE         -22   ? 
11 'SSA (A^2)'  7320  ? 
12 'ABSA (A^2)' 1070  ? 
12 MORE         -10   ? 
12 'SSA (A^2)'  4130  ? 
# 
loop_
_pdbx_struct_assembly_gen.assembly_id 
_pdbx_struct_assembly_gen.oper_expression 
_pdbx_struct_assembly_gen.asym_id_list 
1  1   A,B,G,H,N,O,T                           
2  1   C,D,I,J,K,L,P,Q                         
3  1   E,F,M,R,S                               
4  1,2 A,B,C,D,E,F,G,H,I,J,K,L,M,N,O,P,Q,R,S,T 
5  1   A,B,C,D,E,F,G,H,I,J,K,L,M,N,O,P,Q,R,S,T 
6  3,4 G,T                                     
6  1,5 C,D,I,J,K,L,P,Q                         
6  6,2 E,F,M,R,S                               
7  1,2 A,B,H,N,O                               
8  1,2 B,D,F,G,J,K,L,O,Q,S,T                   
9  1   C,D,I,J,K,L,P,Q                         
9  2   E,F,M,R,S                               
10 1   B,D,F,G,J,K,L,O,Q,S,T                   
11 1,2 C,D,I,J,K,L,P,Q                         
12 1   A,B,H,N,O                               
# 
loop_
_pdbx_struct_oper_list.id 
_pdbx_struct_oper_list.type 
_pdbx_struct_oper_list.name 
_pdbx_struct_oper_list.symmetry_operation 
_pdbx_struct_oper_list.matrix[1][1] 
_pdbx_struct_oper_list.matrix[1][2] 
_pdbx_struct_oper_list.matrix[1][3] 
_pdbx_struct_oper_list.vector[1] 
_pdbx_struct_oper_list.matrix[2][1] 
_pdbx_struct_oper_list.matrix[2][2] 
_pdbx_struct_oper_list.matrix[2][3] 
_pdbx_struct_oper_list.vector[2] 
_pdbx_struct_oper_list.matrix[3][1] 
_pdbx_struct_oper_list.matrix[3][2] 
_pdbx_struct_oper_list.matrix[3][3] 
_pdbx_struct_oper_list.vector[3] 
1 'identity operation'         1_555 x,y,z               1.0000000000  0.0000000000  0.0000000000  0.0000000000   0.0000000000  1.0000000000  0.0000000000  0.0000000000   0.0000000000  0.0000000000  1.0000000000  0.0000000000   
2 'crystal symmetry operation' 7_555 y,x,-z              -0.6858964578 0.1783982121  0.7054928257  9.7236410239   0.1783982121  -0.8986769717 0.4006916251  -10.0657217725 0.7054928257  0.4006916251  0.5845734295  -1.7838924437  
3 'crystal symmetry operation' 4_455 y-1/2,-x+1/2,z+1/4  0.0004668255  -0.2570348536 -0.9664020209 -7.2130551399  0.2150540257  0.9438161970  -0.2509237979 10.2376089726  0.9766020418  -0.2077115075 0.0557169775  -48.1828582140 
4 'crystal symmetry operation' 6_455 x-1/2,-y+1/2,-z+1/4 -0.7279644448 -0.1561546115 -0.6675953148 -2.8973173108  -0.1561546115 -0.9103636924 0.3832149330  3.2761469434   -0.6675953148 0.3832149330  0.6383281372  -36.6953573883 
5 'crystal symmetry operation' 8_555 -y,-x,-z+1/2        0.6849628067  -0.1364173842 -0.7156928466 -31.0441819321 -0.1364173842 -0.9889554223 0.0579436802  15.2085918615  -0.7156928466 0.0579436802  -0.6960073845 -75.9865192173 
6 'crystal symmetry operation' 2_555 -x,-y,z+1/2         -0.9990663490 -0.0419808279 0.0102000209  -21.7339909889 -0.0419808279 0.8876323940  -0.4586353053 23.7333030202  0.0102000209  -0.4586353053 -0.8885660450 -82.2873021904 
# 
loop_
_struct_biol.id 
1 
2 
3 
# 
loop_
_struct_conf.conf_type_id 
_struct_conf.id 
_struct_conf.pdbx_PDB_helix_id 
_struct_conf.beg_label_comp_id 
_struct_conf.beg_label_asym_id 
_struct_conf.beg_label_seq_id 
_struct_conf.pdbx_beg_PDB_ins_code 
_struct_conf.end_label_comp_id 
_struct_conf.end_label_asym_id 
_struct_conf.end_label_seq_id 
_struct_conf.pdbx_end_PDB_ins_code 
_struct_conf.beg_auth_comp_id 
_struct_conf.beg_auth_asym_id 
_struct_conf.beg_auth_seq_id 
_struct_conf.end_auth_comp_id 
_struct_conf.end_auth_asym_id 
_struct_conf.end_auth_seq_id 
_struct_conf.pdbx_PDB_helix_class 
_struct_conf.details 
_struct_conf.pdbx_PDB_helix_length 
HELX_P HELX_P1  1  GLY A 1  ? THR A 8  ? GLY A 1  THR A 8  1 ? 8  
HELX_P HELX_P2  2  SER A 12 ? GLU A 17 ? SER A 12 GLU A 17 1 ? 6  
HELX_P HELX_P3  3  PHE B 1  ? GLY B 20 ? PHE B 1  GLY B 20 1 ? 20 
HELX_P HELX_P4  4  GLU B 21 ? GLY B 23 ? GLU B 21 GLY B 23 5 ? 3  
HELX_P HELX_P5  5  GLY C 1  ? CYS C 7  ? GLY C 1  CYS C 7  1 ? 7  
HELX_P HELX_P6  6  SER C 12 ? ASN C 18 ? SER C 12 ASN C 18 1 ? 7  
HELX_P HELX_P7  7  PHE D 1  ? GLY D 20 ? PHE D 1  GLY D 20 1 ? 20 
HELX_P HELX_P8  8  GLU D 21 ? GLY D 23 ? GLU D 21 GLY D 23 5 ? 3  
HELX_P HELX_P9  9  GLY E 1  ? CYS E 7  ? GLY E 1  CYS E 7  1 ? 7  
HELX_P HELX_P10 10 SER E 12 ? GLU E 17 ? SER E 12 GLU E 17 1 ? 6  
HELX_P HELX_P11 11 PHE F 1  ? GLY F 20 ? PHE F 1  GLY F 20 1 ? 20 
HELX_P HELX_P12 12 GLU F 21 ? GLY F 23 ? GLU F 21 GLY F 23 5 ? 3  
# 
_struct_conf_type.id          HELX_P 
_struct_conf_type.criteria    ? 
_struct_conf_type.reference   ? 
# 
loop_
_struct_conn.id 
_struct_conn.conn_type_id 
_struct_conn.pdbx_leaving_atom_flag 
_struct_conn.pdbx_PDB_id 
_struct_conn.ptnr1_label_asym_id 
_struct_conn.ptnr1_label_comp_id 
_struct_conn.ptnr1_label_seq_id 
_struct_conn.ptnr1_label_atom_id 
_struct_conn.pdbx_ptnr1_label_alt_id 
_struct_conn.pdbx_ptnr1_PDB_ins_code 
_struct_conn.pdbx_ptnr1_standard_comp_id 
_struct_conn.ptnr1_symmetry 
_struct_conn.ptnr2_label_asym_id 
_struct_conn.ptnr2_label_comp_id 
_struct_conn.ptnr2_label_seq_id 
_struct_conn.ptnr2_label_atom_id 
_struct_conn.pdbx_ptnr2_label_alt_id 
_struct_conn.pdbx_ptnr2_PDB_ins_code 
_struct_conn.ptnr1_auth_asym_id 
_struct_conn.ptnr1_auth_comp_id 
_struct_conn.ptnr1_auth_seq_id 
_struct_conn.ptnr2_auth_asym_id 
_struct_conn.ptnr2_auth_comp_id 
_struct_conn.ptnr2_auth_seq_id 
_struct_conn.ptnr2_symmetry 
_struct_conn.pdbx_ptnr3_label_atom_id 
_struct_conn.pdbx_ptnr3_label_seq_id 
_struct_conn.pdbx_ptnr3_label_comp_id 
_struct_conn.pdbx_ptnr3_label_asym_id 
_struct_conn.pdbx_ptnr3_label_alt_id 
_struct_conn.pdbx_ptnr3_PDB_ins_code 
_struct_conn.details 
_struct_conn.pdbx_dist_value 
_struct_conn.pdbx_value_order 
_struct_conn.pdbx_role 
disulf1 disulf ? ? A CYS 6  SG  ? ? ? 1_555 A CYS 11 SG  ? ? A CYS 6  A CYS 11 1_555 ? ? ? ? ? ? ? 1.910 ? ? 
disulf2 disulf ? ? A CYS 7  SG  ? ? ? 1_555 B CYS 7  SG  ? ? A CYS 7  B CYS 7  1_555 ? ? ? ? ? ? ? 1.982 ? ? 
disulf3 disulf ? ? A CYS 20 SG  ? ? ? 1_555 B CYS 19 SG  ? ? A CYS 20 B CYS 19 1_555 ? ? ? ? ? ? ? 2.049 ? ? 
disulf4 disulf ? ? C CYS 6  SG  ? ? ? 1_555 C CYS 11 SG  ? ? C CYS 6  C CYS 11 1_555 ? ? ? ? ? ? ? 1.902 ? ? 
disulf5 disulf ? ? C CYS 7  SG  ? ? ? 1_555 D CYS 7  SG  ? ? C CYS 7  D CYS 7  1_555 ? ? ? ? ? ? ? 2.010 ? ? 
disulf6 disulf ? ? C CYS 20 SG  ? ? ? 1_555 D CYS 19 SG  ? ? C CYS 20 D CYS 19 1_555 ? ? ? ? ? ? ? 1.999 ? ? 
disulf7 disulf ? ? E CYS 6  SG  ? ? ? 1_555 E CYS 11 SG  ? ? E CYS 6  E CYS 11 1_555 ? ? ? ? ? ? ? 1.999 ? ? 
disulf8 disulf ? ? E CYS 7  SG  ? ? ? 1_555 F CYS 7  SG  ? ? E CYS 7  F CYS 7  1_555 ? ? ? ? ? ? ? 1.960 ? ? 
disulf9 disulf ? ? E CYS 20 SG  ? ? ? 1_555 F CYS 19 SG  ? ? E CYS 20 F CYS 19 1_555 ? ? ? ? ? ? ? 1.983 ? ? 
metalc1 metalc ? ? B HIS 10 NE2 ? ? ? 1_555 J ZN  .  ZN  ? ? B HIS 10 D ZN  31 1_555 ? ? ? ? ? ? ? 1.964 ? ? 
metalc2 metalc ? ? J ZN  .  ZN  ? ? ? 1_555 F HIS 10 NE2 ? ? D ZN  31 F HIS 10 1_555 ? ? ? ? ? ? ? 2.183 ? ? 
metalc3 metalc ? ? J ZN  .  ZN  ? ? ? 1_555 G UNK 13 O   ? ? D ZN  31 G UNK 35 1_555 ? ? ? ? ? ? ? 2.159 ? ? 
# 
loop_
_struct_conn_type.id 
_struct_conn_type.criteria 
_struct_conn_type.reference 
disulf ? ? 
metalc ? ? 
# 
loop_
_pdbx_struct_conn_angle.id 
_pdbx_struct_conn_angle.ptnr1_label_atom_id 
_pdbx_struct_conn_angle.ptnr1_label_alt_id 
_pdbx_struct_conn_angle.ptnr1_label_asym_id 
_pdbx_struct_conn_angle.ptnr1_label_comp_id 
_pdbx_struct_conn_angle.ptnr1_label_seq_id 
_pdbx_struct_conn_angle.ptnr1_auth_atom_id 
_pdbx_struct_conn_angle.ptnr1_auth_asym_id 
_pdbx_struct_conn_angle.ptnr1_auth_comp_id 
_pdbx_struct_conn_angle.ptnr1_auth_seq_id 
_pdbx_struct_conn_angle.ptnr1_PDB_ins_code 
_pdbx_struct_conn_angle.ptnr1_symmetry 
_pdbx_struct_conn_angle.ptnr2_label_atom_id 
_pdbx_struct_conn_angle.ptnr2_label_alt_id 
_pdbx_struct_conn_angle.ptnr2_label_asym_id 
_pdbx_struct_conn_angle.ptnr2_label_comp_id 
_pdbx_struct_conn_angle.ptnr2_label_seq_id 
_pdbx_struct_conn_angle.ptnr2_auth_atom_id 
_pdbx_struct_conn_angle.ptnr2_auth_asym_id 
_pdbx_struct_conn_angle.ptnr2_auth_comp_id 
_pdbx_struct_conn_angle.ptnr2_auth_seq_id 
_pdbx_struct_conn_angle.ptnr2_PDB_ins_code 
_pdbx_struct_conn_angle.ptnr2_symmetry 
_pdbx_struct_conn_angle.ptnr3_label_atom_id 
_pdbx_struct_conn_angle.ptnr3_label_alt_id 
_pdbx_struct_conn_angle.ptnr3_label_asym_id 
_pdbx_struct_conn_angle.ptnr3_label_comp_id 
_pdbx_struct_conn_angle.ptnr3_label_seq_id 
_pdbx_struct_conn_angle.ptnr3_auth_atom_id 
_pdbx_struct_conn_angle.ptnr3_auth_asym_id 
_pdbx_struct_conn_angle.ptnr3_auth_comp_id 
_pdbx_struct_conn_angle.ptnr3_auth_seq_id 
_pdbx_struct_conn_angle.ptnr3_PDB_ins_code 
_pdbx_struct_conn_angle.ptnr3_symmetry 
_pdbx_struct_conn_angle.value 
_pdbx_struct_conn_angle.value_esd 
1 NE2 ? B HIS 10 ? B HIS 10 ? 1_555 ZN ? J ZN . ? D ZN 31 ? 1_555 NE2 ? F HIS 10 ? F HIS 10 ? 1_555 117.7 ? 
2 NE2 ? B HIS 10 ? B HIS 10 ? 1_555 ZN ? J ZN . ? D ZN 31 ? 1_555 O   ? G UNK 13 ? G UNK 35 ? 1_555 116.0 ? 
3 NE2 ? F HIS 10 ? F HIS 10 ? 1_555 ZN ? J ZN . ? D ZN 31 ? 1_555 O   ? G UNK 13 ? G UNK 35 ? 1_555 105.8 ? 
# 
loop_
_pdbx_modification_feature.ordinal 
_pdbx_modification_feature.label_comp_id 
_pdbx_modification_feature.label_asym_id 
_pdbx_modification_feature.label_seq_id 
_pdbx_modification_feature.label_alt_id 
_pdbx_modification_feature.modified_residue_label_comp_id 
_pdbx_modification_feature.modified_residue_label_asym_id 
_pdbx_modification_feature.modified_residue_label_seq_id 
_pdbx_modification_feature.modified_residue_label_alt_id 
_pdbx_modification_feature.auth_comp_id 
_pdbx_modification_feature.auth_asym_id 
_pdbx_modification_feature.auth_seq_id 
_pdbx_modification_feature.PDB_ins_code 
_pdbx_modification_feature.symmetry 
_pdbx_modification_feature.modified_residue_auth_comp_id 
_pdbx_modification_feature.modified_residue_auth_asym_id 
_pdbx_modification_feature.modified_residue_auth_seq_id 
_pdbx_modification_feature.modified_residue_PDB_ins_code 
_pdbx_modification_feature.modified_residue_symmetry 
_pdbx_modification_feature.comp_id_linking_atom 
_pdbx_modification_feature.modified_residue_id_linking_atom 
_pdbx_modification_feature.modified_residue_id 
_pdbx_modification_feature.ref_pcm_id 
_pdbx_modification_feature.ref_comp_id 
_pdbx_modification_feature.type 
_pdbx_modification_feature.category 
1 CYS A 6  ? CYS A 11 ? CYS A 6  ? 1_555 CYS A 11 ? 1_555 SG SG . . . None 'Disulfide bridge' 
2 CYS A 7  ? CYS B 7  ? CYS A 7  ? 1_555 CYS B 7  ? 1_555 SG SG . . . None 'Disulfide bridge' 
3 CYS A 20 ? CYS B 19 ? CYS A 20 ? 1_555 CYS B 19 ? 1_555 SG SG . . . None 'Disulfide bridge' 
4 CYS C 6  ? CYS C 11 ? CYS C 6  ? 1_555 CYS C 11 ? 1_555 SG SG . . . None 'Disulfide bridge' 
5 CYS C 7  ? CYS D 7  ? CYS C 7  ? 1_555 CYS D 7  ? 1_555 SG SG . . . None 'Disulfide bridge' 
6 CYS C 20 ? CYS D 19 ? CYS C 20 ? 1_555 CYS D 19 ? 1_555 SG SG . . . None 'Disulfide bridge' 
7 CYS E 6  ? CYS E 11 ? CYS E 6  ? 1_555 CYS E 11 ? 1_555 SG SG . . . None 'Disulfide bridge' 
8 CYS E 7  ? CYS F 7  ? CYS E 7  ? 1_555 CYS F 7  ? 1_555 SG SG . . . None 'Disulfide bridge' 
9 CYS E 20 ? CYS F 19 ? CYS E 20 ? 1_555 CYS F 19 ? 1_555 SG SG . . . None 'Disulfide bridge' 
# 
loop_
_struct_site.id 
_struct_site.pdbx_evidence_code 
_struct_site.pdbx_auth_asym_id 
_struct_site.pdbx_auth_comp_id 
_struct_site.pdbx_auth_seq_id 
_struct_site.pdbx_auth_ins_code 
_struct_site.pdbx_num_residues 
_struct_site.details 
MCR Unknown  ? ?   ?  ? 4 
;M-CRESOL BINDING SITE. OH BINDS ON EACH MONOMER TO OA6 AND NHA11 VIA HYDROGEN BOND. IT IS BOUNDED BY B10 OF SAME MONOMER AND B5 OF A DIFFERENT ONE WITHIN THE SAME TRIMER.
;
AC1 Software D ZN  31 ? 4 'BINDING SITE FOR RESIDUE ZN D 31' 
AC2 Software E CRS 22 ? 5 'BINDING SITE FOR RESIDUE CRS E 22' 
AC3 Software C CRS 22 ? 6 'BINDING SITE FOR RESIDUE CRS C 22' 
AC4 Software A CRS 22 ? 8 'BINDING SITE FOR RESIDUE CRS A 22' 
# 
loop_
_struct_site_gen.id 
_struct_site_gen.site_id 
_struct_site_gen.pdbx_num_res 
_struct_site_gen.label_comp_id 
_struct_site_gen.label_asym_id 
_struct_site_gen.label_seq_id 
_struct_site_gen.pdbx_auth_ins_code 
_struct_site_gen.auth_comp_id 
_struct_site_gen.auth_asym_id 
_struct_site_gen.auth_seq_id 
_struct_site_gen.label_atom_id 
_struct_site_gen.label_alt_id 
_struct_site_gen.symmetry 
_struct_site_gen.details 
1  MCR 4 HIS B 5  ? HIS B 5  . ? 1_555 ? 
2  MCR 4 CYS A 6  ? CYS A 6  . ? 1_555 ? 
3  MCR 4 CYS A 11 ? CYS A 11 . ? 1_555 ? 
4  MCR 4 HIS B 10 ? HIS B 10 . ? 1_555 ? 
5  AC1 4 HIS B 10 ? HIS B 10 . ? 1_555 ? 
6  AC1 4 HIS D 10 ? HIS D 10 . ? 1_555 ? 
7  AC1 4 HIS F 10 ? HIS F 10 . ? 1_555 ? 
8  AC1 4 UNK G 13 ? UNK G 35 . ? 1_555 ? 
9  AC2 5 CYS E 6  ? CYS E 6  . ? 1_555 ? 
10 AC2 5 ILE E 10 ? ILE E 10 . ? 1_555 ? 
11 AC2 5 CYS E 11 ? CYS E 11 . ? 1_555 ? 
12 AC2 5 LEU F 11 ? LEU F 11 . ? 1_555 ? 
13 AC2 5 UNK G 14 ? UNK G 39 . ? 1_555 ? 
14 AC3 6 CYS C 6  ? CYS C 6  . ? 1_555 ? 
15 AC3 6 ILE C 10 ? ILE C 10 . ? 1_555 ? 
16 AC3 6 CYS C 11 ? CYS C 11 . ? 1_555 ? 
17 AC3 6 LEU C 16 ? LEU C 16 . ? 1_555 ? 
18 AC3 6 LEU D 11 ? LEU D 11 . ? 1_555 ? 
19 AC3 6 ALA D 14 ? ALA D 14 . ? 1_555 ? 
20 AC4 8 CYS A 6  ? CYS A 6  . ? 1_555 ? 
21 AC4 8 ILE A 10 ? ILE A 10 . ? 1_555 ? 
22 AC4 8 CYS A 11 ? CYS A 11 . ? 1_555 ? 
23 AC4 8 CYS B 7  ? CYS B 7  . ? 1_555 ? 
24 AC4 8 LEU B 11 ? LEU B 11 . ? 1_555 ? 
25 AC4 8 ALA B 14 ? ALA B 14 . ? 1_555 ? 
26 AC4 8 VAL D 2  ? VAL D 2  . ? 1_555 ? 
27 AC4 8 HIS D 5  ? HIS D 5  . ? 1_555 ? 
# 
_pdbx_entry_details.entry_id                   7INS 
_pdbx_entry_details.compound_details           ? 
_pdbx_entry_details.source_details             ? 
_pdbx_entry_details.nonpolymer_details         ? 
_pdbx_entry_details.sequence_details           ? 
_pdbx_entry_details.has_ligand_of_interest     ? 
_pdbx_entry_details.has_protein_modification   Y 
# 
loop_
_pdbx_validate_close_contact.id 
_pdbx_validate_close_contact.PDB_model_num 
_pdbx_validate_close_contact.auth_atom_id_1 
_pdbx_validate_close_contact.auth_asym_id_1 
_pdbx_validate_close_contact.auth_comp_id_1 
_pdbx_validate_close_contact.auth_seq_id_1 
_pdbx_validate_close_contact.PDB_ins_code_1 
_pdbx_validate_close_contact.label_alt_id_1 
_pdbx_validate_close_contact.auth_atom_id_2 
_pdbx_validate_close_contact.auth_asym_id_2 
_pdbx_validate_close_contact.auth_comp_id_2 
_pdbx_validate_close_contact.auth_seq_id_2 
_pdbx_validate_close_contact.PDB_ins_code_2 
_pdbx_validate_close_contact.label_alt_id_2 
_pdbx_validate_close_contact.dist 
1  1 NZ  D LYS 29 ? ? O   D HOH 78  ? ? 0.58 
2  1 NE2 D HIS 5  ? ? CA  G UNK 41  ? ? 0.71 
3  1 NE2 D HIS 5  ? ? N   G UNK 41  ? ? 0.81 
4  1 CD2 D HIS 5  ? ? C   G UNK 41  ? ? 1.02 
5  1 CE1 D HIS 5  ? ? N   G UNK 41  ? ? 1.35 
6  1 N   G UNK 8  ? ? O   G HOH 159 ? ? 1.52 
7  1 CD2 D HIS 5  ? ? CA  G UNK 41  ? ? 1.55 
8  1 CD2 D HIS 5  ? ? N   G UNK 41  ? ? 1.77 
9  1 NE2 D HIS 5  ? ? CB  G UNK 41  ? ? 1.81 
10 1 CE1 D HIS 5  ? ? CA  G UNK 41  ? ? 1.83 
11 1 NE2 D HIS 5  ? ? C   G UNK 41  ? ? 1.83 
12 1 CE1 D HIS 5  ? ? CB  G UNK 41  ? ? 1.89 
13 1 N   A GLY 1  ? ? N   G UNK 11  ? ? 2.01 
14 1 CG  D HIS 5  ? ? C   G UNK 41  ? ? 2.01 
15 1 N   E GLY 1  ? ? CD  G UNK 27  ? ? 2.03 
16 1 CA  A GLY 1  ? ? O   A HOH 38  ? ? 2.03 
17 1 O   D GLN 4  ? ? N   G UNK 43  ? ? 2.04 
18 1 CE  D LYS 29 ? ? O   D HOH 78  ? ? 2.05 
19 1 N   E GLY 1  ? ? NH1 G UNK 27  ? ? 2.05 
20 1 NE2 C GLN 5  ? ? O   C HOH 27  ? ? 2.05 
21 1 NH1 B ARG 22 ? ? O   B HOH 34  ? ? 2.09 
22 1 C   G UNK 11 ? ? O   G HOH 164 ? ? 2.12 
23 1 O   A GLN 5  ? ? O   A HOH 35  ? ? 2.13 
24 1 N   E GLY 1  ? ? NE  G UNK 27  ? ? 2.14 
25 1 CD  A GLU 4  ? B O   A HOH 38  ? ? 2.19 
# 
loop_
_pdbx_validate_symm_contact.id 
_pdbx_validate_symm_contact.PDB_model_num 
_pdbx_validate_symm_contact.auth_atom_id_1 
_pdbx_validate_symm_contact.auth_asym_id_1 
_pdbx_validate_symm_contact.auth_comp_id_1 
_pdbx_validate_symm_contact.auth_seq_id_1 
_pdbx_validate_symm_contact.PDB_ins_code_1 
_pdbx_validate_symm_contact.label_alt_id_1 
_pdbx_validate_symm_contact.site_symmetry_1 
_pdbx_validate_symm_contact.auth_atom_id_2 
_pdbx_validate_symm_contact.auth_asym_id_2 
_pdbx_validate_symm_contact.auth_comp_id_2 
_pdbx_validate_symm_contact.auth_seq_id_2 
_pdbx_validate_symm_contact.PDB_ins_code_2 
_pdbx_validate_symm_contact.label_alt_id_2 
_pdbx_validate_symm_contact.site_symmetry_2 
_pdbx_validate_symm_contact.dist 
1  1 OH  F TYR 16 ? ? 1_555 CA  G UNK 43 ? ? 7_555 0.87 
2  1 OH  F TYR 16 ? ? 1_555 CB  G UNK 43 ? ? 7_555 1.21 
3  1 CZ  F TYR 16 ? ? 1_555 CB  G UNK 43 ? ? 7_555 1.36 
4  1 ND1 B HIS 5  ? ? 1_555 O   G UNK 29 ? ? 7_555 1.57 
5  1 OH  F TYR 16 ? ? 1_555 O   G UNK 41 ? ? 7_555 1.64 
6  1 CD2 F PHE 25 ? ? 1_555 O   C HOH 24 ? ? 7_555 1.73 
7  1 CE1 F TYR 16 ? ? 1_555 CB  G UNK 43 ? ? 7_555 1.75 
8  1 CE1 B HIS 5  ? ? 1_555 O   G UNK 29 ? ? 7_555 1.96 
9  1 CZ  F TYR 16 ? ? 1_555 CG  G UNK 43 ? ? 7_555 2.00 
10 1 CB  B PHE 25 ? ? 1_555 CE1 B PHE 25 ? A 7_555 2.03 
11 1 CE2 F PHE 25 ? ? 1_555 O   C HOH 24 ? ? 7_555 2.05 
12 1 O   C HOH 26 ? ? 1_555 O   C HOH 26 ? ? 7_555 2.05 
13 1 OE1 C GLU 17 ? ? 1_555 CB  G UNK 8  ? ? 6_455 2.07 
14 1 CZ  F TYR 16 ? ? 1_555 CA  G UNK 43 ? ? 7_555 2.07 
15 1 CE1 F TYR 16 ? ? 1_555 CG  G UNK 43 ? ? 7_555 2.08 
16 1 CE1 F TYR 16 ? ? 1_555 CD  G UNK 43 ? ? 7_555 2.09 
17 1 CE1 B HIS 5  ? ? 1_555 C   G UNK 29 ? ? 7_555 2.10 
18 1 OE1 C GLU 17 ? ? 1_555 CG  G UNK 8  ? ? 6_455 2.15 
19 1 CE2 F TYR 16 ? ? 1_555 O   G UNK 41 ? ? 7_555 2.16 
20 1 CE2 B TYR 26 ? ? 1_555 NZ  G UNK 29 ? ? 7_555 2.16 
21 1 OH  F TYR 16 ? ? 1_555 N   G UNK 43 ? ? 7_555 2.19 
# 
loop_
_pdbx_validate_rmsd_bond.id 
_pdbx_validate_rmsd_bond.PDB_model_num 
_pdbx_validate_rmsd_bond.auth_atom_id_1 
_pdbx_validate_rmsd_bond.auth_asym_id_1 
_pdbx_validate_rmsd_bond.auth_comp_id_1 
_pdbx_validate_rmsd_bond.auth_seq_id_1 
_pdbx_validate_rmsd_bond.PDB_ins_code_1 
_pdbx_validate_rmsd_bond.label_alt_id_1 
_pdbx_validate_rmsd_bond.auth_atom_id_2 
_pdbx_validate_rmsd_bond.auth_asym_id_2 
_pdbx_validate_rmsd_bond.auth_comp_id_2 
_pdbx_validate_rmsd_bond.auth_seq_id_2 
_pdbx_validate_rmsd_bond.PDB_ins_code_2 
_pdbx_validate_rmsd_bond.label_alt_id_2 
_pdbx_validate_rmsd_bond.bond_value 
_pdbx_validate_rmsd_bond.bond_target_value 
_pdbx_validate_rmsd_bond.bond_deviation 
_pdbx_validate_rmsd_bond.bond_standard_deviation 
_pdbx_validate_rmsd_bond.linker_flag 
1 1 CB A GLU 4  ? ? CG A GLU 4  ? B 1.322 1.517 -0.195 0.019 N 
2 1 CB D LYS 29 ? ? CG D LYS 29 ? ? 1.213 1.521 -0.308 0.027 N 
3 1 C  G UNK 20 ? ? N  G UNK 21 ? ? 0.886 1.336 -0.450 0.023 Y 
4 1 C  G UNK 22 ? ? N  G UNK 23 ? ? 0.749 1.336 -0.587 0.023 Y 
# 
loop_
_pdbx_validate_rmsd_angle.id 
_pdbx_validate_rmsd_angle.PDB_model_num 
_pdbx_validate_rmsd_angle.auth_atom_id_1 
_pdbx_validate_rmsd_angle.auth_asym_id_1 
_pdbx_validate_rmsd_angle.auth_comp_id_1 
_pdbx_validate_rmsd_angle.auth_seq_id_1 
_pdbx_validate_rmsd_angle.PDB_ins_code_1 
_pdbx_validate_rmsd_angle.label_alt_id_1 
_pdbx_validate_rmsd_angle.auth_atom_id_2 
_pdbx_validate_rmsd_angle.auth_asym_id_2 
_pdbx_validate_rmsd_angle.auth_comp_id_2 
_pdbx_validate_rmsd_angle.auth_seq_id_2 
_pdbx_validate_rmsd_angle.PDB_ins_code_2 
_pdbx_validate_rmsd_angle.label_alt_id_2 
_pdbx_validate_rmsd_angle.auth_atom_id_3 
_pdbx_validate_rmsd_angle.auth_asym_id_3 
_pdbx_validate_rmsd_angle.auth_comp_id_3 
_pdbx_validate_rmsd_angle.auth_seq_id_3 
_pdbx_validate_rmsd_angle.PDB_ins_code_3 
_pdbx_validate_rmsd_angle.label_alt_id_3 
_pdbx_validate_rmsd_angle.angle_value 
_pdbx_validate_rmsd_angle.angle_target_value 
_pdbx_validate_rmsd_angle.angle_deviation 
_pdbx_validate_rmsd_angle.angle_standard_deviation 
_pdbx_validate_rmsd_angle.linker_flag 
1   1 CA  A ILE 2  ? ? C   A ILE 2  ? ? O   A ILE 2  ? ? 135.27 120.10 15.17  2.10 N 
2   1 CA  A ILE 2  ? ? C   A ILE 2  ? ? N   A VAL 3  ? ? 102.24 117.20 -14.96 2.20 Y 
3   1 CG1 A VAL 3  ? ? CB  A VAL 3  ? ? CG2 A VAL 3  ? ? 121.95 110.90 11.05  1.60 N 
4   1 CB  A GLU 4  ? ? CA  A GLU 4  ? ? C   A GLU 4  ? ? 125.86 110.40 15.46  2.00 N 
5   1 CA  A GLU 4  ? ? CB  A GLU 4  ? ? CG  A GLU 4  ? B 130.59 113.40 17.19  2.20 N 
6   1 CB  A GLU 4  ? ? CG  A GLU 4  ? B CD  A GLU 4  ? B 141.05 114.20 26.85  2.70 N 
7   1 OE1 A GLU 4  ? A CD  A GLU 4  ? A OE2 A GLU 4  ? A 132.47 123.30 9.17   1.20 N 
8   1 OE1 A GLU 4  ? B CD  A GLU 4  ? B OE2 A GLU 4  ? B 108.25 123.30 -15.05 1.20 N 
9   1 CG  A GLU 4  ? B CD  A GLU 4  ? B OE1 A GLU 4  ? B 135.12 118.30 16.82  2.00 N 
10  1 CA  A GLN 5  ? ? CB  A GLN 5  ? ? CG  A GLN 5  ? ? 141.76 113.40 28.36  2.20 N 
11  1 CA  A CYS 6  ? ? CB  A CYS 6  ? ? SG  A CYS 6  ? ? 102.65 114.00 -11.35 1.80 N 
12  1 O   A THR 8  ? ? C   A THR 8  ? ? N   A SER 9  ? ? 136.91 122.70 14.21  1.60 Y 
13  1 CG1 A ILE 10 ? ? CB  A ILE 10 ? ? CG2 A ILE 10 ? ? 125.02 111.40 13.62  2.20 N 
14  1 CB  A ILE 10 ? ? CG1 A ILE 10 ? ? CD1 A ILE 10 ? ? 93.33  113.90 -20.57 2.80 N 
15  1 CB  A LEU 13 ? ? CA  A LEU 13 ? ? C   A LEU 13 ? ? 125.46 110.20 15.26  1.90 N 
16  1 CA  A TYR 14 ? ? CB  A TYR 14 ? ? CG  A TYR 14 ? ? 97.96  113.40 -15.44 1.90 N 
17  1 CB  A TYR 14 ? ? CG  A TYR 14 ? ? CD2 A TYR 14 ? ? 115.77 121.00 -5.23  0.60 N 
18  1 CB  A LEU 16 ? ? CG  A LEU 16 ? ? CD1 A LEU 16 ? ? 100.06 111.00 -10.94 1.70 N 
19  1 OE1 A GLU 17 ? ? CD  A GLU 17 ? ? OE2 A GLU 17 ? ? 133.05 123.30 9.75   1.20 N 
20  1 CG  A GLU 17 ? ? CD  A GLU 17 ? ? OE1 A GLU 17 ? ? 105.02 118.30 -13.28 2.00 N 
21  1 CB  A TYR 19 ? ? CG  A TYR 19 ? ? CD2 A TYR 19 ? ? 128.09 121.00 7.09   0.60 N 
22  1 CA  A CYS 20 ? ? CB  A CYS 20 ? ? SG  A CYS 20 ? ? 123.90 114.20 9.70   1.10 N 
23  1 OD1 A ASN 21 ? ? CG  A ASN 21 ? ? ND2 A ASN 21 ? ? 137.50 121.90 15.60  2.30 N 
24  1 N   B PHE 1  ? ? CA  B PHE 1  ? ? CB  B PHE 1  ? ? 126.36 110.60 15.76  1.80 N 
25  1 CA  B PHE 1  ? ? C   B PHE 1  ? ? N   B VAL 2  ? ? 101.84 117.20 -15.36 2.20 Y 
26  1 O   B PHE 1  ? ? C   B PHE 1  ? ? N   B VAL 2  ? ? 141.38 122.70 18.68  1.60 Y 
27  1 CB  B ASN 3  ? ? CG  B ASN 3  ? ? OD1 B ASN 3  ? ? 134.33 121.60 12.73  2.00 N 
28  1 N   B GLN 4  ? ? CA  B GLN 4  ? ? CB  B GLN 4  ? ? 95.61  110.60 -14.99 1.80 N 
29  1 CA  B HIS 5  ? ? CB  B HIS 5  ? ? CG  B HIS 5  ? ? 102.77 113.60 -10.83 1.70 N 
30  1 CA  B GLY 8  ? ? C   B GLY 8  ? ? O   B GLY 8  ? ? 107.80 120.60 -12.80 1.80 N 
31  1 N   B SER 9  ? ? CA  B SER 9  ? ? CB  B SER 9  ? ? 121.04 110.50 10.54  1.50 N 
32  1 CB  B HIS 10 ? ? CG  B HIS 10 ? ? CD2 B HIS 10 ? ? 138.90 131.40 7.50   1.20 N 
33  1 CA  B LEU 11 ? ? CB  B LEU 11 ? ? CG  B LEU 11 ? ? 129.27 115.30 13.97  2.30 N 
34  1 CG  B GLU 13 ? ? CD  B GLU 13 ? ? OE1 B GLU 13 ? ? 133.22 118.30 14.92  2.00 N 
35  1 CG  B GLU 13 ? ? CD  B GLU 13 ? ? OE2 B GLU 13 ? ? 100.77 118.30 -17.53 2.00 N 
36  1 CB  B LEU 15 ? ? CG  B LEU 15 ? ? CD1 B LEU 15 ? ? 99.11  111.00 -11.89 1.70 N 
37  1 CB  B TYR 16 ? ? CG  B TYR 16 ? ? CD1 B TYR 16 ? ? 117.20 121.00 -3.80  0.60 N 
38  1 CA  B CYS 19 ? ? CB  B CYS 19 ? ? SG  B CYS 19 ? ? 102.50 114.00 -11.50 1.80 N 
39  1 CB  B GLU 21 ? ? CG  B GLU 21 ? ? CD  B GLU 21 ? ? 140.34 114.20 26.14  2.70 N 
40  1 CA  B ARG 22 ? ? CB  B ARG 22 ? ? CG  B ARG 22 ? ? 98.66  113.40 -14.74 2.20 N 
41  1 CD  B ARG 22 ? ? NE  B ARG 22 ? ? CZ  B ARG 22 ? ? 111.73 123.60 -11.87 1.40 N 
42  1 O   B GLY 23 ? ? C   B GLY 23 ? ? N   B PHE 24 ? ? 133.55 122.70 10.85  1.60 Y 
43  1 CD1 B PHE 24 ? ? CE1 B PHE 24 ? ? CZ  B PHE 24 ? ? 111.78 120.10 -8.32  1.20 N 
44  1 O   B PHE 24 ? ? C   B PHE 24 ? ? N   B PHE 25 ? ? 137.41 122.70 14.71  1.60 Y 
45  1 CB  B PHE 25 ? ? CG  B PHE 25 ? B CD2 B PHE 25 ? B 112.11 120.80 -8.69  0.70 N 
46  1 CB  B PHE 25 ? ? CG  B PHE 25 ? B CD1 B PHE 25 ? B 109.73 120.80 -11.07 0.70 N 
47  1 CB  B TYR 26 ? ? CG  B TYR 26 ? ? CD2 B TYR 26 ? ? 116.45 121.00 -4.55  0.60 N 
48  1 CB  B TYR 26 ? ? CG  B TYR 26 ? ? CD1 B TYR 26 ? ? 126.18 121.00 5.18   0.60 N 
49  1 CB  B THR 27 ? ? CA  B THR 27 ? ? C   B THR 27 ? ? 128.32 111.60 16.72  2.70 N 
50  1 CA  B LYS 29 ? ? CB  B LYS 29 ? ? CG  B LYS 29 ? ? 129.30 113.40 15.90  2.20 N 
51  1 CA  B LYS 29 ? ? C   B LYS 29 ? ? N   B ALA 30 ? ? 102.72 117.20 -14.48 2.20 Y 
52  1 CB  B ALA 30 ? ? CA  B ALA 30 ? ? C   B ALA 30 ? ? 127.56 110.10 17.46  1.50 N 
53  1 N   B ALA 30 ? ? CA  B ALA 30 ? ? C   B ALA 30 ? ? 93.28  111.00 -17.72 2.70 N 
54  1 OE1 C GLU 4  ? ? CD  C GLU 4  ? ? OE2 C GLU 4  ? ? 132.25 123.30 8.95   1.20 N 
55  1 CG  C GLN 5  ? ? CD  C GLN 5  ? ? OE1 C GLN 5  ? ? 133.84 121.60 12.24  2.00 N 
56  1 CA  C CYS 6  ? ? CB  C CYS 6  ? ? SG  C CYS 6  ? ? 101.98 114.00 -12.02 1.80 N 
57  1 CB  C ILE 10 ? ? CA  C ILE 10 ? ? C   C ILE 10 ? ? 126.19 111.60 14.59  2.00 N 
58  1 CA  C SER 12 ? ? C   C SER 12 ? ? O   C SER 12 ? ? 136.31 120.10 16.21  2.10 N 
59  1 CB  C TYR 14 ? ? CG  C TYR 14 ? ? CD2 C TYR 14 ? ? 129.49 121.00 8.49   0.60 N 
60  1 CB  C TYR 14 ? ? CG  C TYR 14 ? ? CD1 C TYR 14 ? ? 112.40 121.00 -8.60  0.60 N 
61  1 CG  C GLN 15 ? ? CD  C GLN 15 ? ? OE1 C GLN 15 ? ? 144.20 121.60 22.60  2.00 N 
62  1 CG  C GLN 15 ? ? CD  C GLN 15 ? ? NE2 C GLN 15 ? ? 101.29 116.70 -15.41 2.40 N 
63  1 N   C TYR 19 ? ? CA  C TYR 19 ? ? CB  C TYR 19 ? ? 122.61 110.60 12.01  1.80 N 
64  1 CB  C TYR 19 ? ? CG  C TYR 19 ? ? CD2 C TYR 19 ? ? 128.00 121.00 7.00   0.60 N 
65  1 CB  C TYR 19 ? ? CG  C TYR 19 ? ? CD1 C TYR 19 ? ? 112.70 121.00 -8.30  0.60 N 
66  1 CA  C ASN 21 ? ? CB  C ASN 21 ? ? CG  C ASN 21 ? ? 131.10 113.40 17.70  2.20 N 
67  1 CA  D PHE 1  ? ? C   D PHE 1  ? ? O   D PHE 1  ? ? 145.05 120.10 24.95  2.10 N 
68  1 CA  D PHE 1  ? ? C   D PHE 1  ? ? N   D VAL 2  ? ? 94.48  117.20 -22.72 2.20 Y 
69  1 N   D ASN 3  ? ? CA  D ASN 3  ? ? CB  D ASN 3  ? ? 125.12 110.60 14.52  1.80 N 
70  1 CA  D ASN 3  ? ? CB  D ASN 3  ? ? CG  D ASN 3  ? ? 128.78 113.40 15.38  2.20 N 
71  1 OD1 D ASN 3  ? ? CG  D ASN 3  ? ? ND2 D ASN 3  ? ? 104.90 121.90 -17.00 2.30 N 
72  1 CB  D ASN 3  ? ? CG  D ASN 3  ? ? ND2 D ASN 3  ? ? 138.62 116.70 21.92  2.40 N 
73  1 O   D ASN 3  ? ? C   D ASN 3  ? ? N   D GLN 4  ? ? 133.11 122.70 10.41  1.60 Y 
74  1 O   D HIS 5  ? ? C   D HIS 5  ? ? N   D LEU 6  ? ? 112.73 122.70 -9.97  1.60 Y 
75  1 CB  D LEU 6  ? ? CG  D LEU 6  ? ? CD1 D LEU 6  ? ? 100.08 111.00 -10.92 1.70 N 
76  1 CA  D LEU 11 ? ? CB  D LEU 11 ? ? CG  D LEU 11 ? ? 129.20 115.30 13.90  2.30 N 
77  1 CA  D VAL 12 ? ? CB  D VAL 12 ? ? CG1 D VAL 12 ? ? 101.73 110.90 -9.17  1.50 N 
78  1 CA  D VAL 12 ? ? CB  D VAL 12 ? ? CG2 D VAL 12 ? ? 121.63 110.90 10.73  1.50 N 
79  1 O   D VAL 12 ? ? C   D VAL 12 ? ? N   D GLU 13 ? ? 135.30 122.70 12.60  1.60 Y 
80  1 CB  D TYR 16 ? ? CG  D TYR 16 ? ? CD1 D TYR 16 ? ? 116.63 121.00 -4.37  0.60 N 
81  1 N   D LEU 17 ? ? CA  D LEU 17 ? ? CB  D LEU 17 ? ? 97.19  110.40 -13.21 2.00 N 
82  1 CG1 D VAL 18 ? ? CB  D VAL 18 ? ? CG2 D VAL 18 ? ? 97.55  110.90 -13.35 1.60 N 
83  1 CA  D ARG 22 ? ? CB  D ARG 22 ? ? CG  D ARG 22 ? ? 98.44  113.40 -14.96 2.20 N 
84  1 NH1 D ARG 22 ? ? CZ  D ARG 22 ? ? NH2 D ARG 22 ? ? 127.32 119.40 7.92   1.10 N 
85  1 NE  D ARG 22 ? ? CZ  D ARG 22 ? ? NH2 D ARG 22 ? ? 113.58 120.30 -6.72  0.50 N 
86  1 N   D GLY 23 ? ? CA  D GLY 23 ? ? C   D GLY 23 ? ? 97.54  113.10 -15.56 2.50 N 
87  1 CA  D PHE 24 ? ? C   D PHE 24 ? ? O   D PHE 24 ? ? 135.65 120.10 15.55  2.10 N 
88  1 CA  D PHE 24 ? ? C   D PHE 24 ? ? N   D PHE 25 ? ? 102.68 117.20 -14.52 2.20 Y 
89  1 CB  D PHE 25 ? ? CA  D PHE 25 ? ? C   D PHE 25 ? ? 126.53 110.40 16.13  2.00 N 
90  1 CA  D PHE 25 ? ? C   D PHE 25 ? ? N   D TYR 26 ? ? 102.09 117.20 -15.11 2.20 Y 
91  1 CB  D TYR 26 ? ? CG  D TYR 26 ? ? CD2 D TYR 26 ? ? 116.84 121.00 -4.16  0.60 N 
92  1 CA  D TYR 26 ? ? C   D TYR 26 ? ? N   D THR 27 ? ? 101.58 117.20 -15.62 2.20 Y 
93  1 C   D PRO 28 ? ? N   D LYS 29 ? ? CA  D LYS 29 ? ? 168.14 121.70 46.44  2.50 Y 
94  1 N   D LYS 29 ? ? CA  D LYS 29 ? ? CB  D LYS 29 ? ? 137.68 110.60 27.08  1.80 N 
95  1 CA  D LYS 29 ? ? CB  D LYS 29 ? ? CG  D LYS 29 ? ? 163.17 113.40 49.77  2.20 N 
96  1 CB  D LYS 29 ? ? CG  D LYS 29 ? ? CD  D LYS 29 ? ? 82.25  111.60 -29.35 2.60 N 
97  1 N   D LYS 29 ? ? CA  D LYS 29 ? ? C   D LYS 29 ? ? 93.59  111.00 -17.41 2.70 N 
98  1 CB  E VAL 3  ? ? CA  E VAL 3  ? ? C   E VAL 3  ? ? 123.62 111.40 12.22  1.90 N 
99  1 CG  E GLU 4  ? ? CD  E GLU 4  ? ? OE2 E GLU 4  ? ? 133.41 118.30 15.11  2.00 N 
100 1 O   E CYS 6  ? ? C   E CYS 6  ? ? N   E CYS 7  ? ? 132.66 122.70 9.96   1.60 Y 
101 1 CB  E CYS 7  ? ? CA  E CYS 7  ? ? C   E CYS 7  ? ? 123.78 111.50 12.28  1.20 N 
102 1 CA  E TYR 14 ? ? CB  E TYR 14 ? ? CG  E TYR 14 ? ? 129.23 113.40 15.83  1.90 N 
103 1 CB  E TYR 14 ? ? CG  E TYR 14 ? ? CD2 E TYR 14 ? ? 124.96 121.00 3.96   0.60 N 
104 1 CB  E TYR 14 ? ? CG  E TYR 14 ? ? CD1 E TYR 14 ? ? 114.97 121.00 -6.03  0.60 N 
105 1 CA  E GLU 17 ? ? CB  E GLU 17 ? ? CG  E GLU 17 ? ? 144.45 113.40 31.05  2.20 N 
106 1 CG  E GLU 17 ? ? CD  E GLU 17 ? ? OE1 E GLU 17 ? ? 135.99 118.30 17.69  2.00 N 
107 1 CG  E GLU 17 ? ? CD  E GLU 17 ? ? OE2 E GLU 17 ? ? 103.91 118.30 -14.39 2.00 N 
108 1 CB  E TYR 19 ? ? CG  E TYR 19 ? ? CD2 E TYR 19 ? ? 125.01 121.00 4.01   0.60 N 
109 1 O   E TYR 19 ? ? C   E TYR 19 ? ? N   E CYS 20 ? ? 112.31 122.70 -10.39 1.60 Y 
110 1 CA  E ASN 21 ? ? CB  E ASN 21 ? ? CG  E ASN 21 ? ? 100.04 113.40 -13.36 2.20 N 
111 1 N   F PHE 1  ? ? CA  F PHE 1  ? ? CB  F PHE 1  ? ? 121.55 110.60 10.95  1.80 N 
112 1 CA  F PHE 1  ? ? CB  F PHE 1  ? ? CG  F PHE 1  ? ? 152.72 113.90 38.82  2.40 N 
113 1 CA  F ASN 3  ? ? C   F ASN 3  ? ? O   F ASN 3  ? ? 104.37 120.10 -15.73 2.10 N 
114 1 CA  F ASN 3  ? ? C   F ASN 3  ? ? N   F GLN 4  ? ? 134.04 117.20 16.84  2.20 Y 
115 1 CB  F GLN 4  ? ? CA  F GLN 4  ? ? C   F GLN 4  ? ? 124.03 110.40 13.63  2.00 N 
116 1 CG  F GLN 4  ? ? CD  F GLN 4  ? ? OE1 F GLN 4  ? ? 138.00 121.60 16.40  2.00 N 
117 1 CB  F CYS 7  ? ? CA  F CYS 7  ? ? C   F CYS 7  ? ? 98.05  110.40 -12.35 2.00 N 
118 1 N   F CYS 7  ? ? CA  F CYS 7  ? ? CB  F CYS 7  ? ? 121.41 110.80 10.61  1.50 N 
119 1 CA  F CYS 7  ? ? CB  F CYS 7  ? ? SG  F CYS 7  ? ? 133.17 114.20 18.97  1.10 N 
120 1 CA  F CYS 7  ? ? C   F CYS 7  ? ? O   F CYS 7  ? ? 106.47 120.10 -13.63 2.10 N 
121 1 N   F SER 9  ? ? CA  F SER 9  ? ? CB  F SER 9  ? ? 99.98  110.50 -10.52 1.50 N 
122 1 CA  F HIS 10 ? ? CB  F HIS 10 ? ? CG  F HIS 10 ? ? 98.56  113.60 -15.04 1.70 N 
123 1 CB  F HIS 10 ? ? CG  F HIS 10 ? ? CD2 F HIS 10 ? ? 140.17 131.40 8.77   1.20 N 
124 1 CB  F HIS 10 ? ? CG  F HIS 10 ? ? ND1 F HIS 10 ? ? 108.03 121.40 -13.37 1.30 N 
125 1 CE1 F HIS 10 ? ? NE2 F HIS 10 ? ? CD2 F HIS 10 ? ? 114.07 109.00 5.07   0.70 N 
126 1 OE1 F GLU 13 ? ? CD  F GLU 13 ? ? OE2 F GLU 13 ? ? 114.92 123.30 -8.38  1.20 N 
127 1 CG  F GLU 13 ? ? CD  F GLU 13 ? ? OE2 F GLU 13 ? ? 133.66 118.30 15.36  2.00 N 
128 1 CB  F TYR 16 ? ? CG  F TYR 16 ? ? CD2 F TYR 16 ? ? 115.49 121.00 -5.51  0.60 N 
129 1 N   F GLU 21 ? ? CA  F GLU 21 ? ? CB  F GLU 21 ? ? 126.00 110.60 15.40  1.80 N 
130 1 CB  F GLU 21 ? ? CG  F GLU 21 ? ? CD  F GLU 21 ? ? 96.13  114.20 -18.07 2.70 N 
131 1 OE1 F GLU 21 ? ? CD  F GLU 21 ? ? OE2 F GLU 21 ? ? 141.79 123.30 18.49  1.20 N 
132 1 CG  F GLU 21 ? ? CD  F GLU 21 ? ? OE2 F GLU 21 ? ? 101.93 118.30 -16.37 2.00 N 
133 1 CG  F ARG 22 ? ? CD  F ARG 22 ? ? NE  F ARG 22 ? ? 125.56 111.80 13.76  2.10 N 
134 1 NE  F ARG 22 ? ? CZ  F ARG 22 ? ? NH1 F ARG 22 ? ? 115.40 120.30 -4.90  0.50 N 
135 1 CA  F PHE 24 ? ? C   F PHE 24 ? ? O   F PHE 24 ? ? 134.59 120.10 14.49  2.10 N 
136 1 N   F PHE 25 ? ? CA  F PHE 25 ? ? CB  F PHE 25 ? ? 129.70 110.60 19.10  1.80 N 
137 1 CB  F TYR 26 ? ? CA  F TYR 26 ? ? C   F TYR 26 ? ? 98.39  110.40 -12.01 2.00 N 
138 1 CB  F TYR 26 ? ? CG  F TYR 26 ? ? CD1 F TYR 26 ? ? 117.34 121.00 -3.66  0.60 N 
139 1 O   F TYR 26 ? ? C   F TYR 26 ? ? N   F THR 27 ? ? 133.73 122.70 11.03  1.60 Y 
140 1 O   F LYS 29 ? ? C   F LYS 29 ? ? N   F ALA 30 ? ? 132.91 122.70 10.21  1.60 Y 
141 1 O   G UNK 20 ? ? C   G UNK 20 ? ? N   G UNK 21 ? ? 100.74 122.70 -21.96 1.60 Y 
142 1 CA  G UNK 22 ? ? C   G UNK 22 ? ? N   G UNK 23 ? ? 99.26  117.20 -17.94 2.20 Y 
143 1 O   G UNK 22 ? ? C   G UNK 22 ? ? N   G UNK 23 ? ? 146.85 122.70 24.15  1.60 Y 
144 1 C   G UNK 22 ? ? N   G UNK 23 ? ? CA  G UNK 23 ? ? 105.62 121.70 -16.08 2.50 Y 
# 
loop_
_pdbx_validate_torsion.id 
_pdbx_validate_torsion.PDB_model_num 
_pdbx_validate_torsion.auth_comp_id 
_pdbx_validate_torsion.auth_asym_id 
_pdbx_validate_torsion.auth_seq_id 
_pdbx_validate_torsion.PDB_ins_code 
_pdbx_validate_torsion.label_alt_id 
_pdbx_validate_torsion.phi 
_pdbx_validate_torsion.psi 
1 1 LYS B 29 ? ? -142.25 -141.80 
2 1 PRO D 28 ? ? -94.99  -77.76  
3 1 LYS D 29 ? ? 71.93   105.32  
4 1 LYS F 29 ? ? -154.16 -102.62 
# 
_pdbx_validate_chiral.id              1 
_pdbx_validate_chiral.PDB_model_num   1 
_pdbx_validate_chiral.auth_atom_id    CA 
_pdbx_validate_chiral.label_alt_id    ? 
_pdbx_validate_chiral.auth_asym_id    G 
_pdbx_validate_chiral.auth_comp_id    UNK 
_pdbx_validate_chiral.auth_seq_id     33 
_pdbx_validate_chiral.PDB_ins_code    ? 
_pdbx_validate_chiral.details         PLANAR 
_pdbx_validate_chiral.omega           . 
# 
_pdbx_validate_planes.id              1 
_pdbx_validate_planes.PDB_model_num   1 
_pdbx_validate_planes.auth_comp_id    PHE 
_pdbx_validate_planes.auth_asym_id    B 
_pdbx_validate_planes.auth_seq_id     25 
_pdbx_validate_planes.PDB_ins_code    ? 
_pdbx_validate_planes.label_alt_id    ? 
_pdbx_validate_planes.rmsd            0.317 
_pdbx_validate_planes.type            'SIDE CHAIN' 
# 
_pdbx_validate_main_chain_plane.id                       1 
_pdbx_validate_main_chain_plane.PDB_model_num            1 
_pdbx_validate_main_chain_plane.auth_comp_id             UNK 
_pdbx_validate_main_chain_plane.auth_asym_id             G 
_pdbx_validate_main_chain_plane.auth_seq_id              20 
_pdbx_validate_main_chain_plane.PDB_ins_code             ? 
_pdbx_validate_main_chain_plane.label_alt_id             ? 
_pdbx_validate_main_chain_plane.improper_torsion_angle   29.90 
# 
loop_
_pdbx_validate_polymer_linkage.id 
_pdbx_validate_polymer_linkage.PDB_model_num 
_pdbx_validate_polymer_linkage.auth_atom_id_1 
_pdbx_validate_polymer_linkage.auth_asym_id_1 
_pdbx_validate_polymer_linkage.auth_comp_id_1 
_pdbx_validate_polymer_linkage.auth_seq_id_1 
_pdbx_validate_polymer_linkage.PDB_ins_code_1 
_pdbx_validate_polymer_linkage.label_alt_id_1 
_pdbx_validate_polymer_linkage.auth_atom_id_2 
_pdbx_validate_polymer_linkage.auth_asym_id_2 
_pdbx_validate_polymer_linkage.auth_comp_id_2 
_pdbx_validate_polymer_linkage.auth_seq_id_2 
_pdbx_validate_polymer_linkage.PDB_ins_code_2 
_pdbx_validate_polymer_linkage.label_alt_id_2 
_pdbx_validate_polymer_linkage.dist 
1  1 C G UNK 6  ? ? N G UNK 8  ? ? 15.81 
2  1 C G UNK 8  ? ? N G UNK 11 ? ? 15.90 
3  1 C G UNK 11 ? ? N G UNK 20 ? ? 16.02 
4  1 C G UNK 20 ? ? N G UNK 21 ? ? 0.89  
5  1 C G UNK 21 ? ? N G UNK 22 ? ? 1.86  
6  1 C G UNK 22 ? ? N G UNK 23 ? ? 0.75  
7  1 C G UNK 23 ? ? N G UNK 25 ? ? 21.39 
8  1 C G UNK 25 ? ? N G UNK 27 ? ? 35.11 
9  1 C G UNK 27 ? ? N G UNK 29 ? ? 36.83 
10 1 C G UNK 29 ? ? N G UNK 33 ? ? 25.47 
11 1 C G UNK 33 ? ? N G UNK 35 ? ? 2.27  
12 1 C G UNK 35 ? ? N G UNK 39 ? ? 10.13 
13 1 C G UNK 39 ? ? N G UNK 41 ? ? 17.94 
14 1 C G UNK 41 ? ? N G UNK 43 ? ? 3.88  
# 
_pdbx_database_remark.id     650 
_pdbx_database_remark.text   
;HELIX
THE B CHAIN HELIX IS EXTENDED TO THE FIRST SIX RESIDUES
OF THE B CHAIN, THEREBY RUNNING FROM B 1 TO B 20.
;
# 
loop_
_chem_comp_atom.comp_id 
_chem_comp_atom.atom_id 
_chem_comp_atom.type_symbol 
_chem_comp_atom.pdbx_aromatic_flag 
_chem_comp_atom.pdbx_stereo_config 
_chem_comp_atom.pdbx_ordinal 
ALA N    N  N N 1   
ALA CA   C  N S 2   
ALA C    C  N N 3   
ALA O    O  N N 4   
ALA CB   C  N N 5   
ALA OXT  O  N N 6   
ALA H    H  N N 7   
ALA H2   H  N N 8   
ALA HA   H  N N 9   
ALA HB1  H  N N 10  
ALA HB2  H  N N 11  
ALA HB3  H  N N 12  
ALA HXT  H  N N 13  
ARG N    N  N N 14  
ARG CA   C  N S 15  
ARG C    C  N N 16  
ARG O    O  N N 17  
ARG CB   C  N N 18  
ARG CG   C  N N 19  
ARG CD   C  N N 20  
ARG NE   N  N N 21  
ARG CZ   C  N N 22  
ARG NH1  N  N N 23  
ARG NH2  N  N N 24  
ARG OXT  O  N N 25  
ARG H    H  N N 26  
ARG H2   H  N N 27  
ARG HA   H  N N 28  
ARG HB2  H  N N 29  
ARG HB3  H  N N 30  
ARG HG2  H  N N 31  
ARG HG3  H  N N 32  
ARG HD2  H  N N 33  
ARG HD3  H  N N 34  
ARG HE   H  N N 35  
ARG HH11 H  N N 36  
ARG HH12 H  N N 37  
ARG HH21 H  N N 38  
ARG HH22 H  N N 39  
ARG HXT  H  N N 40  
ASN N    N  N N 41  
ASN CA   C  N S 42  
ASN C    C  N N 43  
ASN O    O  N N 44  
ASN CB   C  N N 45  
ASN CG   C  N N 46  
ASN OD1  O  N N 47  
ASN ND2  N  N N 48  
ASN OXT  O  N N 49  
ASN H    H  N N 50  
ASN H2   H  N N 51  
ASN HA   H  N N 52  
ASN HB2  H  N N 53  
ASN HB3  H  N N 54  
ASN HD21 H  N N 55  
ASN HD22 H  N N 56  
ASN HXT  H  N N 57  
CRS C1   C  Y N 58  
CRS C2   C  Y N 59  
CRS C3   C  Y N 60  
CRS C4   C  Y N 61  
CRS C5   C  Y N 62  
CRS C6   C  Y N 63  
CRS C7   C  N N 64  
CRS O1   O  N N 65  
CRS H2   H  N N 66  
CRS H4   H  N N 67  
CRS H5   H  N N 68  
CRS H6   H  N N 69  
CRS H71  H  N N 70  
CRS H72  H  N N 71  
CRS H73  H  N N 72  
CRS HO1  H  N N 73  
CYS N    N  N N 74  
CYS CA   C  N R 75  
CYS C    C  N N 76  
CYS O    O  N N 77  
CYS CB   C  N N 78  
CYS SG   S  N N 79  
CYS OXT  O  N N 80  
CYS H    H  N N 81  
CYS H2   H  N N 82  
CYS HA   H  N N 83  
CYS HB2  H  N N 84  
CYS HB3  H  N N 85  
CYS HG   H  N N 86  
CYS HXT  H  N N 87  
GLN N    N  N N 88  
GLN CA   C  N S 89  
GLN C    C  N N 90  
GLN O    O  N N 91  
GLN CB   C  N N 92  
GLN CG   C  N N 93  
GLN CD   C  N N 94  
GLN OE1  O  N N 95  
GLN NE2  N  N N 96  
GLN OXT  O  N N 97  
GLN H    H  N N 98  
GLN H2   H  N N 99  
GLN HA   H  N N 100 
GLN HB2  H  N N 101 
GLN HB3  H  N N 102 
GLN HG2  H  N N 103 
GLN HG3  H  N N 104 
GLN HE21 H  N N 105 
GLN HE22 H  N N 106 
GLN HXT  H  N N 107 
GLU N    N  N N 108 
GLU CA   C  N S 109 
GLU C    C  N N 110 
GLU O    O  N N 111 
GLU CB   C  N N 112 
GLU CG   C  N N 113 
GLU CD   C  N N 114 
GLU OE1  O  N N 115 
GLU OE2  O  N N 116 
GLU OXT  O  N N 117 
GLU H    H  N N 118 
GLU H2   H  N N 119 
GLU HA   H  N N 120 
GLU HB2  H  N N 121 
GLU HB3  H  N N 122 
GLU HG2  H  N N 123 
GLU HG3  H  N N 124 
GLU HE2  H  N N 125 
GLU HXT  H  N N 126 
GLY N    N  N N 127 
GLY CA   C  N N 128 
GLY C    C  N N 129 
GLY O    O  N N 130 
GLY OXT  O  N N 131 
GLY H    H  N N 132 
GLY H2   H  N N 133 
GLY HA2  H  N N 134 
GLY HA3  H  N N 135 
GLY HXT  H  N N 136 
HIS N    N  N N 137 
HIS CA   C  N S 138 
HIS C    C  N N 139 
HIS O    O  N N 140 
HIS CB   C  N N 141 
HIS CG   C  Y N 142 
HIS ND1  N  Y N 143 
HIS CD2  C  Y N 144 
HIS CE1  C  Y N 145 
HIS NE2  N  Y N 146 
HIS OXT  O  N N 147 
HIS H    H  N N 148 
HIS H2   H  N N 149 
HIS HA   H  N N 150 
HIS HB2  H  N N 151 
HIS HB3  H  N N 152 
HIS HD1  H  N N 153 
HIS HD2  H  N N 154 
HIS HE1  H  N N 155 
HIS HE2  H  N N 156 
HIS HXT  H  N N 157 
HOH O    O  N N 158 
HOH H1   H  N N 159 
HOH H2   H  N N 160 
ILE N    N  N N 161 
ILE CA   C  N S 162 
ILE C    C  N N 163 
ILE O    O  N N 164 
ILE CB   C  N S 165 
ILE CG1  C  N N 166 
ILE CG2  C  N N 167 
ILE CD1  C  N N 168 
ILE OXT  O  N N 169 
ILE H    H  N N 170 
ILE H2   H  N N 171 
ILE HA   H  N N 172 
ILE HB   H  N N 173 
ILE HG12 H  N N 174 
ILE HG13 H  N N 175 
ILE HG21 H  N N 176 
ILE HG22 H  N N 177 
ILE HG23 H  N N 178 
ILE HD11 H  N N 179 
ILE HD12 H  N N 180 
ILE HD13 H  N N 181 
ILE HXT  H  N N 182 
LEU N    N  N N 183 
LEU CA   C  N S 184 
LEU C    C  N N 185 
LEU O    O  N N 186 
LEU CB   C  N N 187 
LEU CG   C  N N 188 
LEU CD1  C  N N 189 
LEU CD2  C  N N 190 
LEU OXT  O  N N 191 
LEU H    H  N N 192 
LEU H2   H  N N 193 
LEU HA   H  N N 194 
LEU HB2  H  N N 195 
LEU HB3  H  N N 196 
LEU HG   H  N N 197 
LEU HD11 H  N N 198 
LEU HD12 H  N N 199 
LEU HD13 H  N N 200 
LEU HD21 H  N N 201 
LEU HD22 H  N N 202 
LEU HD23 H  N N 203 
LEU HXT  H  N N 204 
LYS N    N  N N 205 
LYS CA   C  N S 206 
LYS C    C  N N 207 
LYS O    O  N N 208 
LYS CB   C  N N 209 
LYS CG   C  N N 210 
LYS CD   C  N N 211 
LYS CE   C  N N 212 
LYS NZ   N  N N 213 
LYS OXT  O  N N 214 
LYS H    H  N N 215 
LYS H2   H  N N 216 
LYS HA   H  N N 217 
LYS HB2  H  N N 218 
LYS HB3  H  N N 219 
LYS HG2  H  N N 220 
LYS HG3  H  N N 221 
LYS HD2  H  N N 222 
LYS HD3  H  N N 223 
LYS HE2  H  N N 224 
LYS HE3  H  N N 225 
LYS HZ1  H  N N 226 
LYS HZ2  H  N N 227 
LYS HZ3  H  N N 228 
LYS HXT  H  N N 229 
PHE N    N  N N 230 
PHE CA   C  N S 231 
PHE C    C  N N 232 
PHE O    O  N N 233 
PHE CB   C  N N 234 
PHE CG   C  Y N 235 
PHE CD1  C  Y N 236 
PHE CD2  C  Y N 237 
PHE CE1  C  Y N 238 
PHE CE2  C  Y N 239 
PHE CZ   C  Y N 240 
PHE OXT  O  N N 241 
PHE H    H  N N 242 
PHE H2   H  N N 243 
PHE HA   H  N N 244 
PHE HB2  H  N N 245 
PHE HB3  H  N N 246 
PHE HD1  H  N N 247 
PHE HD2  H  N N 248 
PHE HE1  H  N N 249 
PHE HE2  H  N N 250 
PHE HZ   H  N N 251 
PHE HXT  H  N N 252 
PRO N    N  N N 253 
PRO CA   C  N S 254 
PRO C    C  N N 255 
PRO O    O  N N 256 
PRO CB   C  N N 257 
PRO CG   C  N N 258 
PRO CD   C  N N 259 
PRO OXT  O  N N 260 
PRO H    H  N N 261 
PRO HA   H  N N 262 
PRO HB2  H  N N 263 
PRO HB3  H  N N 264 
PRO HG2  H  N N 265 
PRO HG3  H  N N 266 
PRO HD2  H  N N 267 
PRO HD3  H  N N 268 
PRO HXT  H  N N 269 
SER N    N  N N 270 
SER CA   C  N S 271 
SER C    C  N N 272 
SER O    O  N N 273 
SER CB   C  N N 274 
SER OG   O  N N 275 
SER OXT  O  N N 276 
SER H    H  N N 277 
SER H2   H  N N 278 
SER HA   H  N N 279 
SER HB2  H  N N 280 
SER HB3  H  N N 281 
SER HG   H  N N 282 
SER HXT  H  N N 283 
THR N    N  N N 284 
THR CA   C  N S 285 
THR C    C  N N 286 
THR O    O  N N 287 
THR CB   C  N R 288 
THR OG1  O  N N 289 
THR CG2  C  N N 290 
THR OXT  O  N N 291 
THR H    H  N N 292 
THR H2   H  N N 293 
THR HA   H  N N 294 
THR HB   H  N N 295 
THR HG1  H  N N 296 
THR HG21 H  N N 297 
THR HG22 H  N N 298 
THR HG23 H  N N 299 
THR HXT  H  N N 300 
TYR N    N  N N 301 
TYR CA   C  N S 302 
TYR C    C  N N 303 
TYR O    O  N N 304 
TYR CB   C  N N 305 
TYR CG   C  Y N 306 
TYR CD1  C  Y N 307 
TYR CD2  C  Y N 308 
TYR CE1  C  Y N 309 
TYR CE2  C  Y N 310 
TYR CZ   C  Y N 311 
TYR OH   O  N N 312 
TYR OXT  O  N N 313 
TYR H    H  N N 314 
TYR H2   H  N N 315 
TYR HA   H  N N 316 
TYR HB2  H  N N 317 
TYR HB3  H  N N 318 
TYR HD1  H  N N 319 
TYR HD2  H  N N 320 
TYR HE1  H  N N 321 
TYR HE2  H  N N 322 
TYR HH   H  N N 323 
TYR HXT  H  N N 324 
VAL N    N  N N 325 
VAL CA   C  N S 326 
VAL C    C  N N 327 
VAL O    O  N N 328 
VAL CB   C  N N 329 
VAL CG1  C  N N 330 
VAL CG2  C  N N 331 
VAL OXT  O  N N 332 
VAL H    H  N N 333 
VAL H2   H  N N 334 
VAL HA   H  N N 335 
VAL HB   H  N N 336 
VAL HG11 H  N N 337 
VAL HG12 H  N N 338 
VAL HG13 H  N N 339 
VAL HG21 H  N N 340 
VAL HG22 H  N N 341 
VAL HG23 H  N N 342 
VAL HXT  H  N N 343 
ZN  ZN   ZN N N 344 
# 
loop_
_chem_comp_bond.comp_id 
_chem_comp_bond.atom_id_1 
_chem_comp_bond.atom_id_2 
_chem_comp_bond.value_order 
_chem_comp_bond.pdbx_aromatic_flag 
_chem_comp_bond.pdbx_stereo_config 
_chem_comp_bond.pdbx_ordinal 
ALA N   CA   sing N N 1   
ALA N   H    sing N N 2   
ALA N   H2   sing N N 3   
ALA CA  C    sing N N 4   
ALA CA  CB   sing N N 5   
ALA CA  HA   sing N N 6   
ALA C   O    doub N N 7   
ALA C   OXT  sing N N 8   
ALA CB  HB1  sing N N 9   
ALA CB  HB2  sing N N 10  
ALA CB  HB3  sing N N 11  
ALA OXT HXT  sing N N 12  
ARG N   CA   sing N N 13  
ARG N   H    sing N N 14  
ARG N   H2   sing N N 15  
ARG CA  C    sing N N 16  
ARG CA  CB   sing N N 17  
ARG CA  HA   sing N N 18  
ARG C   O    doub N N 19  
ARG C   OXT  sing N N 20  
ARG CB  CG   sing N N 21  
ARG CB  HB2  sing N N 22  
ARG CB  HB3  sing N N 23  
ARG CG  CD   sing N N 24  
ARG CG  HG2  sing N N 25  
ARG CG  HG3  sing N N 26  
ARG CD  NE   sing N N 27  
ARG CD  HD2  sing N N 28  
ARG CD  HD3  sing N N 29  
ARG NE  CZ   sing N N 30  
ARG NE  HE   sing N N 31  
ARG CZ  NH1  sing N N 32  
ARG CZ  NH2  doub N N 33  
ARG NH1 HH11 sing N N 34  
ARG NH1 HH12 sing N N 35  
ARG NH2 HH21 sing N N 36  
ARG NH2 HH22 sing N N 37  
ARG OXT HXT  sing N N 38  
ASN N   CA   sing N N 39  
ASN N   H    sing N N 40  
ASN N   H2   sing N N 41  
ASN CA  C    sing N N 42  
ASN CA  CB   sing N N 43  
ASN CA  HA   sing N N 44  
ASN C   O    doub N N 45  
ASN C   OXT  sing N N 46  
ASN CB  CG   sing N N 47  
ASN CB  HB2  sing N N 48  
ASN CB  HB3  sing N N 49  
ASN CG  OD1  doub N N 50  
ASN CG  ND2  sing N N 51  
ASN ND2 HD21 sing N N 52  
ASN ND2 HD22 sing N N 53  
ASN OXT HXT  sing N N 54  
CRS C1  C2   doub Y N 55  
CRS C1  C6   sing Y N 56  
CRS C1  O1   sing N N 57  
CRS C2  C3   sing Y N 58  
CRS C2  H2   sing N N 59  
CRS C3  C4   doub Y N 60  
CRS C3  C7   sing N N 61  
CRS C4  C5   sing Y N 62  
CRS C4  H4   sing N N 63  
CRS C5  C6   doub Y N 64  
CRS C5  H5   sing N N 65  
CRS C6  H6   sing N N 66  
CRS C7  H71  sing N N 67  
CRS C7  H72  sing N N 68  
CRS C7  H73  sing N N 69  
CRS O1  HO1  sing N N 70  
CYS N   CA   sing N N 71  
CYS N   H    sing N N 72  
CYS N   H2   sing N N 73  
CYS CA  C    sing N N 74  
CYS CA  CB   sing N N 75  
CYS CA  HA   sing N N 76  
CYS C   O    doub N N 77  
CYS C   OXT  sing N N 78  
CYS CB  SG   sing N N 79  
CYS CB  HB2  sing N N 80  
CYS CB  HB3  sing N N 81  
CYS SG  HG   sing N N 82  
CYS OXT HXT  sing N N 83  
GLN N   CA   sing N N 84  
GLN N   H    sing N N 85  
GLN N   H2   sing N N 86  
GLN CA  C    sing N N 87  
GLN CA  CB   sing N N 88  
GLN CA  HA   sing N N 89  
GLN C   O    doub N N 90  
GLN C   OXT  sing N N 91  
GLN CB  CG   sing N N 92  
GLN CB  HB2  sing N N 93  
GLN CB  HB3  sing N N 94  
GLN CG  CD   sing N N 95  
GLN CG  HG2  sing N N 96  
GLN CG  HG3  sing N N 97  
GLN CD  OE1  doub N N 98  
GLN CD  NE2  sing N N 99  
GLN NE2 HE21 sing N N 100 
GLN NE2 HE22 sing N N 101 
GLN OXT HXT  sing N N 102 
GLU N   CA   sing N N 103 
GLU N   H    sing N N 104 
GLU N   H2   sing N N 105 
GLU CA  C    sing N N 106 
GLU CA  CB   sing N N 107 
GLU CA  HA   sing N N 108 
GLU C   O    doub N N 109 
GLU C   OXT  sing N N 110 
GLU CB  CG   sing N N 111 
GLU CB  HB2  sing N N 112 
GLU CB  HB3  sing N N 113 
GLU CG  CD   sing N N 114 
GLU CG  HG2  sing N N 115 
GLU CG  HG3  sing N N 116 
GLU CD  OE1  doub N N 117 
GLU CD  OE2  sing N N 118 
GLU OE2 HE2  sing N N 119 
GLU OXT HXT  sing N N 120 
GLY N   CA   sing N N 121 
GLY N   H    sing N N 122 
GLY N   H2   sing N N 123 
GLY CA  C    sing N N 124 
GLY CA  HA2  sing N N 125 
GLY CA  HA3  sing N N 126 
GLY C   O    doub N N 127 
GLY C   OXT  sing N N 128 
GLY OXT HXT  sing N N 129 
HIS N   CA   sing N N 130 
HIS N   H    sing N N 131 
HIS N   H2   sing N N 132 
HIS CA  C    sing N N 133 
HIS CA  CB   sing N N 134 
HIS CA  HA   sing N N 135 
HIS C   O    doub N N 136 
HIS C   OXT  sing N N 137 
HIS CB  CG   sing N N 138 
HIS CB  HB2  sing N N 139 
HIS CB  HB3  sing N N 140 
HIS CG  ND1  sing Y N 141 
HIS CG  CD2  doub Y N 142 
HIS ND1 CE1  doub Y N 143 
HIS ND1 HD1  sing N N 144 
HIS CD2 NE2  sing Y N 145 
HIS CD2 HD2  sing N N 146 
HIS CE1 NE2  sing Y N 147 
HIS CE1 HE1  sing N N 148 
HIS NE2 HE2  sing N N 149 
HIS OXT HXT  sing N N 150 
HOH O   H1   sing N N 151 
HOH O   H2   sing N N 152 
ILE N   CA   sing N N 153 
ILE N   H    sing N N 154 
ILE N   H2   sing N N 155 
ILE CA  C    sing N N 156 
ILE CA  CB   sing N N 157 
ILE CA  HA   sing N N 158 
ILE C   O    doub N N 159 
ILE C   OXT  sing N N 160 
ILE CB  CG1  sing N N 161 
ILE CB  CG2  sing N N 162 
ILE CB  HB   sing N N 163 
ILE CG1 CD1  sing N N 164 
ILE CG1 HG12 sing N N 165 
ILE CG1 HG13 sing N N 166 
ILE CG2 HG21 sing N N 167 
ILE CG2 HG22 sing N N 168 
ILE CG2 HG23 sing N N 169 
ILE CD1 HD11 sing N N 170 
ILE CD1 HD12 sing N N 171 
ILE CD1 HD13 sing N N 172 
ILE OXT HXT  sing N N 173 
LEU N   CA   sing N N 174 
LEU N   H    sing N N 175 
LEU N   H2   sing N N 176 
LEU CA  C    sing N N 177 
LEU CA  CB   sing N N 178 
LEU CA  HA   sing N N 179 
LEU C   O    doub N N 180 
LEU C   OXT  sing N N 181 
LEU CB  CG   sing N N 182 
LEU CB  HB2  sing N N 183 
LEU CB  HB3  sing N N 184 
LEU CG  CD1  sing N N 185 
LEU CG  CD2  sing N N 186 
LEU CG  HG   sing N N 187 
LEU CD1 HD11 sing N N 188 
LEU CD1 HD12 sing N N 189 
LEU CD1 HD13 sing N N 190 
LEU CD2 HD21 sing N N 191 
LEU CD2 HD22 sing N N 192 
LEU CD2 HD23 sing N N 193 
LEU OXT HXT  sing N N 194 
LYS N   CA   sing N N 195 
LYS N   H    sing N N 196 
LYS N   H2   sing N N 197 
LYS CA  C    sing N N 198 
LYS CA  CB   sing N N 199 
LYS CA  HA   sing N N 200 
LYS C   O    doub N N 201 
LYS C   OXT  sing N N 202 
LYS CB  CG   sing N N 203 
LYS CB  HB2  sing N N 204 
LYS CB  HB3  sing N N 205 
LYS CG  CD   sing N N 206 
LYS CG  HG2  sing N N 207 
LYS CG  HG3  sing N N 208 
LYS CD  CE   sing N N 209 
LYS CD  HD2  sing N N 210 
LYS CD  HD3  sing N N 211 
LYS CE  NZ   sing N N 212 
LYS CE  HE2  sing N N 213 
LYS CE  HE3  sing N N 214 
LYS NZ  HZ1  sing N N 215 
LYS NZ  HZ2  sing N N 216 
LYS NZ  HZ3  sing N N 217 
LYS OXT HXT  sing N N 218 
PHE N   CA   sing N N 219 
PHE N   H    sing N N 220 
PHE N   H2   sing N N 221 
PHE CA  C    sing N N 222 
PHE CA  CB   sing N N 223 
PHE CA  HA   sing N N 224 
PHE C   O    doub N N 225 
PHE C   OXT  sing N N 226 
PHE CB  CG   sing N N 227 
PHE CB  HB2  sing N N 228 
PHE CB  HB3  sing N N 229 
PHE CG  CD1  doub Y N 230 
PHE CG  CD2  sing Y N 231 
PHE CD1 CE1  sing Y N 232 
PHE CD1 HD1  sing N N 233 
PHE CD2 CE2  doub Y N 234 
PHE CD2 HD2  sing N N 235 
PHE CE1 CZ   doub Y N 236 
PHE CE1 HE1  sing N N 237 
PHE CE2 CZ   sing Y N 238 
PHE CE2 HE2  sing N N 239 
PHE CZ  HZ   sing N N 240 
PHE OXT HXT  sing N N 241 
PRO N   CA   sing N N 242 
PRO N   CD   sing N N 243 
PRO N   H    sing N N 244 
PRO CA  C    sing N N 245 
PRO CA  CB   sing N N 246 
PRO CA  HA   sing N N 247 
PRO C   O    doub N N 248 
PRO C   OXT  sing N N 249 
PRO CB  CG   sing N N 250 
PRO CB  HB2  sing N N 251 
PRO CB  HB3  sing N N 252 
PRO CG  CD   sing N N 253 
PRO CG  HG2  sing N N 254 
PRO CG  HG3  sing N N 255 
PRO CD  HD2  sing N N 256 
PRO CD  HD3  sing N N 257 
PRO OXT HXT  sing N N 258 
SER N   CA   sing N N 259 
SER N   H    sing N N 260 
SER N   H2   sing N N 261 
SER CA  C    sing N N 262 
SER CA  CB   sing N N 263 
SER CA  HA   sing N N 264 
SER C   O    doub N N 265 
SER C   OXT  sing N N 266 
SER CB  OG   sing N N 267 
SER CB  HB2  sing N N 268 
SER CB  HB3  sing N N 269 
SER OG  HG   sing N N 270 
SER OXT HXT  sing N N 271 
THR N   CA   sing N N 272 
THR N   H    sing N N 273 
THR N   H2   sing N N 274 
THR CA  C    sing N N 275 
THR CA  CB   sing N N 276 
THR CA  HA   sing N N 277 
THR C   O    doub N N 278 
THR C   OXT  sing N N 279 
THR CB  OG1  sing N N 280 
THR CB  CG2  sing N N 281 
THR CB  HB   sing N N 282 
THR OG1 HG1  sing N N 283 
THR CG2 HG21 sing N N 284 
THR CG2 HG22 sing N N 285 
THR CG2 HG23 sing N N 286 
THR OXT HXT  sing N N 287 
TYR N   CA   sing N N 288 
TYR N   H    sing N N 289 
TYR N   H2   sing N N 290 
TYR CA  C    sing N N 291 
TYR CA  CB   sing N N 292 
TYR CA  HA   sing N N 293 
TYR C   O    doub N N 294 
TYR C   OXT  sing N N 295 
TYR CB  CG   sing N N 296 
TYR CB  HB2  sing N N 297 
TYR CB  HB3  sing N N 298 
TYR CG  CD1  doub Y N 299 
TYR CG  CD2  sing Y N 300 
TYR CD1 CE1  sing Y N 301 
TYR CD1 HD1  sing N N 302 
TYR CD2 CE2  doub Y N 303 
TYR CD2 HD2  sing N N 304 
TYR CE1 CZ   doub Y N 305 
TYR CE1 HE1  sing N N 306 
TYR CE2 CZ   sing Y N 307 
TYR CE2 HE2  sing N N 308 
TYR CZ  OH   sing N N 309 
TYR OH  HH   sing N N 310 
TYR OXT HXT  sing N N 311 
VAL N   CA   sing N N 312 
VAL N   H    sing N N 313 
VAL N   H2   sing N N 314 
VAL CA  C    sing N N 315 
VAL CA  CB   sing N N 316 
VAL CA  HA   sing N N 317 
VAL C   O    doub N N 318 
VAL C   OXT  sing N N 319 
VAL CB  CG1  sing N N 320 
VAL CB  CG2  sing N N 321 
VAL CB  HB   sing N N 322 
VAL CG1 HG11 sing N N 323 
VAL CG1 HG12 sing N N 324 
VAL CG1 HG13 sing N N 325 
VAL CG2 HG21 sing N N 326 
VAL CG2 HG22 sing N N 327 
VAL CG2 HG23 sing N N 328 
VAL OXT HXT  sing N N 329 
# 
_atom_sites.entry_id                    7INS 
_atom_sites.fract_transf_matrix[1][1]   -0.00586328 
_atom_sites.fract_transf_matrix[1][2]   0.00336565 
_atom_sites.fract_transf_matrix[1][3]   0.01438891 
_atom_sites.fract_transf_matrix[2][1]   0.01477330 
_atom_sites.fract_transf_matrix[2][2]   0.00169488 
_atom_sites.fract_transf_matrix[2][3]   0.00562347 
_atom_sites.fract_transf_matrix[3][1]   -0.00025152 
_atom_sites.fract_transf_matrix[3][2]   0.01130926 
_atom_sites.fract_transf_matrix[3][3]   -0.00274779 
_atom_sites.fract_transf_vector[1]      0.488357 
_atom_sites.fract_transf_vector[2]      0.371799 
_atom_sites.fract_transf_vector[3]      0.055690 
# 
loop_
_atom_sites_footnote.id 
_atom_sites_footnote.text 
1 'GLY G 21 - GLY G 22 OMEGA ANGLE = 149.010 PEPTIDE BOND DEVIATES SIGNIFICANTLY FROM TRANS CONFORMATION' 
2 'LYS G 33 - GLY G 35 OMEGA ANGLE = 303.917 PEPTIDE BOND DEVIATES SIGNIFICANTLY FROM TRANS CONFORMATION' 
# 
loop_
_atom_type.symbol 
C  
N  
O  
S  
ZN 
# 
loop_
_atom_site.group_PDB 
_atom_site.id 
_atom_site.type_symbol 
_atom_site.label_atom_id 
_atom_site.label_alt_id 
_atom_site.label_comp_id 
_atom_site.label_asym_id 
_atom_site.label_entity_id 
_atom_site.label_seq_id 
_atom_site.pdbx_PDB_ins_code 
_atom_site.Cartn_x 
_atom_site.Cartn_y 
_atom_site.Cartn_z 
_atom_site.occupancy 
_atom_site.B_iso_or_equiv 
_atom_site.pdbx_formal_charge 
_atom_site.auth_seq_id 
_atom_site.auth_comp_id 
_atom_site.auth_asym_id 
_atom_site.auth_atom_id 
_atom_site.pdbx_PDB_model_num 
ATOM   1    N  N   . GLY A 1 1  ? 3.829   10.024  16.553  1.00 38.18 ? 1   GLY A N   1 
ATOM   2    C  CA  . GLY A 1 1  ? 3.387   10.857  15.430  1.00 30.05 ? 1   GLY A CA  1 
ATOM   3    C  C   . GLY A 1 1  ? 4.088   10.406  14.155  1.00 48.16 ? 1   GLY A C   1 
ATOM   4    O  O   . GLY A 1 1  ? 4.263   11.361  13.312  1.00 28.46 ? 1   GLY A O   1 
ATOM   5    N  N   . ILE A 1 2  ? 4.482   9.106   13.999  1.00 24.01 ? 2   ILE A N   1 
ATOM   6    C  CA  . ILE A 1 2  ? 5.141   8.943   12.623  1.00 33.64 ? 2   ILE A CA  1 
ATOM   7    C  C   . ILE A 1 2  ? 4.077   9.148   11.484  1.00 28.50 ? 2   ILE A C   1 
ATOM   8    O  O   . ILE A 1 2  ? 4.072   9.714   10.329  1.00 26.35 ? 2   ILE A O   1 
ATOM   9    C  CB  . ILE A 1 2  ? 5.875   7.603   12.290  1.00 41.05 ? 2   ILE A CB  1 
ATOM   10   C  CG1 . ILE A 1 2  ? 6.384   7.813   10.828  1.00 22.85 ? 2   ILE A CG1 1 
ATOM   11   C  CG2 . ILE A 1 2  ? 5.036   6.292   12.464  1.00 27.31 ? 2   ILE A CG2 1 
ATOM   12   C  CD1 . ILE A 1 2  ? 7.697   7.062   10.548  1.00 27.48 ? 2   ILE A CD1 1 
ATOM   13   N  N   . VAL A 1 3  ? 3.013   8.491   11.966  1.00 17.78 ? 3   VAL A N   1 
ATOM   14   C  CA  . VAL A 1 3  ? 1.764   8.375   11.226  1.00 64.30 ? 3   VAL A CA  1 
ATOM   15   C  C   . VAL A 1 3  ? 1.098   9.730   10.989  1.00 29.38 ? 3   VAL A C   1 
ATOM   16   O  O   . VAL A 1 3  ? 0.566   10.093  9.935   1.00 24.88 ? 3   VAL A O   1 
ATOM   17   C  CB  . VAL A 1 3  ? 0.940   7.317   12.045  1.00 24.74 ? 3   VAL A CB  1 
ATOM   18   C  CG1 . VAL A 1 3  ? -0.541  7.506   11.629  1.00 27.34 ? 3   VAL A CG1 1 
ATOM   19   C  CG2 . VAL A 1 3  ? 1.660   5.998   11.867  1.00 41.83 ? 3   VAL A CG2 1 
ATOM   20   N  N   . GLU A 1 4  ? 1.084   10.467  12.078  1.00 27.06 ? 4   GLU A N   1 
ATOM   21   C  CA  . GLU A 1 4  ? 0.379   11.779  11.885  1.00 45.72 ? 4   GLU A CA  1 
ATOM   22   C  C   . GLU A 1 4  ? 1.281   12.609  11.002  1.00 30.76 ? 4   GLU A C   1 
ATOM   23   O  O   . GLU A 1 4  ? 0.915   13.345  10.059  1.00 37.50 ? 4   GLU A O   1 
ATOM   24   C  CB  . GLU A 1 4  ? -0.151  12.186  13.236  1.00 69.09 ? 4   GLU A CB  1 
ATOM   25   C  CG  A GLU A 1 4  ? 0.832   12.149  14.403  0.50 47.15 ? 4   GLU A CG  1 
ATOM   26   C  CG  B GLU A 1 4  ? -0.120  11.556  14.398  0.50 30.77 ? 4   GLU A CG  1 
ATOM   27   C  CD  A GLU A 1 4  ? 0.183   12.907  15.540  0.50 32.19 ? 4   GLU A CD  1 
ATOM   28   C  CD  B GLU A 1 4  ? -0.661  10.366  15.067  0.50 16.23 ? 4   GLU A CD  1 
ATOM   29   O  OE1 A GLU A 1 4  ? -0.831  12.445  16.030  0.50 26.94 ? 4   GLU A OE1 1 
ATOM   30   O  OE1 B GLU A 1 4  ? -0.510  9.157   14.942  0.50 25.05 ? 4   GLU A OE1 1 
ATOM   31   O  OE2 A GLU A 1 4  ? 0.832   13.957  15.768  0.50 24.65 ? 4   GLU A OE2 1 
ATOM   32   O  OE2 B GLU A 1 4  ? -1.440  10.566  16.017  0.50 29.63 ? 4   GLU A OE2 1 
ATOM   33   N  N   . GLN A 1 5  ? 2.569   12.496  11.261  1.00 40.45 ? 5   GLN A N   1 
ATOM   34   C  CA  . GLN A 1 5  ? 3.557   13.252  10.445  1.00 28.98 ? 5   GLN A CA  1 
ATOM   35   C  C   . GLN A 1 5  ? 3.520   12.721  8.998   1.00 40.62 ? 5   GLN A C   1 
ATOM   36   O  O   . GLN A 1 5  ? 3.428   13.658  8.188   1.00 29.18 ? 5   GLN A O   1 
ATOM   37   C  CB  . GLN A 1 5  ? 4.870   12.977  11.079  1.00 25.48 ? 5   GLN A CB  1 
ATOM   38   C  CG  . GLN A 1 5  ? 5.992   13.645  11.706  1.00 60.66 ? 5   GLN A CG  1 
ATOM   39   C  CD  . GLN A 1 5  ? 5.719   13.917  13.196  1.00 71.75 ? 5   GLN A CD  1 
ATOM   40   O  OE1 . GLN A 1 5  ? 4.753   14.658  13.533  1.00 56.39 ? 5   GLN A OE1 1 
ATOM   41   N  NE2 . GLN A 1 5  ? 6.642   13.234  13.921  1.00 54.79 ? 5   GLN A NE2 1 
ATOM   42   N  N   . CYS A 1 6  ? 3.668   11.365  8.777   1.00 38.06 ? 6   CYS A N   1 
ATOM   43   C  CA  . CYS A 1 6  ? 3.712   10.944  7.377   1.00 14.32 ? 6   CYS A CA  1 
ATOM   44   C  C   . CYS A 1 6  ? 2.439   10.426  6.807   1.00 13.11 ? 6   CYS A C   1 
ATOM   45   O  O   . CYS A 1 6  ? 2.606   10.072  5.662   1.00 11.83 ? 6   CYS A O   1 
ATOM   46   C  CB  . CYS A 1 6  ? 4.838   9.992   7.092   1.00 8.93  ? 6   CYS A CB  1 
ATOM   47   S  SG  . CYS A 1 6  ? 6.320   10.921  7.707   1.00 22.74 ? 6   CYS A SG  1 
ATOM   48   N  N   . CYS A 1 7  ? 1.287   10.338  7.365   1.00 18.64 ? 7   CYS A N   1 
ATOM   49   C  CA  . CYS A 1 7  ? 0.192   9.743   6.635   1.00 17.60 ? 7   CYS A CA  1 
ATOM   50   C  C   . CYS A 1 7  ? -0.712  10.883  6.293   1.00 25.30 ? 7   CYS A C   1 
ATOM   51   O  O   . CYS A 1 7  ? -1.686  10.684  5.545   1.00 20.04 ? 7   CYS A O   1 
ATOM   52   C  CB  . CYS A 1 7  ? -0.516  8.611   7.435   1.00 13.02 ? 7   CYS A CB  1 
ATOM   53   S  SG  . CYS A 1 7  ? 0.619   7.202   7.809   1.00 17.80 ? 7   CYS A SG  1 
ATOM   54   N  N   . THR A 1 8  ? -0.368  12.039  6.833   1.00 26.16 ? 8   THR A N   1 
ATOM   55   C  CA  . THR A 1 8  ? -1.387  13.148  6.492   1.00 25.18 ? 8   THR A CA  1 
ATOM   56   C  C   . THR A 1 8  ? -0.884  13.978  5.363   1.00 34.39 ? 8   THR A C   1 
ATOM   57   O  O   . THR A 1 8  ? -1.808  14.532  4.781   1.00 59.67 ? 8   THR A O   1 
ATOM   58   C  CB  . THR A 1 8  ? -1.796  13.961  7.741   1.00 27.26 ? 8   THR A CB  1 
ATOM   59   O  OG1 . THR A 1 8  ? -0.509  14.223  8.400   1.00 24.96 ? 8   THR A OG1 1 
ATOM   60   C  CG2 . THR A 1 8  ? -2.672  13.019  8.601   1.00 21.14 ? 8   THR A CG2 1 
ATOM   61   N  N   . SER A 1 9  ? 0.439   13.915  5.246   1.00 20.00 ? 9   SER A N   1 
ATOM   62   C  CA  . SER A 1 9  ? 1.098   14.663  4.139   1.00 21.92 ? 9   SER A CA  1 
ATOM   63   C  C   . SER A 1 9  ? 2.312   13.848  3.766   1.00 21.48 ? 9   SER A C   1 
ATOM   64   O  O   . SER A 1 9  ? 2.758   13.129  4.695   1.00 27.16 ? 9   SER A O   1 
ATOM   65   C  CB  . SER A 1 9  ? 1.563   16.046  4.642   1.00 43.76 ? 9   SER A CB  1 
ATOM   66   O  OG  . SER A 1 9  ? 2.693   15.710  5.496   1.00 43.86 ? 9   SER A OG  1 
ATOM   67   N  N   . ILE A 1 10 ? 2.842   13.929  2.562   1.00 27.81 ? 10  ILE A N   1 
ATOM   68   C  CA  . ILE A 1 10 ? 3.997   13.086  2.247   1.00 12.55 ? 10  ILE A CA  1 
ATOM   69   C  C   . ILE A 1 10 ? 5.341   13.458  2.873   1.00 19.90 ? 10  ILE A C   1 
ATOM   70   O  O   . ILE A 1 10 ? 5.726   14.638  2.910   1.00 29.54 ? 10  ILE A O   1 
ATOM   71   C  CB  . ILE A 1 10 ? 4.074   12.875  0.681   1.00 21.45 ? 10  ILE A CB  1 
ATOM   72   C  CG1 . ILE A 1 10 ? 2.908   12.556  0.016   0.00 30.00 ? 10  ILE A CG1 1 
ATOM   73   C  CG2 . ILE A 1 10 ? 5.303   12.151  0.575   0.00 30.00 ? 10  ILE A CG2 1 
ATOM   74   C  CD1 . ILE A 1 10 ? 3.530   11.228  -0.633  0.00 30.00 ? 10  ILE A CD1 1 
ATOM   75   N  N   . CYS A 1 11 ? 6.091   12.448  3.383   1.00 26.20 ? 11  CYS A N   1 
ATOM   76   C  CA  . CYS A 1 11 ? 7.424   12.489  3.956   1.00 31.34 ? 11  CYS A CA  1 
ATOM   77   C  C   . CYS A 1 11 ? 8.440   12.088  2.851   1.00 23.33 ? 11  CYS A C   1 
ATOM   78   O  O   . CYS A 1 11 ? 8.181   11.223  2.056   1.00 26.17 ? 11  CYS A O   1 
ATOM   79   C  CB  . CYS A 1 11 ? 7.692   11.678  5.239   1.00 19.93 ? 11  CYS A CB  1 
ATOM   80   S  SG  . CYS A 1 11 ? 6.594   12.371  6.495   1.00 18.79 ? 11  CYS A SG  1 
ATOM   81   N  N   . SER A 1 12 ? 9.602   12.735  2.870   1.00 18.36 ? 12  SER A N   1 
ATOM   82   C  CA  . SER A 1 12 ? 10.730  12.618  2.059   1.00 19.81 ? 12  SER A CA  1 
ATOM   83   C  C   . SER A 1 12 ? 11.633  11.566  2.780   1.00 10.31 ? 12  SER A C   1 
ATOM   84   O  O   . SER A 1 12 ? 11.500  11.300  3.967   1.00 29.61 ? 12  SER A O   1 
ATOM   85   C  CB  . SER A 1 12 ? 11.656  13.883  1.972   1.00 17.97 ? 12  SER A CB  1 
ATOM   86   O  OG  . SER A 1 12 ? 12.120  13.929  3.304   1.00 22.36 ? 12  SER A OG  1 
ATOM   87   N  N   . LEU A 1 13 ? 12.460  11.067  1.897   1.00 26.25 ? 13  LEU A N   1 
ATOM   88   C  CA  . LEU A 1 13 ? 13.376  9.985   2.397   1.00 13.03 ? 13  LEU A CA  1 
ATOM   89   C  C   . LEU A 1 13 ? 14.085  10.596  3.545   1.00 13.59 ? 13  LEU A C   1 
ATOM   90   O  O   . LEU A 1 13 ? 14.311  9.933   4.572   1.00 30.78 ? 13  LEU A O   1 
ATOM   91   C  CB  . LEU A 1 13 ? 14.033  9.491   1.114   1.00 17.01 ? 13  LEU A CB  1 
ATOM   92   C  CG  . LEU A 1 13 ? 13.398  8.153   0.660   1.00 23.42 ? 13  LEU A CG  1 
ATOM   93   C  CD1 . LEU A 1 13 ? 11.914  8.002   0.541   1.00 30.14 ? 13  LEU A CD1 1 
ATOM   94   C  CD2 . LEU A 1 13 ? 13.951  7.720   -0.668  1.00 24.23 ? 13  LEU A CD2 1 
ATOM   95   N  N   . TYR A 1 14 ? 14.338  11.879  3.232   1.00 29.64 ? 14  TYR A N   1 
ATOM   96   C  CA  . TYR A 1 14 ? 15.141  12.631  4.271   1.00 27.19 ? 14  TYR A CA  1 
ATOM   97   C  C   . TYR A 1 14 ? 14.343  12.792  5.543   1.00 26.92 ? 14  TYR A C   1 
ATOM   98   O  O   . TYR A 1 14 ? 15.069  12.498  6.503   1.00 33.87 ? 14  TYR A O   1 
ATOM   99   C  CB  . TYR A 1 14 ? 15.828  13.969  3.867   1.00 26.05 ? 14  TYR A CB  1 
ATOM   100  C  CG  . TYR A 1 14 ? 16.383  13.522  2.513   1.00 65.79 ? 14  TYR A CG  1 
ATOM   101  C  CD1 . TYR A 1 14 ? 15.596  13.004  1.468   0.50 28.26 ? 14  TYR A CD1 1 
ATOM   102  C  CD2 . TYR A 1 14 ? 17.767  13.580  2.377   0.50 44.52 ? 14  TYR A CD2 1 
ATOM   103  C  CE1 . TYR A 1 14 ? 16.173  12.608  0.267   0.50 39.73 ? 14  TYR A CE1 1 
ATOM   104  C  CE2 . TYR A 1 14 ? 18.365  13.187  1.178   0.50 52.03 ? 14  TYR A CE2 1 
ATOM   105  C  CZ  . TYR A 1 14 ? 17.571  12.703  0.133   0.50 48.32 ? 14  TYR A CZ  1 
ATOM   106  O  OH  . TYR A 1 14 ? 18.338  12.370  -0.949  0.50 46.62 ? 14  TYR A OH  1 
ATOM   107  N  N   . GLN A 1 15 ? 13.080  13.202  5.598   1.00 18.44 ? 15  GLN A N   1 
ATOM   108  C  CA  . GLN A 1 15 ? 12.517  13.189  6.959   1.00 9.62  ? 15  GLN A CA  1 
ATOM   109  C  C   . GLN A 1 15 ? 12.556  11.746  7.491   1.00 24.67 ? 15  GLN A C   1 
ATOM   110  O  O   . GLN A 1 15 ? 12.639  11.634  8.732   1.00 30.07 ? 15  GLN A O   1 
ATOM   111  C  CB  . GLN A 1 15 ? 11.096  13.688  6.819   1.00 15.01 ? 15  GLN A CB  1 
ATOM   112  C  CG  . GLN A 1 15 ? 11.104  14.668  5.609   1.00 34.01 ? 15  GLN A CG  1 
ATOM   113  C  CD  . GLN A 1 15 ? 9.720   15.318  5.502   1.00 44.51 ? 15  GLN A CD  1 
ATOM   114  O  OE1 . GLN A 1 15 ? 9.037   15.716  4.552   1.00 30.55 ? 15  GLN A OE1 1 
ATOM   115  N  NE2 . GLN A 1 15 ? 9.263   15.387  6.766   1.00 40.50 ? 15  GLN A NE2 1 
ATOM   116  N  N   . LEU A 1 16 ? 12.445  10.759  6.546   1.00 20.28 ? 16  LEU A N   1 
ATOM   117  C  CA  . LEU A 1 16 ? 12.401  9.369   7.036   1.00 21.68 ? 16  LEU A CA  1 
ATOM   118  C  C   . LEU A 1 16 ? 13.592  8.870   7.800   1.00 27.39 ? 16  LEU A C   1 
ATOM   119  O  O   . LEU A 1 16 ? 13.482  7.958   8.711   1.00 29.54 ? 16  LEU A O   1 
ATOM   120  C  CB  . LEU A 1 16 ? 11.931  8.508   5.833   1.00 14.10 ? 16  LEU A CB  1 
ATOM   121  C  CG  . LEU A 1 16 ? 10.432  8.500   5.590   1.00 34.28 ? 16  LEU A CG  1 
ATOM   122  C  CD1 . LEU A 1 16 ? 10.304  7.233   4.756   1.00 33.87 ? 16  LEU A CD1 1 
ATOM   123  C  CD2 . LEU A 1 16 ? 9.570   8.460   6.866   1.00 16.99 ? 16  LEU A CD2 1 
ATOM   124  N  N   . GLU A 1 17 ? 14.751  9.387   7.485   1.00 25.01 ? 17  GLU A N   1 
ATOM   125  C  CA  . GLU A 1 17 ? 15.981  8.981   8.223   1.00 23.01 ? 17  GLU A CA  1 
ATOM   126  C  C   . GLU A 1 17 ? 16.046  9.186   9.735   1.00 17.96 ? 17  GLU A C   1 
ATOM   127  O  O   . GLU A 1 17 ? 16.844  8.546   10.458  1.00 52.08 ? 17  GLU A O   1 
ATOM   128  C  CB  . GLU A 1 17 ? 17.211  9.748   7.723   1.00 23.33 ? 17  GLU A CB  1 
ATOM   129  C  CG  . GLU A 1 17 ? 17.307  9.357   6.243   1.00 26.33 ? 17  GLU A CG  1 
ATOM   130  C  CD  . GLU A 1 17 ? 18.699  9.740   5.740   1.00 71.75 ? 17  GLU A CD  1 
ATOM   131  O  OE1 . GLU A 1 17 ? 19.471  8.829   6.179   1.00 58.55 ? 17  GLU A OE1 1 
ATOM   132  O  OE2 . GLU A 1 17 ? 18.898  10.778  5.096   1.00 60.34 ? 17  GLU A OE2 1 
ATOM   133  N  N   . ASN A 1 18 ? 15.072  10.012  10.140  1.00 20.24 ? 18  ASN A N   1 
ATOM   134  C  CA  . ASN A 1 18 ? 15.047  10.351  11.587  1.00 31.68 ? 18  ASN A CA  1 
ATOM   135  C  C   . ASN A 1 18 ? 14.485  9.279   12.450  1.00 31.74 ? 18  ASN A C   1 
ATOM   136  O  O   . ASN A 1 18 ? 14.685  9.283   13.699  1.00 42.83 ? 18  ASN A O   1 
ATOM   137  C  CB  . ASN A 1 18 ? 14.442  11.766  11.614  1.00 71.75 ? 18  ASN A CB  1 
ATOM   138  C  CG  . ASN A 1 18 ? 15.324  12.788  10.876  1.00 71.75 ? 18  ASN A CG  1 
ATOM   139  O  OD1 . ASN A 1 18 ? 16.573  12.680  10.700  1.00 68.05 ? 18  ASN A OD1 1 
ATOM   140  N  ND2 . ASN A 1 18 ? 14.649  13.862  10.408  1.00 39.43 ? 18  ASN A ND2 1 
ATOM   141  N  N   . TYR A 1 19 ? 13.812  8.309   11.853  1.00 43.41 ? 19  TYR A N   1 
ATOM   142  C  CA  . TYR A 1 19 ? 13.183  7.232   12.669  1.00 56.41 ? 19  TYR A CA  1 
ATOM   143  C  C   . TYR A 1 19 ? 14.062  5.995   12.598  1.00 20.65 ? 19  TYR A C   1 
ATOM   144  O  O   . TYR A 1 19 ? 13.630  4.862   12.867  1.00 37.75 ? 19  TYR A O   1 
ATOM   145  C  CB  . TYR A 1 19 ? 11.748  7.048   12.160  1.00 52.02 ? 19  TYR A CB  1 
ATOM   146  C  CG  . TYR A 1 19 ? 10.808  8.232   12.178  1.00 50.48 ? 19  TYR A CG  1 
ATOM   147  C  CD1 . TYR A 1 19 ? 10.029  8.450   13.285  1.00 20.89 ? 19  TYR A CD1 1 
ATOM   148  C  CD2 . TYR A 1 19 ? 10.580  9.159   11.172  1.00 36.11 ? 19  TYR A CD2 1 
ATOM   149  C  CE1 . TYR A 1 19 ? 9.121   9.511   13.380  1.00 19.81 ? 19  TYR A CE1 1 
ATOM   150  C  CE2 . TYR A 1 19 ? 9.681   10.219  11.264  1.00 26.03 ? 19  TYR A CE2 1 
ATOM   151  C  CZ  . TYR A 1 19 ? 8.939   10.439  12.396  1.00 26.39 ? 19  TYR A CZ  1 
ATOM   152  O  OH  . TYR A 1 19 ? 8.032   11.441  12.622  1.00 43.31 ? 19  TYR A OH  1 
ATOM   153  N  N   . CYS A 1 20 ? 15.284  6.263   12.062  1.00 17.22 ? 20  CYS A N   1 
ATOM   154  C  CA  . CYS A 1 20 ? 16.269  5.168   11.908  1.00 35.17 ? 20  CYS A CA  1 
ATOM   155  C  C   . CYS A 1 20 ? 16.950  5.155   13.306  1.00 42.86 ? 20  CYS A C   1 
ATOM   156  O  O   . CYS A 1 20 ? 16.817  6.104   14.133  1.00 34.19 ? 20  CYS A O   1 
ATOM   157  C  CB  . CYS A 1 20 ? 17.285  5.341   10.819  1.00 21.31 ? 20  CYS A CB  1 
ATOM   158  S  SG  . CYS A 1 20 ? 16.859  5.595   9.055   1.00 25.69 ? 20  CYS A SG  1 
ATOM   159  N  N   . ASN A 1 21 ? 17.626  4.054   13.485  1.00 43.81 ? 21  ASN A N   1 
ATOM   160  C  CA  . ASN A 1 21 ? 18.457  3.722   14.649  1.00 45.93 ? 21  ASN A CA  1 
ATOM   161  C  C   . ASN A 1 21 ? 19.879  4.310   14.492  1.00 42.25 ? 21  ASN A C   1 
ATOM   162  O  O   . ASN A 1 21 ? 20.557  4.356   15.555  1.00 55.01 ? 21  ASN A O   1 
ATOM   163  C  CB  . ASN A 1 21 ? 18.843  2.210   14.760  1.00 30.97 ? 21  ASN A CB  1 
ATOM   164  C  CG  . ASN A 1 21 ? 17.794  1.460   15.533  1.00 39.39 ? 21  ASN A CG  1 
ATOM   165  O  OD1 . ASN A 1 21 ? 17.236  2.175   16.398  1.00 57.75 ? 21  ASN A OD1 1 
ATOM   166  N  ND2 . ASN A 1 21 ? 17.709  0.205   15.091  1.00 38.48 ? 21  ASN A ND2 1 
ATOM   167  O  OXT . ASN A 1 21 ? 20.376  4.579   13.381  1.00 55.01 ? 21  ASN A OXT 1 
ATOM   168  N  N   . PHE B 2 1  ? -9.833  2.486   10.259  1.00 65.94 ? 1   PHE B N   1 
ATOM   169  C  CA  . PHE B 2 1  ? -8.472  2.965   10.446  1.00 14.07 ? 1   PHE B CA  1 
ATOM   170  C  C   . PHE B 2 1  ? -7.507  1.928   9.744   1.00 19.30 ? 1   PHE B C   1 
ATOM   171  O  O   . PHE B 2 1  ? -6.341  1.849   10.197  1.00 17.52 ? 1   PHE B O   1 
ATOM   172  C  CB  . PHE B 2 1  ? -7.838  3.323   11.734  1.00 35.66 ? 1   PHE B CB  1 
ATOM   173  C  CG  . PHE B 2 1  ? -7.908  2.066   12.574  1.00 22.77 ? 1   PHE B CG  1 
ATOM   174  C  CD1 . PHE B 2 1  ? -8.963  1.155   12.327  1.00 36.21 ? 1   PHE B CD1 1 
ATOM   175  C  CD2 . PHE B 2 1  ? -7.042  1.923   13.672  1.00 54.21 ? 1   PHE B CD2 1 
ATOM   176  C  CE1 . PHE B 2 1  ? -9.126  0.046   13.156  1.00 53.91 ? 1   PHE B CE1 1 
ATOM   177  C  CE2 . PHE B 2 1  ? -7.208  0.795   14.482  1.00 71.75 ? 1   PHE B CE2 1 
ATOM   178  C  CZ  . PHE B 2 1  ? -8.226  -0.151  14.232  1.00 70.27 ? 1   PHE B CZ  1 
ATOM   179  N  N   . VAL B 2 2  ? -8.291  1.451   8.743   1.00 19.11 ? 2   VAL B N   1 
ATOM   180  C  CA  . VAL B 2 2  ? -7.540  0.614   7.799   1.00 20.16 ? 2   VAL B CA  1 
ATOM   181  C  C   . VAL B 2 2  ? -6.634  1.653   7.078   1.00 25.30 ? 2   VAL B C   1 
ATOM   182  O  O   . VAL B 2 2  ? -5.470  1.366   6.720   1.00 25.28 ? 2   VAL B O   1 
ATOM   183  C  CB  . VAL B 2 2  ? -8.385  -0.184  6.830   1.00 20.35 ? 2   VAL B CB  1 
ATOM   184  C  CG1 . VAL B 2 2  ? -9.645  -0.585  7.521   1.00 20.10 ? 2   VAL B CG1 1 
ATOM   185  C  CG2 . VAL B 2 2  ? -8.567  0.337   5.467   1.00 27.22 ? 2   VAL B CG2 1 
ATOM   186  N  N   . ASN B 2 3  ? -6.978  2.923   6.928   1.00 22.08 ? 3   ASN B N   1 
ATOM   187  C  CA  . ASN B 2 3  ? -6.118  3.949   6.289   1.00 14.41 ? 3   ASN B CA  1 
ATOM   188  C  C   . ASN B 2 3  ? -4.735  4.111   6.921   1.00 9.77  ? 3   ASN B C   1 
ATOM   189  O  O   . ASN B 2 3  ? -3.793  4.130   6.182   1.00 10.70 ? 3   ASN B O   1 
ATOM   190  C  CB  . ASN B 2 3  ? -6.815  5.303   5.985   1.00 13.28 ? 3   ASN B CB  1 
ATOM   191  C  CG  . ASN B 2 3  ? -7.163  6.077   7.232   1.00 13.68 ? 3   ASN B CG  1 
ATOM   192  O  OD1 . ASN B 2 3  ? -7.136  5.819   8.459   1.00 14.50 ? 3   ASN B OD1 1 
ATOM   193  N  ND2 . ASN B 2 3  ? -7.571  7.348   6.953   1.00 21.08 ? 3   ASN B ND2 1 
ATOM   194  N  N   . GLN B 2 4  ? -4.513  4.247   8.209   1.00 10.48 ? 4   GLN B N   1 
ATOM   195  C  CA  . GLN B 2 4  ? -3.221  4.361   8.843   1.00 22.29 ? 4   GLN B CA  1 
ATOM   196  C  C   . GLN B 2 4  ? -2.448  3.021   8.734   1.00 8.25  ? 4   GLN B C   1 
ATOM   197  O  O   . GLN B 2 4  ? -1.234  2.981   8.694   1.00 16.76 ? 4   GLN B O   1 
ATOM   198  C  CB  . GLN B 2 4  ? -3.758  4.355   10.281  1.00 12.23 ? 4   GLN B CB  1 
ATOM   199  C  CG  . GLN B 2 4  ? -4.266  5.736   10.578  1.00 64.62 ? 4   GLN B CG  1 
ATOM   200  C  CD  . GLN B 2 4  ? -4.645  5.883   12.046  1.00 71.75 ? 4   GLN B CD  1 
ATOM   201  O  OE1 . GLN B 2 4  ? -5.050  4.885   12.648  1.00 71.75 ? 4   GLN B OE1 1 
ATOM   202  N  NE2 . GLN B 2 4  ? -4.485  7.142   12.483  1.00 40.59 ? 4   GLN B NE2 1 
ATOM   203  N  N   . HIS B 2 5  ? -3.313  2.025   8.877   1.00 15.39 ? 5   HIS B N   1 
ATOM   204  C  CA  . HIS B 2 5  ? -2.921  0.619   8.713   1.00 9.57  ? 5   HIS B CA  1 
ATOM   205  C  C   . HIS B 2 5  ? -2.289  0.578   7.307   1.00 18.09 ? 5   HIS B C   1 
ATOM   206  O  O   . HIS B 2 5  ? -1.111  0.222   7.241   1.00 22.38 ? 5   HIS B O   1 
ATOM   207  C  CB  . HIS B 2 5  ? -4.071  -0.438  8.728   1.00 13.85 ? 5   HIS B CB  1 
ATOM   208  C  CG  . HIS B 2 5  ? -3.317  -1.755  8.698   1.00 29.39 ? 5   HIS B CG  1 
ATOM   209  N  ND1 . HIS B 2 5  ? -2.555  -2.240  9.729   1.00 26.63 ? 5   HIS B ND1 1 
ATOM   210  C  CD2 . HIS B 2 5  ? -3.132  -2.545  7.609   1.00 27.51 ? 5   HIS B CD2 1 
ATOM   211  C  CE1 . HIS B 2 5  ? -1.984  -3.352  9.224   1.00 22.65 ? 5   HIS B CE1 1 
ATOM   212  N  NE2 . HIS B 2 5  ? -2.259  -3.579  7.956   1.00 24.85 ? 5   HIS B NE2 1 
ATOM   213  N  N   . LEU B 2 6  ? -2.820  0.852   6.163   1.00 5.78  ? 6   LEU B N   1 
ATOM   214  C  CA  . LEU B 2 6  ? -2.284  0.883   4.833   1.00 7.82  ? 6   LEU B CA  1 
ATOM   215  C  C   . LEU B 2 6  ? -1.032  1.709   4.662   1.00 7.92  ? 6   LEU B C   1 
ATOM   216  O  O   . LEU B 2 6  ? 0.009   1.451   4.023   1.00 8.44  ? 6   LEU B O   1 
ATOM   217  C  CB  . LEU B 2 6  ? -3.452  1.131   3.853   1.00 14.36 ? 6   LEU B CB  1 
ATOM   218  C  CG  . LEU B 2 6  ? -4.465  -0.045  3.920   1.00 10.95 ? 6   LEU B CG  1 
ATOM   219  C  CD1 . LEU B 2 6  ? -5.419  0.245   2.743   1.00 13.82 ? 6   LEU B CD1 1 
ATOM   220  C  CD2 . LEU B 2 6  ? -3.894  -1.436  3.683   1.00 30.84 ? 6   LEU B CD2 1 
ATOM   221  N  N   . CYS B 2 7  ? -1.139  2.886   5.326   1.00 16.69 ? 7   CYS B N   1 
ATOM   222  C  CA  . CYS B 2 7  ? -0.017  3.823   5.319   1.00 16.74 ? 7   CYS B CA  1 
ATOM   223  C  C   . CYS B 2 7  ? 1.221   3.287   6.139   1.00 10.29 ? 7   CYS B C   1 
ATOM   224  O  O   . CYS B 2 7  ? 2.315   3.491   5.618   1.00 11.90 ? 7   CYS B O   1 
ATOM   225  C  CB  . CYS B 2 7  ? -0.428  5.189   5.906   1.00 11.38 ? 7   CYS B CB  1 
ATOM   226  S  SG  . CYS B 2 7  ? 0.872   6.463   5.988   1.00 15.79 ? 7   CYS B SG  1 
ATOM   227  N  N   . GLY B 2 8  ? 1.057   2.787   7.360   1.00 10.57 ? 8   GLY B N   1 
ATOM   228  C  CA  . GLY B 2 8  ? 2.285   2.376   8.035   1.00 6.36  ? 8   GLY B CA  1 
ATOM   229  C  C   . GLY B 2 8  ? 2.849   1.169   7.215   1.00 8.57  ? 8   GLY B C   1 
ATOM   230  O  O   . GLY B 2 8  ? 4.099   1.144   7.377   1.00 16.87 ? 8   GLY B O   1 
ATOM   231  N  N   . SER B 2 9  ? 2.169   0.267   6.520   1.00 15.11 ? 9   SER B N   1 
ATOM   232  C  CA  . SER B 2 9  ? 2.736   -0.817  5.766   1.00 8.62  ? 9   SER B CA  1 
ATOM   233  C  C   . SER B 2 9  ? 3.755   -0.160  4.805   1.00 14.59 ? 9   SER B C   1 
ATOM   234  O  O   . SER B 2 9  ? 4.890   -0.702  4.768   1.00 15.77 ? 9   SER B O   1 
ATOM   235  C  CB  . SER B 2 9  ? 1.835   -1.748  4.888   1.00 7.85  ? 9   SER B CB  1 
ATOM   236  O  OG  . SER B 2 9  ? 0.539   -1.965  5.493   1.00 23.19 ? 9   SER B OG  1 
ATOM   237  N  N   . HIS B 2 10 ? 3.352   0.932   4.120   1.00 9.57  ? 10  HIS B N   1 
ATOM   238  C  CA  . HIS B 2 10 ? 4.305   1.504   3.136   1.00 5.84  ? 10  HIS B CA  1 
ATOM   239  C  C   . HIS B 2 10 ? 5.377   2.213   3.885   1.00 8.47  ? 10  HIS B C   1 
ATOM   240  O  O   . HIS B 2 10 ? 6.563   2.246   3.382   1.00 13.40 ? 10  HIS B O   1 
ATOM   241  C  CB  . HIS B 2 10 ? 3.602   2.445   2.136   1.00 2.77  ? 10  HIS B CB  1 
ATOM   242  C  CG  . HIS B 2 10 ? 2.657   1.679   1.324   1.00 2.65  ? 10  HIS B CG  1 
ATOM   243  N  ND1 . HIS B 2 10 ? 3.138   1.219   0.126   1.00 7.80  ? 10  HIS B ND1 1 
ATOM   244  C  CD2 . HIS B 2 10 ? 1.390   1.323   1.347   1.00 8.46  ? 10  HIS B CD2 1 
ATOM   245  C  CE1 . HIS B 2 10 ? 2.183   0.625   -0.571  1.00 19.11 ? 10  HIS B CE1 1 
ATOM   246  N  NE2 . HIS B 2 10 ? 1.115   0.618   0.177   1.00 9.75  ? 10  HIS B NE2 1 
ATOM   247  N  N   . LEU B 2 11 ? 5.029   2.834   5.051   1.00 12.46 ? 11  LEU B N   1 
ATOM   248  C  CA  . LEU B 2 11 ? 6.124   3.559   5.795   1.00 12.33 ? 11  LEU B CA  1 
ATOM   249  C  C   . LEU B 2 11 ? 7.217   2.555   6.271   1.00 11.00 ? 11  LEU B C   1 
ATOM   250  O  O   . LEU B 2 11 ? 8.382   2.822   6.180   1.00 14.32 ? 11  LEU B O   1 
ATOM   251  C  CB  . LEU B 2 11 ? 5.709   4.344   7.062   1.00 7.51  ? 11  LEU B CB  1 
ATOM   252  C  CG  . LEU B 2 11 ? 4.767   5.497   7.194   1.00 33.88 ? 11  LEU B CG  1 
ATOM   253  C  CD1 . LEU B 2 11 ? 4.410   5.883   8.635   1.00 24.12 ? 11  LEU B CD1 1 
ATOM   254  C  CD2 . LEU B 2 11 ? 5.530   6.597   6.492   1.00 16.17 ? 11  LEU B CD2 1 
ATOM   255  N  N   . VAL B 2 12 ? 6.831   1.415   6.862   1.00 13.04 ? 12  VAL B N   1 
ATOM   256  C  CA  . VAL B 2 12 ? 7.916   0.525   7.357   1.00 16.84 ? 12  VAL B CA  1 
ATOM   257  C  C   . VAL B 2 12 ? 8.769   0.117   6.171   1.00 6.74  ? 12  VAL B C   1 
ATOM   258  O  O   . VAL B 2 12 ? 9.965   -0.015  6.286   1.00 12.28 ? 12  VAL B O   1 
ATOM   259  C  CB  . VAL B 2 12 ? 7.385   -0.611  8.271   1.00 14.73 ? 12  VAL B CB  1 
ATOM   260  C  CG1 . VAL B 2 12 ? 6.830   -0.109  9.582   1.00 12.48 ? 12  VAL B CG1 1 
ATOM   261  C  CG2 . VAL B 2 12 ? 6.470   -1.357  7.371   1.00 15.03 ? 12  VAL B CG2 1 
ATOM   262  N  N   . GLU B 2 13 ? 8.188   -0.050  5.003   1.00 8.13  ? 13  GLU B N   1 
ATOM   263  C  CA  . GLU B 2 13 ? 8.918   -0.442  3.822   1.00 11.35 ? 13  GLU B CA  1 
ATOM   264  C  C   . GLU B 2 13 ? 9.859   0.646   3.430   1.00 25.35 ? 13  GLU B C   1 
ATOM   265  O  O   . GLU B 2 13 ? 11.015  0.267   3.020   1.00 14.53 ? 13  GLU B O   1 
ATOM   266  C  CB  . GLU B 2 13 ? 7.781   -0.673  2.755   1.00 11.00 ? 13  GLU B CB  1 
ATOM   267  C  CG  . GLU B 2 13 ? 8.354   -1.149  1.440   1.00 34.84 ? 13  GLU B CG  1 
ATOM   268  C  CD  . GLU B 2 13 ? 7.684   -0.994  0.107   1.00 69.51 ? 13  GLU B CD  1 
ATOM   269  O  OE1 . GLU B 2 13 ? 6.552   -1.286  -0.316  1.00 28.83 ? 13  GLU B OE1 1 
ATOM   270  O  OE2 . GLU B 2 13 ? 8.605   -0.422  -0.556  1.00 48.31 ? 13  GLU B OE2 1 
ATOM   271  N  N   . ALA B 2 14 ? 9.495   1.939   3.521   1.00 21.48 ? 14  ALA B N   1 
ATOM   272  C  CA  . ALA B 2 14 ? 10.430  3.079   3.142   1.00 11.07 ? 14  ALA B CA  1 
ATOM   273  C  C   . ALA B 2 14 ? 11.539  3.148   4.203   1.00 6.32  ? 14  ALA B C   1 
ATOM   274  O  O   . ALA B 2 14 ? 12.739  3.371   4.022   1.00 13.41 ? 14  ALA B O   1 
ATOM   275  C  CB  . ALA B 2 14 ? 9.563   4.321   2.935   1.00 16.74 ? 14  ALA B CB  1 
ATOM   276  N  N   . LEU B 2 15 ? 11.124  2.857   5.459   1.00 10.45 ? 15  LEU B N   1 
ATOM   277  C  CA  . LEU B 2 15 ? 12.087  2.877   6.541   1.00 9.86  ? 15  LEU B CA  1 
ATOM   278  C  C   . LEU B 2 15 ? 13.123  1.795   6.354   1.00 23.90 ? 15  LEU B C   1 
ATOM   279  O  O   . LEU B 2 15 ? 14.283  2.139   6.555   1.00 19.97 ? 15  LEU B O   1 
ATOM   280  C  CB  . LEU B 2 15 ? 11.563  2.887   7.974   1.00 19.70 ? 15  LEU B CB  1 
ATOM   281  C  CG  . LEU B 2 15 ? 10.754  4.102   8.433   1.00 25.56 ? 15  LEU B CG  1 
ATOM   282  C  CD1 . LEU B 2 15 ? 10.058  3.480   9.667   1.00 19.46 ? 15  LEU B CD1 1 
ATOM   283  C  CD2 . LEU B 2 15 ? 11.568  5.420   8.552   1.00 16.22 ? 15  LEU B CD2 1 
ATOM   284  N  N   . TYR B 2 16 ? 12.701  0.607   6.030   1.00 19.88 ? 16  TYR B N   1 
ATOM   285  C  CA  . TYR B 2 16 ? 13.610  -0.545  5.743   1.00 19.08 ? 16  TYR B CA  1 
ATOM   286  C  C   . TYR B 2 16 ? 14.588  -0.117  4.650   1.00 18.16 ? 16  TYR B C   1 
ATOM   287  O  O   . TYR B 2 16 ? 15.863  -0.220  4.739   1.00 16.76 ? 16  TYR B O   1 
ATOM   288  C  CB  . TYR B 2 16 ? 12.731  -1.832  5.378   1.00 11.29 ? 16  TYR B CB  1 
ATOM   289  C  CG  . TYR B 2 16 ? 13.655  -2.944  4.942   1.00 10.92 ? 16  TYR B CG  1 
ATOM   290  C  CD1 . TYR B 2 16 ? 14.277  -3.679  5.940   1.00 11.82 ? 16  TYR B CD1 1 
ATOM   291  C  CD2 . TYR B 2 16 ? 13.928  -3.194  3.624   1.00 12.76 ? 16  TYR B CD2 1 
ATOM   292  C  CE1 . TYR B 2 16 ? 15.161  -4.725  5.669   1.00 11.09 ? 16  TYR B CE1 1 
ATOM   293  C  CE2 . TYR B 2 16 ? 14.786  -4.269  3.335   1.00 12.05 ? 16  TYR B CE2 1 
ATOM   294  C  CZ  . TYR B 2 16 ? 15.356  -5.044  4.374   1.00 7.05  ? 16  TYR B CZ  1 
ATOM   295  O  OH  . TYR B 2 16 ? 16.259  -6.003  3.994   1.00 17.56 ? 16  TYR B OH  1 
ATOM   296  N  N   . LEU B 2 17 ? 14.111  0.481   3.529   1.00 14.25 ? 17  LEU B N   1 
ATOM   297  C  CA  . LEU B 2 17 ? 15.101  0.900   2.578   1.00 1.62  ? 17  LEU B CA  1 
ATOM   298  C  C   . LEU B 2 17 ? 15.856  2.103   3.147   1.00 31.65 ? 17  LEU B C   1 
ATOM   299  O  O   . LEU B 2 17 ? 17.068  2.003   2.919   1.00 19.73 ? 17  LEU B O   1 
ATOM   300  C  CB  . LEU B 2 17 ? 14.229  1.176   1.356   1.00 10.59 ? 17  LEU B CB  1 
ATOM   301  C  CG  . LEU B 2 17 ? 14.525  0.308   0.139   1.00 33.19 ? 17  LEU B CG  1 
ATOM   302  C  CD1 . LEU B 2 17 ? 13.144  -0.009  -0.466  1.00 26.35 ? 17  LEU B CD1 1 
ATOM   303  C  CD2 . LEU B 2 17 ? 15.504  1.041   -0.822  1.00 23.15 ? 17  LEU B CD2 1 
ATOM   304  N  N   . VAL B 2 18 ? 15.289  3.077   3.859   1.00 19.95 ? 18  VAL B N   1 
ATOM   305  C  CA  . VAL B 2 18 ? 16.159  4.194   4.291   1.00 27.28 ? 18  VAL B CA  1 
ATOM   306  C  C   . VAL B 2 18 ? 17.078  3.790   5.401   1.00 30.81 ? 18  VAL B C   1 
ATOM   307  O  O   . VAL B 2 18 ? 18.289  4.085   5.273   1.00 24.84 ? 18  VAL B O   1 
ATOM   308  C  CB  . VAL B 2 18 ? 15.205  5.447   4.486   1.00 25.19 ? 18  VAL B CB  1 
ATOM   309  C  CG1 . VAL B 2 18 ? 15.883  6.662   4.991   1.00 26.73 ? 18  VAL B CG1 1 
ATOM   310  C  CG2 . VAL B 2 18 ? 14.443  5.653   3.154   1.00 18.99 ? 18  VAL B CG2 1 
ATOM   311  N  N   . CYS B 2 19 ? 16.642  3.199   6.485   1.00 20.54 ? 19  CYS B N   1 
ATOM   312  C  CA  . CYS B 2 19 ? 17.697  2.958   7.467   1.00 11.85 ? 19  CYS B CA  1 
ATOM   313  C  C   . CYS B 2 19 ? 18.807  2.002   7.187   1.00 35.07 ? 19  CYS B C   1 
ATOM   314  O  O   . CYS B 2 19 ? 19.895  1.977   7.834   1.00 32.56 ? 19  CYS B O   1 
ATOM   315  C  CB  . CYS B 2 19 ? 16.937  2.742   8.797   1.00 12.53 ? 19  CYS B CB  1 
ATOM   316  S  SG  . CYS B 2 19 ? 15.650  3.976   8.712   1.00 21.46 ? 19  CYS B SG  1 
ATOM   317  N  N   . GLY B 2 20 ? 18.632  1.188   6.172   1.00 32.80 ? 20  GLY B N   1 
ATOM   318  C  CA  . GLY B 2 20 ? 19.661  0.182   5.796   1.00 39.23 ? 20  GLY B CA  1 
ATOM   319  C  C   . GLY B 2 20 ? 20.113  -0.686  7.001   1.00 25.82 ? 20  GLY B C   1 
ATOM   320  O  O   . GLY B 2 20 ? 19.345  -1.217  7.913   1.00 30.72 ? 20  GLY B O   1 
ATOM   321  N  N   . GLU B 2 21 ? 21.476  -0.744  6.931   1.00 33.01 ? 21  GLU B N   1 
ATOM   322  C  CA  . GLU B 2 21 ? 22.164  -1.586  7.965   1.00 23.96 ? 21  GLU B CA  1 
ATOM   323  C  C   . GLU B 2 21 ? 21.884  -1.160  9.368   1.00 24.45 ? 21  GLU B C   1 
ATOM   324  O  O   . GLU B 2 21 ? 22.103  -2.104  10.147  1.00 40.90 ? 21  GLU B O   1 
ATOM   325  C  CB  . GLU B 2 21 ? 23.648  -1.835  7.719   1.00 68.16 ? 21  GLU B CB  1 
ATOM   326  C  CG  . GLU B 2 21 ? 24.172  -2.579  6.515   1.00 71.75 ? 21  GLU B CG  1 
ATOM   327  C  CD  . GLU B 2 21 ? 24.506  -3.979  6.073   1.00 71.75 ? 21  GLU B CD  1 
ATOM   328  O  OE1 . GLU B 2 21 ? 23.779  -5.022  6.056   1.00 65.39 ? 21  GLU B OE1 1 
ATOM   329  O  OE2 . GLU B 2 21 ? 25.745  -3.988  5.635   1.00 58.40 ? 21  GLU B OE2 1 
ATOM   330  N  N   . ARG B 2 22 ? 21.394  0.018   9.694   1.00 67.39 ? 22  ARG B N   1 
ATOM   331  C  CA  . ARG B 2 22 ? 21.038  0.571   11.016  1.00 30.42 ? 22  ARG B CA  1 
ATOM   332  C  C   . ARG B 2 22 ? 19.701  0.176   11.639  1.00 51.08 ? 22  ARG B C   1 
ATOM   333  O  O   . ARG B 2 22 ? 19.539  0.048   12.902  1.00 29.41 ? 22  ARG B O   1 
ATOM   334  C  CB  . ARG B 2 22 ? 21.163  2.128   10.951  1.00 30.37 ? 22  ARG B CB  1 
ATOM   335  C  CG  . ARG B 2 22 ? 21.545  2.272   9.433   1.00 25.66 ? 22  ARG B CG  1 
ATOM   336  C  CD  . ARG B 2 22 ? 22.089  3.629   9.263   1.00 51.65 ? 22  ARG B CD  1 
ATOM   337  N  NE  . ARG B 2 22 ? 21.196  4.661   9.873   1.00 35.54 ? 22  ARG B NE  1 
ATOM   338  C  CZ  . ARG B 2 22 ? 20.857  5.634   8.973   1.00 65.69 ? 22  ARG B CZ  1 
ATOM   339  N  NH1 . ARG B 2 22 ? 21.289  5.488   7.695   1.00 48.07 ? 22  ARG B NH1 1 
ATOM   340  N  NH2 . ARG B 2 22 ? 20.146  6.717   9.323   1.00 59.90 ? 22  ARG B NH2 1 
ATOM   341  N  N   . GLY B 2 23 ? 18.673  -0.056  10.812  1.00 53.87 ? 23  GLY B N   1 
ATOM   342  C  CA  . GLY B 2 23 ? 17.426  -0.501  11.496  1.00 45.04 ? 23  GLY B CA  1 
ATOM   343  C  C   . GLY B 2 23 ? 16.659  0.802   11.811  1.00 64.42 ? 23  GLY B C   1 
ATOM   344  O  O   . GLY B 2 23 ? 17.046  1.897   11.345  1.00 26.18 ? 23  GLY B O   1 
ATOM   345  N  N   . PHE B 2 24 ? 15.616  0.439   12.573  1.00 21.35 ? 24  PHE B N   1 
ATOM   346  C  CA  . PHE B 2 24 ? 14.699  1.529   12.919  1.00 31.08 ? 24  PHE B CA  1 
ATOM   347  C  C   . PHE B 2 24 ? 13.818  0.764   13.915  1.00 21.46 ? 24  PHE B C   1 
ATOM   348  O  O   . PHE B 2 24 ? 13.905  -0.437  13.789  1.00 20.61 ? 24  PHE B O   1 
ATOM   349  C  CB  . PHE B 2 24 ? 13.781  1.830   11.734  1.00 27.35 ? 24  PHE B CB  1 
ATOM   350  C  CG  . PHE B 2 24 ? 13.009  0.753   11.037  1.00 15.37 ? 24  PHE B CG  1 
ATOM   351  C  CD1 . PHE B 2 24 ? 13.604  0.042   9.956   1.00 21.32 ? 24  PHE B CD1 1 
ATOM   352  C  CD2 . PHE B 2 24 ? 11.687  0.439   11.383  1.00 17.79 ? 24  PHE B CD2 1 
ATOM   353  C  CE1 . PHE B 2 24 ? 12.985  -0.960  9.216   1.00 11.54 ? 24  PHE B CE1 1 
ATOM   354  C  CE2 . PHE B 2 24 ? 10.958  -0.523  10.696  1.00 18.00 ? 24  PHE B CE2 1 
ATOM   355  C  CZ  . PHE B 2 24 ? 11.639  -1.188  9.650   1.00 21.65 ? 24  PHE B CZ  1 
ATOM   356  N  N   . PHE B 2 25 ? 13.118  1.602   14.617  1.00 34.07 ? 25  PHE B N   1 
ATOM   357  C  CA  . PHE B 2 25 ? 12.143  1.039   15.578  1.00 24.64 ? 25  PHE B CA  1 
ATOM   358  C  C   . PHE B 2 25 ? 10.906  1.691   14.916  1.00 32.48 ? 25  PHE B C   1 
ATOM   359  O  O   . PHE B 2 25 ? 11.065  2.795   14.341  1.00 30.57 ? 25  PHE B O   1 
ATOM   360  C  CB  . PHE B 2 25 ? 12.350  1.724   16.905  1.00 51.11 ? 25  PHE B CB  1 
ATOM   361  C  CG  A PHE B 2 25 ? 13.099  0.897   17.911  0.50 35.68 ? 25  PHE B CG  1 
ATOM   362  C  CG  B PHE B 2 25 ? 12.722  3.095   16.822  0.50 26.02 ? 25  PHE B CG  1 
ATOM   363  C  CD1 A PHE B 2 25 ? 13.597  -0.363  17.589  0.50 33.76 ? 25  PHE B CD1 1 
ATOM   364  C  CD1 B PHE B 2 25 ? 11.568  3.893   16.549  0.50 49.97 ? 25  PHE B CD1 1 
ATOM   365  C  CD2 A PHE B 2 25 ? 13.282  1.425   19.190  0.50 49.46 ? 25  PHE B CD2 1 
ATOM   366  C  CD2 B PHE B 2 25 ? 13.461  3.518   17.959  0.50 39.29 ? 25  PHE B CD2 1 
ATOM   367  C  CE1 A PHE B 2 25 ? 14.297  -1.102  18.543  0.50 55.21 ? 25  PHE B CE1 1 
ATOM   368  C  CE1 B PHE B 2 25 ? 11.071  4.879   17.403  0.50 51.45 ? 25  PHE B CE1 1 
ATOM   369  C  CE2 A PHE B 2 25 ? 13.978  0.710   20.142  0.50 26.21 ? 25  PHE B CE2 1 
ATOM   370  C  CE2 B PHE B 2 25 ? 13.007  4.483   18.852  0.50 54.98 ? 25  PHE B CE2 1 
ATOM   371  C  CZ  A PHE B 2 25 ? 14.477  -0.559  19.823  0.50 46.37 ? 25  PHE B CZ  1 
ATOM   372  C  CZ  B PHE B 2 25 ? 11.813  5.162   18.564  0.50 59.55 ? 25  PHE B CZ  1 
ATOM   373  N  N   . TYR B 2 26 ? 9.806   1.011   14.979  1.00 27.22 ? 26  TYR B N   1 
ATOM   374  C  CA  . TYR B 2 26 ? 8.553   1.440   14.412  1.00 32.11 ? 26  TYR B CA  1 
ATOM   375  C  C   . TYR B 2 26 ? 7.527   1.423   15.550  1.00 30.49 ? 26  TYR B C   1 
ATOM   376  O  O   . TYR B 2 26 ? 6.979   0.397   16.045  1.00 37.50 ? 26  TYR B O   1 
ATOM   377  C  CB  . TYR B 2 26 ? 8.019   0.550   13.191  1.00 26.20 ? 26  TYR B CB  1 
ATOM   378  C  CG  . TYR B 2 26 ? 6.783   1.168   12.661  1.00 10.91 ? 26  TYR B CG  1 
ATOM   379  C  CD1 . TYR B 2 26 ? 6.705   2.345   11.909  1.00 21.49 ? 26  TYR B CD1 1 
ATOM   380  C  CD2 . TYR B 2 26 ? 5.622   0.645   13.089  1.00 26.48 ? 26  TYR B CD2 1 
ATOM   381  C  CE1 . TYR B 2 26 ? 5.497   2.904   11.541  1.00 19.14 ? 26  TYR B CE1 1 
ATOM   382  C  CE2 . TYR B 2 26 ? 4.352   1.207   12.780  1.00 18.50 ? 26  TYR B CE2 1 
ATOM   383  C  CZ  . TYR B 2 26 ? 4.310   2.356   12.000  1.00 27.50 ? 26  TYR B CZ  1 
ATOM   384  O  OH  . TYR B 2 26 ? 3.004   2.688   11.740  1.00 41.82 ? 26  TYR B OH  1 
ATOM   385  N  N   . THR B 2 27 ? 7.291   2.726   15.797  1.00 29.03 ? 27  THR B N   1 
ATOM   386  C  CA  . THR B 2 27 ? 6.258   2.974   16.841  1.00 45.96 ? 27  THR B CA  1 
ATOM   387  C  C   . THR B 2 27 ? 5.124   3.580   16.008  1.00 64.38 ? 27  THR B C   1 
ATOM   388  O  O   . THR B 2 27 ? 5.423   4.453   15.162  1.00 47.72 ? 27  THR B O   1 
ATOM   389  C  CB  . THR B 2 27 ? 7.002   3.599   18.071  1.00 56.35 ? 27  THR B CB  1 
ATOM   390  O  OG1 . THR B 2 27 ? 8.326   2.945   18.241  1.00 55.09 ? 27  THR B OG1 1 
ATOM   391  C  CG2 . THR B 2 27 ? 6.255   3.309   19.399  1.00 71.75 ? 27  THR B CG2 1 
ATOM   392  N  N   . PRO B 2 28 ? 3.904   3.021   16.146  1.00 35.26 ? 28  PRO B N   1 
ATOM   393  C  CA  . PRO B 2 28 ? 2.641   3.406   15.484  1.00 51.13 ? 28  PRO B CA  1 
ATOM   394  C  C   . PRO B 2 28 ? 1.991   4.618   16.168  1.00 68.50 ? 28  PRO B C   1 
ATOM   395  O  O   . PRO B 2 28 ? 0.865   5.095   15.933  1.00 67.59 ? 28  PRO B O   1 
ATOM   396  C  CB  . PRO B 2 28 ? 1.602   2.233   15.647  1.00 20.41 ? 28  PRO B CB  1 
ATOM   397  C  CG  . PRO B 2 28 ? 2.471   1.146   16.271  1.00 33.38 ? 28  PRO B CG  1 
ATOM   398  C  CD  . PRO B 2 28 ? 3.562   1.898   17.094  1.00 42.95 ? 28  PRO B CD  1 
ATOM   399  N  N   . LYS B 2 29 ? 2.780   5.100   17.117  1.00 51.43 ? 29  LYS B N   1 
ATOM   400  C  CA  . LYS B 2 29 ? 2.360   6.183   17.996  1.00 52.55 ? 29  LYS B CA  1 
ATOM   401  C  C   . LYS B 2 29 ? 3.508   7.127   18.290  1.00 69.21 ? 29  LYS B C   1 
ATOM   402  O  O   . LYS B 2 29 ? 4.424   7.444   17.541  1.00 70.52 ? 29  LYS B O   1 
ATOM   403  C  CB  . LYS B 2 29 ? 1.825   5.610   19.348  1.00 63.52 ? 29  LYS B CB  1 
ATOM   404  C  CG  . LYS B 2 29 ? 2.590   4.955   20.486  1.00 44.64 ? 29  LYS B CG  1 
ATOM   405  C  CD  . LYS B 2 29 ? 3.574   5.818   21.280  1.00 36.41 ? 29  LYS B CD  1 
ATOM   406  C  CE  . LYS B 2 29 ? 3.835   5.616   22.763  1.00 45.24 ? 29  LYS B CE  1 
ATOM   407  N  NZ  . LYS B 2 29 ? 2.542   5.363   23.518  1.00 58.18 ? 29  LYS B NZ  1 
ATOM   408  N  N   . ALA B 2 30 ? 3.317   7.431   19.555  1.00 56.74 ? 30  ALA B N   1 
ATOM   409  C  CA  . ALA B 2 30 ? 4.113   8.394   20.344  1.00 71.75 ? 30  ALA B CA  1 
ATOM   410  C  C   . ALA B 2 30 ? 3.232   9.599   19.930  1.00 68.11 ? 30  ALA B C   1 
ATOM   411  O  O   . ALA B 2 30 ? 3.585   10.745  19.634  1.00 52.58 ? 30  ALA B O   1 
ATOM   412  C  CB  . ALA B 2 30 ? 5.577   8.181   20.049  1.00 71.75 ? 30  ALA B CB  1 
ATOM   413  O  OXT . ALA B 2 30 ? 2.003   9.290   19.859  1.00 56.70 ? 30  ALA B OXT 1 
ATOM   414  N  N   . GLY C 1 1  ? -2.182  11.863  -16.701 1.00 39.65 ? 1   GLY C N   1 
ATOM   415  C  CA  . GLY C 1 1  ? -0.990  11.174  -16.083 1.00 24.36 ? 1   GLY C CA  1 
ATOM   416  C  C   . GLY C 1 1  ? -1.620  9.820   -15.696 1.00 47.18 ? 1   GLY C C   1 
ATOM   417  O  O   . GLY C 1 1  ? -2.866  9.769   -15.584 1.00 30.17 ? 1   GLY C O   1 
ATOM   418  N  N   . ILE C 1 2  ? -0.821  8.806   -15.516 1.00 37.37 ? 2   ILE C N   1 
ATOM   419  C  CA  . ILE C 1 2  ? -1.328  7.483   -15.111 1.00 15.24 ? 2   ILE C CA  1 
ATOM   420  C  C   . ILE C 1 2  ? -1.815  7.678   -13.665 1.00 15.71 ? 2   ILE C C   1 
ATOM   421  O  O   . ILE C 1 2  ? -2.750  6.908   -13.339 1.00 19.98 ? 2   ILE C O   1 
ATOM   422  C  CB  . ILE C 1 2  ? -0.215  6.390   -15.254 1.00 31.37 ? 2   ILE C CB  1 
ATOM   423  C  CG1 . ILE C 1 2  ? -0.727  4.961   -14.951 1.00 20.49 ? 2   ILE C CG1 1 
ATOM   424  C  CG2 . ILE C 1 2  ? 1.074   6.698   -14.457 1.00 32.01 ? 2   ILE C CG2 1 
ATOM   425  C  CD1 . ILE C 1 2  ? 0.397   3.882   -14.952 1.00 13.45 ? 2   ILE C CD1 1 
ATOM   426  N  N   . VAL C 1 3  ? -1.201  8.579   -12.879 1.00 14.36 ? 3   VAL C N   1 
ATOM   427  C  CA  . VAL C 1 3  ? -1.715  8.727   -11.473 1.00 13.08 ? 3   VAL C CA  1 
ATOM   428  C  C   . VAL C 1 3  ? -3.140  9.225   -11.526 1.00 24.15 ? 3   VAL C C   1 
ATOM   429  O  O   . VAL C 1 3  ? -4.069  8.711   -10.867 1.00 22.93 ? 3   VAL C O   1 
ATOM   430  C  CB  . VAL C 1 3  ? -0.867  9.583   -10.552 1.00 16.85 ? 3   VAL C CB  1 
ATOM   431  C  CG1 . VAL C 1 3  ? -1.722  9.927   -9.345  1.00 18.47 ? 3   VAL C CG1 1 
ATOM   432  C  CG2 . VAL C 1 3  ? 0.333   8.762   -10.151 1.00 18.96 ? 3   VAL C CG2 1 
ATOM   433  N  N   . GLU C 1 4  ? -3.407  10.256  -12.383 1.00 25.97 ? 4   GLU C N   1 
ATOM   434  C  CA  . GLU C 1 4  ? -4.866  10.709  -12.381 1.00 32.83 ? 4   GLU C CA  1 
ATOM   435  C  C   . GLU C 1 4  ? -5.816  9.810   -13.127 1.00 22.95 ? 4   GLU C C   1 
ATOM   436  O  O   . GLU C 1 4  ? -6.979  9.798   -12.690 1.00 30.80 ? 4   GLU C O   1 
ATOM   437  C  CB  . GLU C 1 4  ? -5.039  12.158  -12.776 1.00 27.82 ? 4   GLU C CB  1 
ATOM   438  C  CG  . GLU C 1 4  ? -4.074  12.402  -13.954 1.00 37.74 ? 4   GLU C CG  1 
ATOM   439  C  CD  . GLU C 1 4  ? -2.700  12.874  -13.555 1.00 53.61 ? 4   GLU C CD  1 
ATOM   440  O  OE1 . GLU C 1 4  ? -2.600  13.998  -13.050 1.00 65.12 ? 4   GLU C OE1 1 
ATOM   441  O  OE2 . GLU C 1 4  ? -1.842  12.010  -13.877 1.00 45.98 ? 4   GLU C OE2 1 
ATOM   442  N  N   . GLN C 1 5  ? -5.347  9.059   -14.137 1.00 23.51 ? 5   GLN C N   1 
ATOM   443  C  CA  . GLN C 1 5  ? -6.165  8.058   -14.859 1.00 17.77 ? 5   GLN C CA  1 
ATOM   444  C  C   . GLN C 1 5  ? -6.539  6.854   -13.963 1.00 49.14 ? 5   GLN C C   1 
ATOM   445  O  O   . GLN C 1 5  ? -7.731  6.529   -13.734 1.00 33.74 ? 5   GLN C O   1 
ATOM   446  C  CB  . GLN C 1 5  ? -5.500  7.704   -16.209 1.00 20.23 ? 5   GLN C CB  1 
ATOM   447  C  CG  . GLN C 1 5  ? -5.778  8.514   -17.492 0.50 22.77 ? 5   GLN C CG  1 
ATOM   448  C  CD  . GLN C 1 5  ? -4.814  9.396   -18.232 0.50 43.63 ? 5   GLN C CD  1 
ATOM   449  O  OE1 . GLN C 1 5  ? -4.669  10.637  -18.325 0.50 33.09 ? 5   GLN C OE1 1 
ATOM   450  N  NE2 . GLN C 1 5  ? -3.908  8.758   -19.011 0.50 27.72 ? 5   GLN C NE2 1 
ATOM   451  N  N   . CYS C 1 6  ? -5.516  6.160   -13.460 1.00 37.76 ? 6   CYS C N   1 
ATOM   452  C  CA  . CYS C 1 6  ? -5.513  4.944   -12.681 1.00 21.66 ? 6   CYS C CA  1 
ATOM   453  C  C   . CYS C 1 6  ? -5.650  5.049   -11.174 1.00 38.90 ? 6   CYS C C   1 
ATOM   454  O  O   . CYS C 1 6  ? -5.804  4.003   -10.520 1.00 21.34 ? 6   CYS C O   1 
ATOM   455  C  CB  . CYS C 1 6  ? -4.277  4.094   -13.030 1.00 10.25 ? 6   CYS C CB  1 
ATOM   456  S  SG  . CYS C 1 6  ? -4.435  3.920   -14.835 1.00 18.21 ? 6   CYS C SG  1 
ATOM   457  N  N   . CYS C 1 7  ? -5.639  6.247   -10.615 1.00 18.49 ? 7   CYS C N   1 
ATOM   458  C  CA  . CYS C 1 7  ? -5.780  6.385   -9.167  1.00 28.39 ? 7   CYS C CA  1 
ATOM   459  C  C   . CYS C 1 7  ? -7.151  6.892   -8.735  1.00 23.76 ? 7   CYS C C   1 
ATOM   460  O  O   . CYS C 1 7  ? -7.445  6.798   -7.521  1.00 22.22 ? 7   CYS C O   1 
ATOM   461  C  CB  . CYS C 1 7  ? -4.666  7.069   -8.425  1.00 18.84 ? 7   CYS C CB  1 
ATOM   462  S  SG  . CYS C 1 7  ? -3.060  6.350   -8.418  1.00 24.81 ? 7   CYS C SG  1 
ATOM   463  N  N   . THR C 1 8  ? -7.898  7.337   -9.708  1.00 19.68 ? 8   THR C N   1 
ATOM   464  C  CA  . THR C 1 8  ? -9.296  7.797   -9.548  1.00 27.38 ? 8   THR C CA  1 
ATOM   465  C  C   . THR C 1 8  ? -10.326 6.642   -9.687  1.00 19.72 ? 8   THR C C   1 
ATOM   466  O  O   . THR C 1 8  ? -11.279 6.381   -8.948  1.00 39.59 ? 8   THR C O   1 
ATOM   467  C  CB  . THR C 1 8  ? -9.579  8.903   -10.668 1.00 50.95 ? 8   THR C CB  1 
ATOM   468  O  OG1 . THR C 1 8  ? -8.475  9.849   -10.554 1.00 35.64 ? 8   THR C OG1 1 
ATOM   469  C  CG2 . THR C 1 8  ? -10.963 9.529   -10.524 1.00 56.28 ? 8   THR C CG2 1 
ATOM   470  N  N   . SER C 1 9  ? -10.017 5.870   -10.715 1.00 15.72 ? 9   SER C N   1 
ATOM   471  C  CA  . SER C 1 9  ? -10.746 4.722   -11.246 1.00 14.26 ? 9   SER C CA  1 
ATOM   472  C  C   . SER C 1 9  ? -9.876  3.514   -11.450 1.00 18.68 ? 9   SER C C   1 
ATOM   473  O  O   . SER C 1 9  ? -8.727  3.879   -11.590 1.00 21.71 ? 9   SER C O   1 
ATOM   474  C  CB  . SER C 1 9  ? -11.568 5.293   -12.429 1.00 47.18 ? 9   SER C CB  1 
ATOM   475  O  OG  . SER C 1 9  ? -12.993 5.317   -12.059 1.00 71.75 ? 9   SER C OG  1 
ATOM   476  N  N   . ILE C 1 10 ? -10.367 2.271   -11.339 1.00 20.47 ? 10  ILE C N   1 
ATOM   477  C  CA  . ILE C 1 10 ? -9.357  1.182   -11.474 1.00 28.21 ? 10  ILE C CA  1 
ATOM   478  C  C   . ILE C 1 10 ? -9.238  0.894   -12.967 1.00 30.08 ? 10  ILE C C   1 
ATOM   479  O  O   . ILE C 1 10 ? -10.149 0.630   -13.777 1.00 51.78 ? 10  ILE C O   1 
ATOM   480  C  CB  . ILE C 1 10 ? -9.302  0.122   -10.318 1.00 38.00 ? 10  ILE C CB  1 
ATOM   481  C  CG1 . ILE C 1 10 ? -9.777  -1.292  -10.552 1.00 33.97 ? 10  ILE C CG1 1 
ATOM   482  C  CG2 . ILE C 1 10 ? -9.947  0.555   -8.963  1.00 25.20 ? 10  ILE C CG2 1 
ATOM   483  C  CD1 . ILE C 1 10 ? -9.201  -2.175  -11.683 1.00 44.20 ? 10  ILE C CD1 1 
ATOM   484  N  N   . CYS C 1 11 ? -7.962  0.928   -13.381 1.00 21.84 ? 11  CYS C N   1 
ATOM   485  C  CA  . CYS C 1 11 ? -7.573  0.744   -14.792 1.00 18.03 ? 11  CYS C CA  1 
ATOM   486  C  C   . CYS C 1 11 ? -7.456  -0.722  -15.013 1.00 18.70 ? 11  CYS C C   1 
ATOM   487  O  O   . CYS C 1 11 ? -7.094  -1.462  -14.108 1.00 25.93 ? 11  CYS C O   1 
ATOM   488  C  CB  . CYS C 1 11 ? -6.232  1.332   -15.158 1.00 19.31 ? 11  CYS C CB  1 
ATOM   489  S  SG  . CYS C 1 11 ? -6.129  3.125   -15.177 1.00 18.73 ? 11  CYS C SG  1 
ATOM   490  N  N   . SER C 1 12 ? -7.728  -1.029  -16.222 1.00 27.18 ? 12  SER C N   1 
ATOM   491  C  CA  . SER C 1 12 ? -7.661  -2.336  -16.850 1.00 23.36 ? 12  SER C CA  1 
ATOM   492  C  C   . SER C 1 12 ? -6.189  -2.531  -17.236 1.00 11.29 ? 12  SER C C   1 
ATOM   493  O  O   . SER C 1 12 ? -5.211  -1.800  -17.432 1.00 21.82 ? 12  SER C O   1 
ATOM   494  C  CB  . SER C 1 12 ? -8.530  -2.460  -18.115 1.00 30.26 ? 12  SER C CB  1 
ATOM   495  O  OG  . SER C 1 12 ? -8.004  -1.672  -19.160 1.00 30.84 ? 12  SER C OG  1 
ATOM   496  N  N   . LEU C 1 13 ? -6.031  -3.840  -17.450 1.00 18.92 ? 13  LEU C N   1 
ATOM   497  C  CA  . LEU C 1 13 ? -4.691  -4.283  -17.818 1.00 19.64 ? 13  LEU C CA  1 
ATOM   498  C  C   . LEU C 1 13 ? -4.259  -3.713  -19.174 1.00 19.52 ? 13  LEU C C   1 
ATOM   499  O  O   . LEU C 1 13 ? -3.065  -3.467  -19.453 1.00 20.66 ? 13  LEU C O   1 
ATOM   500  C  CB  . LEU C 1 13 ? -4.870  -5.812  -17.971 1.00 26.80 ? 13  LEU C CB  1 
ATOM   501  C  CG  . LEU C 1 13 ? -3.734  -6.396  -17.090 1.00 58.26 ? 13  LEU C CG  1 
ATOM   502  C  CD1 . LEU C 1 13 ? -4.216  -6.523  -15.641 1.00 27.57 ? 13  LEU C CD1 1 
ATOM   503  C  CD2 . LEU C 1 13 ? -3.257  -7.589  -17.869 1.00 57.16 ? 13  LEU C CD2 1 
ATOM   504  N  N   . TYR C 1 14 ? -5.292  -3.585  -19.985 1.00 18.38 ? 14  TYR C N   1 
ATOM   505  C  CA  . TYR C 1 14 ? -5.036  -3.040  -21.380 1.00 16.01 ? 14  TYR C CA  1 
ATOM   506  C  C   . TYR C 1 14 ? -4.637  -1.545  -21.203 1.00 16.17 ? 14  TYR C C   1 
ATOM   507  O  O   . TYR C 1 14 ? -3.748  -1.139  -21.927 1.00 23.57 ? 14  TYR C O   1 
ATOM   508  C  CB  . TYR C 1 14 ? -6.355  -3.157  -22.074 1.00 16.27 ? 14  TYR C CB  1 
ATOM   509  C  CG  . TYR C 1 14 ? -6.553  -2.309  -23.305 1.00 34.01 ? 14  TYR C CG  1 
ATOM   510  C  CD1 . TYR C 1 14 ? -5.482  -2.413  -24.203 1.00 39.00 ? 14  TYR C CD1 1 
ATOM   511  C  CD2 . TYR C 1 14 ? -7.596  -1.457  -23.630 1.00 33.54 ? 14  TYR C CD2 1 
ATOM   512  C  CE1 . TYR C 1 14 ? -5.489  -1.703  -25.408 1.00 32.51 ? 14  TYR C CE1 1 
ATOM   513  C  CE2 . TYR C 1 14 ? -7.626  -0.760  -24.872 1.00 29.35 ? 14  TYR C CE2 1 
ATOM   514  C  CZ  . TYR C 1 14 ? -6.563  -0.849  -25.724 1.00 21.53 ? 14  TYR C CZ  1 
ATOM   515  O  OH  . TYR C 1 14 ? -6.301  -0.285  -26.941 1.00 27.54 ? 14  TYR C OH  1 
ATOM   516  N  N   . GLN C 1 15 ? -5.388  -0.862  -20.304 1.00 16.88 ? 15  GLN C N   1 
ATOM   517  C  CA  . GLN C 1 15 ? -5.080  0.549   -19.992 1.00 22.72 ? 15  GLN C CA  1 
ATOM   518  C  C   . GLN C 1 15 ? -3.707  0.650   -19.337 1.00 19.33 ? 15  GLN C C   1 
ATOM   519  O  O   . GLN C 1 15 ? -2.920  1.527   -19.738 1.00 18.55 ? 15  GLN C O   1 
ATOM   520  C  CB  . GLN C 1 15 ? -6.108  1.247   -19.060 1.00 16.67 ? 15  GLN C CB  1 
ATOM   521  C  CG  . GLN C 1 15 ? -7.485  1.073   -19.684 1.00 14.91 ? 15  GLN C CG  1 
ATOM   522  C  CD  . GLN C 1 15 ? -8.434  1.521   -18.636 1.00 14.25 ? 15  GLN C CD  1 
ATOM   523  O  OE1 . GLN C 1 15 ? -8.552  1.753   -17.462 1.00 34.69 ? 15  GLN C OE1 1 
ATOM   524  N  NE2 . GLN C 1 15 ? -9.485  1.860   -19.365 1.00 25.00 ? 15  GLN C NE2 1 
ATOM   525  N  N   . LEU C 1 16 ? -3.367  -0.285  -18.385 1.00 14.22 ? 16  LEU C N   1 
ATOM   526  C  CA  . LEU C 1 16 ? -1.947  -0.161  -17.870 1.00 23.35 ? 16  LEU C CA  1 
ATOM   527  C  C   . LEU C 1 16 ? -0.827  -0.388  -18.898 1.00 8.28  ? 16  LEU C C   1 
ATOM   528  O  O   . LEU C 1 16 ? 0.311   0.135   -18.894 1.00 14.73 ? 16  LEU C O   1 
ATOM   529  C  CB  . LEU C 1 16 ? -1.873  -1.130  -16.630 1.00 16.67 ? 16  LEU C CB  1 
ATOM   530  C  CG  . LEU C 1 16 ? -2.675  -0.755  -15.404 1.00 16.12 ? 16  LEU C CG  1 
ATOM   531  C  CD1 . LEU C 1 16 ? -2.750  -1.805  -14.293 1.00 25.13 ? 16  LEU C CD1 1 
ATOM   532  C  CD2 . LEU C 1 16 ? -1.933  0.451   -14.897 1.00 14.59 ? 16  LEU C CD2 1 
ATOM   533  N  N   . GLU C 1 17 ? -0.988  -1.313  -19.870 1.00 16.98 ? 17  GLU C N   1 
ATOM   534  C  CA  . GLU C 1 17 ? -0.085  -1.656  -20.977 1.00 22.01 ? 17  GLU C CA  1 
ATOM   535  C  C   . GLU C 1 17 ? 0.263   -0.406  -21.840 1.00 7.91  ? 17  GLU C C   1 
ATOM   536  O  O   . GLU C 1 17 ? 1.280   -0.350  -22.415 1.00 17.67 ? 17  GLU C O   1 
ATOM   537  C  CB  . GLU C 1 17 ? -0.824  -2.527  -21.972 1.00 11.05 ? 17  GLU C CB  1 
ATOM   538  C  CG  . GLU C 1 17 ? -0.061  -3.727  -22.544 1.00 25.29 ? 17  GLU C CG  1 
ATOM   539  C  CD  . GLU C 1 17 ? -1.131  -4.690  -23.053 1.00 42.13 ? 17  GLU C CD  1 
ATOM   540  O  OE1 . GLU C 1 17 ? -2.011  -4.476  -23.883 1.00 48.29 ? 17  GLU C OE1 1 
ATOM   541  O  OE2 . GLU C 1 17 ? -1.147  -5.780  -22.464 1.00 41.05 ? 17  GLU C OE2 1 
ATOM   542  N  N   . ASN C 1 18 ? -0.633  0.530   -21.813 1.00 15.15 ? 18  ASN C N   1 
ATOM   543  C  CA  . ASN C 1 18 ? -0.557  1.865   -22.417 1.00 23.31 ? 18  ASN C CA  1 
ATOM   544  C  C   . ASN C 1 18 ? 0.752   2.464   -21.950 1.00 13.89 ? 18  ASN C C   1 
ATOM   545  O  O   . ASN C 1 18 ? 1.542   3.191   -22.625 1.00 20.78 ? 18  ASN C O   1 
ATOM   546  C  CB  . ASN C 1 18 ? -1.831  2.651   -21.924 1.00 22.20 ? 18  ASN C CB  1 
ATOM   547  C  CG  . ASN C 1 18 ? -1.668  4.048   -22.511 1.00 49.25 ? 18  ASN C CG  1 
ATOM   548  O  OD1 . ASN C 1 18 ? -1.594  4.224   -23.740 1.00 32.62 ? 18  ASN C OD1 1 
ATOM   549  N  ND2 . ASN C 1 18 ? -1.545  5.030   -21.643 1.00 34.30 ? 18  ASN C ND2 1 
ATOM   550  N  N   . TYR C 1 19 ? 1.131   2.034   -20.679 1.00 34.87 ? 19  TYR C N   1 
ATOM   551  C  CA  . TYR C 1 19 ? 2.357   2.544   -20.089 1.00 12.82 ? 19  TYR C CA  1 
ATOM   552  C  C   . TYR C 1 19 ? 3.708   1.833   -20.193 1.00 19.68 ? 19  TYR C C   1 
ATOM   553  O  O   . TYR C 1 19 ? 4.660   2.566   -19.769 1.00 22.43 ? 19  TYR C O   1 
ATOM   554  C  CB  . TYR C 1 19 ? 2.398   3.216   -18.675 1.00 17.31 ? 19  TYR C CB  1 
ATOM   555  C  CG  . TYR C 1 19 ? 1.250   4.210   -18.554 1.00 17.45 ? 19  TYR C CG  1 
ATOM   556  C  CD1 . TYR C 1 19 ? 0.030   3.591   -18.220 1.00 36.71 ? 19  TYR C CD1 1 
ATOM   557  C  CD2 . TYR C 1 19 ? 1.285   5.594   -18.745 1.00 23.64 ? 19  TYR C CD2 1 
ATOM   558  C  CE1 . TYR C 1 19 ? -1.139  4.368   -18.117 1.00 33.14 ? 19  TYR C CE1 1 
ATOM   559  C  CE2 . TYR C 1 19 ? 0.096   6.420   -18.609 1.00 22.25 ? 19  TYR C CE2 1 
ATOM   560  C  CZ  . TYR C 1 19 ? -1.083  5.767   -18.276 1.00 35.60 ? 19  TYR C CZ  1 
ATOM   561  O  OH  . TYR C 1 19 ? -2.306  6.362   -18.113 1.00 29.95 ? 19  TYR C OH  1 
ATOM   562  N  N   . CYS C 1 20 ? 3.713   0.659   -20.726 1.00 16.72 ? 20  CYS C N   1 
ATOM   563  C  CA  . CYS C 1 20 ? 4.871   -0.191  -21.025 1.00 16.01 ? 20  CYS C CA  1 
ATOM   564  C  C   . CYS C 1 20 ? 5.490   0.434   -22.290 1.00 35.43 ? 20  CYS C C   1 
ATOM   565  O  O   . CYS C 1 20 ? 4.796   1.055   -23.154 1.00 33.30 ? 20  CYS C O   1 
ATOM   566  C  CB  . CYS C 1 20 ? 4.288   -1.534  -21.482 1.00 15.51 ? 20  CYS C CB  1 
ATOM   567  S  SG  . CYS C 1 20 ? 3.211   -2.354  -20.302 1.00 23.74 ? 20  CYS C SG  1 
ATOM   568  N  N   . ASN C 1 21 ? 6.761   0.248   -22.421 1.00 40.77 ? 21  ASN C N   1 
ATOM   569  C  CA  . ASN C 1 21 ? 7.706   0.743   -23.430 1.00 60.43 ? 21  ASN C CA  1 
ATOM   570  C  C   . ASN C 1 21 ? 7.748   -0.041  -24.748 1.00 69.96 ? 21  ASN C C   1 
ATOM   571  O  O   . ASN C 1 21 ? 8.534   0.274   -25.681 1.00 58.23 ? 21  ASN C O   1 
ATOM   572  C  CB  . ASN C 1 21 ? 9.101   0.785   -22.823 1.00 22.93 ? 21  ASN C CB  1 
ATOM   573  C  CG  . ASN C 1 21 ? 9.681   1.650   -21.746 1.00 21.77 ? 21  ASN C CG  1 
ATOM   574  O  OD1 . ASN C 1 21 ? 10.766  1.201   -21.251 1.00 32.46 ? 21  ASN C OD1 1 
ATOM   575  N  ND2 . ASN C 1 21 ? 9.300   2.879   -21.348 1.00 27.64 ? 21  ASN C ND2 1 
ATOM   576  O  OXT . ASN C 1 21 ? 6.949   -0.987  -24.794 1.00 37.31 ? 21  ASN C OXT 1 
ATOM   577  N  N   . PHE D 2 1  ? -0.365  14.579  -0.512  1.00 71.75 ? 1   PHE D N   1 
ATOM   578  C  CA  . PHE D 2 1  ? -1.180  13.434  -0.061  1.00 71.75 ? 1   PHE D CA  1 
ATOM   579  C  C   . PHE D 2 1  ? -0.781  12.113  -0.796  1.00 70.38 ? 1   PHE D C   1 
ATOM   580  O  O   . PHE D 2 1  ? -0.423  11.600  -1.914  1.00 32.89 ? 1   PHE D O   1 
ATOM   581  C  CB  . PHE D 2 1  ? -2.731  13.724  0.064   1.00 71.75 ? 1   PHE D CB  1 
ATOM   582  C  CG  . PHE D 2 1  ? -3.171  13.699  -1.391  1.00 71.75 ? 1   PHE D CG  1 
ATOM   583  C  CD1 . PHE D 2 1  ? -2.842  14.793  -2.209  1.00 52.16 ? 1   PHE D CD1 1 
ATOM   584  C  CD2 . PHE D 2 1  ? -3.750  12.531  -1.906  1.00 71.75 ? 1   PHE D CD2 1 
ATOM   585  C  CE1 . PHE D 2 1  ? -3.140  14.744  -3.552  1.00 71.75 ? 1   PHE D CE1 1 
ATOM   586  C  CE2 . PHE D 2 1  ? -4.074  12.480  -3.267  1.00 71.75 ? 1   PHE D CE2 1 
ATOM   587  C  CZ  . PHE D 2 1  ? -3.758  13.597  -4.078  1.00 71.75 ? 1   PHE D CZ  1 
ATOM   588  N  N   . VAL D 2 2  ? -0.866  11.355  0.299   1.00 63.99 ? 2   VAL D N   1 
ATOM   589  C  CA  . VAL D 2 2  ? -0.633  9.929   0.498   1.00 59.66 ? 2   VAL D CA  1 
ATOM   590  C  C   . VAL D 2 2  ? -1.602  9.129   -0.321  1.00 22.06 ? 2   VAL D C   1 
ATOM   591  O  O   . VAL D 2 2  ? -1.021  8.287   -1.004  1.00 50.01 ? 2   VAL D O   1 
ATOM   592  C  CB  . VAL D 2 2  ? -0.607  9.862   2.028   1.00 30.96 ? 2   VAL D CB  1 
ATOM   593  C  CG1 . VAL D 2 2  ? -1.101  8.545   2.618   1.00 49.96 ? 2   VAL D CG1 1 
ATOM   594  C  CG2 . VAL D 2 2  ? 0.751   10.365  2.563   1.00 59.19 ? 2   VAL D CG2 1 
ATOM   595  N  N   . ASN D 2 3  ? -2.905  9.421   -0.393  1.00 35.07 ? 3   ASN D N   1 
ATOM   596  C  CA  . ASN D 2 3  ? -3.799  8.570   -1.193  1.00 20.27 ? 3   ASN D CA  1 
ATOM   597  C  C   . ASN D 2 3  ? -2.997  8.336   -2.505  1.00 26.94 ? 3   ASN D C   1 
ATOM   598  O  O   . ASN D 2 3  ? -2.935  7.137   -2.737  1.00 20.28 ? 3   ASN D O   1 
ATOM   599  C  CB  . ASN D 2 3  ? -5.192  8.955   -1.649  1.00 16.62 ? 3   ASN D CB  1 
ATOM   600  C  CG  . ASN D 2 3  ? -5.661  9.392   -3.048  1.00 71.75 ? 3   ASN D CG  1 
ATOM   601  O  OD1 . ASN D 2 3  ? -6.770  10.051  -3.101  1.00 64.04 ? 3   ASN D OD1 1 
ATOM   602  N  ND2 . ASN D 2 3  ? -5.273  9.244   -4.362  1.00 43.61 ? 3   ASN D ND2 1 
ATOM   603  N  N   . GLN D 2 4  ? -2.539  9.412   -3.143  1.00 16.72 ? 4   GLN D N   1 
ATOM   604  C  CA  . GLN D 2 4  ? -1.935  9.162   -4.475  1.00 20.02 ? 4   GLN D CA  1 
ATOM   605  C  C   . GLN D 2 4  ? -0.575  8.545   -4.478  1.00 22.98 ? 4   GLN D C   1 
ATOM   606  O  O   . GLN D 2 4  ? -0.243  7.873   -5.456  1.00 14.99 ? 4   GLN D O   1 
ATOM   607  C  CB  . GLN D 2 4  ? -1.756  10.368  -5.387  1.00 20.30 ? 4   GLN D CB  1 
ATOM   608  C  CG  . GLN D 2 4  ? -3.026  11.201  -5.366  1.00 62.14 ? 4   GLN D CG  1 
ATOM   609  C  CD  . GLN D 2 4  ? -3.383  11.889  -6.674  1.00 71.75 ? 4   GLN D CD  1 
ATOM   610  O  OE1 . GLN D 2 4  ? -4.575  11.704  -6.964  1.00 60.69 ? 4   GLN D OE1 1 
ATOM   611  N  NE2 . GLN D 2 4  ? -2.388  12.556  -7.308  1.00 41.59 ? 4   GLN D NE2 1 
ATOM   612  N  N   . HIS D 2 5  ? 0.112   8.939   -3.423  1.00 16.25 ? 5   HIS D N   1 
ATOM   613  C  CA  . HIS D 2 5  ? 1.460   8.374   -3.219  1.00 24.41 ? 5   HIS D CA  1 
ATOM   614  C  C   . HIS D 2 5  ? 1.392   6.845   -2.992  1.00 14.51 ? 5   HIS D C   1 
ATOM   615  O  O   . HIS D 2 5  ? 2.254   6.017   -3.469  1.00 12.74 ? 5   HIS D O   1 
ATOM   616  C  CB  . HIS D 2 5  ? 2.173   9.294   -2.177  1.00 20.62 ? 5   HIS D CB  1 
ATOM   617  C  CG  . HIS D 2 5  ? 3.501   8.742   -1.713  1.00 23.74 ? 5   HIS D CG  1 
ATOM   618  N  ND1 . HIS D 2 5  ? 3.776   8.233   -0.464  1.00 25.83 ? 5   HIS D ND1 1 
ATOM   619  C  CD2 . HIS D 2 5  ? 4.663   8.573   -2.415  1.00 22.19 ? 5   HIS D CD2 1 
ATOM   620  C  CE1 . HIS D 2 5  ? 5.058   7.831   -0.509  1.00 46.21 ? 5   HIS D CE1 1 
ATOM   621  N  NE2 . HIS D 2 5  ? 5.666   7.949   -1.662  1.00 23.86 ? 5   HIS D NE2 1 
ATOM   622  N  N   . LEU D 2 6  ? 0.530   6.275   -2.212  1.00 9.26  ? 6   LEU D N   1 
ATOM   623  C  CA  . LEU D 2 6  ? 0.292   4.898   -1.815  1.00 12.44 ? 6   LEU D CA  1 
ATOM   624  C  C   . LEU D 2 6  ? -0.218  4.219   -3.079  1.00 16.41 ? 6   LEU D C   1 
ATOM   625  O  O   . LEU D 2 6  ? 0.197   3.145   -3.509  1.00 17.40 ? 6   LEU D O   1 
ATOM   626  C  CB  . LEU D 2 6  ? -0.680  4.862   -0.638  1.00 8.42  ? 6   LEU D CB  1 
ATOM   627  C  CG  . LEU D 2 6  ? -0.143  5.423   0.685   1.00 20.45 ? 6   LEU D CG  1 
ATOM   628  C  CD1 . LEU D 2 6  ? -1.259  4.956   1.650   1.00 15.99 ? 6   LEU D CD1 1 
ATOM   629  C  CD2 . LEU D 2 6  ? 1.263   5.131   1.058   1.00 19.15 ? 6   LEU D CD2 1 
ATOM   630  N  N   . CYS D 2 7  ? -1.178  4.826   -3.777  1.00 8.79  ? 7   CYS D N   1 
ATOM   631  C  CA  . CYS D 2 7  ? -1.675  4.322   -5.051  1.00 14.66 ? 7   CYS D CA  1 
ATOM   632  C  C   . CYS D 2 7  ? -0.531  4.108   -6.034  1.00 12.70 ? 7   CYS D C   1 
ATOM   633  O  O   . CYS D 2 7  ? -0.478  3.030   -6.531  1.00 7.87  ? 7   CYS D O   1 
ATOM   634  C  CB  . CYS D 2 7  ? -2.644  5.342   -5.657  1.00 14.72 ? 7   CYS D CB  1 
ATOM   635  S  SG  . CYS D 2 7  ? -3.296  4.730   -7.251  1.00 18.79 ? 7   CYS D SG  1 
ATOM   636  N  N   . GLY D 2 8  ? 0.320   5.049   -6.342  1.00 9.62  ? 8   GLY D N   1 
ATOM   637  C  CA  . GLY D 2 8  ? 1.397   4.964   -7.304  1.00 7.97  ? 8   GLY D CA  1 
ATOM   638  C  C   . GLY D 2 8  ? 2.306   3.785   -7.000  1.00 11.64 ? 8   GLY D C   1 
ATOM   639  O  O   . GLY D 2 8  ? 2.932   3.163   -7.896  1.00 10.98 ? 8   GLY D O   1 
ATOM   640  N  N   . SER D 2 9  ? 2.488   3.502   -5.770  1.00 12.12 ? 9   SER D N   1 
ATOM   641  C  CA  . SER D 2 9  ? 3.375   2.357   -5.294  1.00 16.33 ? 9   SER D CA  1 
ATOM   642  C  C   . SER D 2 9  ? 2.904   0.999   -5.884  1.00 22.29 ? 9   SER D C   1 
ATOM   643  O  O   . SER D 2 9  ? 3.578   0.104   -6.389  1.00 18.93 ? 9   SER D O   1 
ATOM   644  C  CB  . SER D 2 9  ? 3.295   2.346   -3.781  1.00 15.39 ? 9   SER D CB  1 
ATOM   645  O  OG  . SER D 2 9  ? 4.148   1.553   -3.094  1.00 26.50 ? 9   SER D OG  1 
ATOM   646  N  N   . HIS D 2 10 ? 1.599   0.880   -5.785  1.00 9.94  ? 10  HIS D N   1 
ATOM   647  C  CA  . HIS D 2 10 ? 0.821   -0.242  -6.299  1.00 13.23 ? 10  HIS D CA  1 
ATOM   648  C  C   . HIS D 2 10 ? 0.789   -0.108  -7.801  1.00 10.42 ? 10  HIS D C   1 
ATOM   649  O  O   . HIS D 2 10 ? 0.879   -1.207  -8.379  1.00 12.92 ? 10  HIS D O   1 
ATOM   650  C  CB  . HIS D 2 10 ? -0.570  -0.338  -5.693  1.00 7.81  ? 10  HIS D CB  1 
ATOM   651  C  CG  . HIS D 2 10 ? -0.516  -0.502  -4.151  1.00 12.25 ? 10  HIS D CG  1 
ATOM   652  N  ND1 . HIS D 2 10 ? -0.644  -1.780  -3.646  1.00 17.88 ? 10  HIS D ND1 1 
ATOM   653  C  CD2 . HIS D 2 10 ? -0.357  0.313   -3.128  1.00 10.47 ? 10  HIS D CD2 1 
ATOM   654  C  CE1 . HIS D 2 10 ? -0.583  -1.614  -2.371  1.00 14.88 ? 10  HIS D CE1 1 
ATOM   655  N  NE2 . HIS D 2 10 ? -0.440  -0.364  -1.905  1.00 11.01 ? 10  HIS D NE2 1 
ATOM   656  N  N   . LEU D 2 11 ? 0.896   1.022   -8.435  1.00 11.32 ? 11  LEU D N   1 
ATOM   657  C  CA  . LEU D 2 11 ? 0.870   1.033   -9.878  1.00 10.75 ? 11  LEU D CA  1 
ATOM   658  C  C   . LEU D 2 11 ? 2.206   0.585   -10.420 1.00 6.05  ? 11  LEU D C   1 
ATOM   659  O  O   . LEU D 2 11 ? 2.138   -0.058  -11.471 1.00 11.98 ? 11  LEU D O   1 
ATOM   660  C  CB  . LEU D 2 11 ? 0.455   2.432   -10.358 1.00 16.48 ? 11  LEU D CB  1 
ATOM   661  C  CG  . LEU D 2 11 ? -0.864  3.140   -10.202 1.00 15.30 ? 11  LEU D CG  1 
ATOM   662  C  CD1 . LEU D 2 11 ? -0.618  4.532   -10.795 1.00 12.96 ? 11  LEU D CD1 1 
ATOM   663  C  CD2 . LEU D 2 11 ? -2.037  2.478   -10.866 1.00 22.97 ? 11  LEU D CD2 1 
ATOM   664  N  N   . VAL D 2 12 ? 3.345   0.922   -9.874  1.00 8.85  ? 12  VAL D N   1 
ATOM   665  C  CA  . VAL D 2 12 ? 4.635   0.515   -10.432 1.00 10.86 ? 12  VAL D CA  1 
ATOM   666  C  C   . VAL D 2 12 ? 4.661   -1.048  -10.440 1.00 10.67 ? 12  VAL D C   1 
ATOM   667  O  O   . VAL D 2 12 ? 5.305   -1.570  -11.331 1.00 8.45  ? 12  VAL D O   1 
ATOM   668  C  CB  . VAL D 2 12 ? 5.943   0.998   -9.785  1.00 12.89 ? 12  VAL D CB  1 
ATOM   669  C  CG1 . VAL D 2 12 ? 5.822   2.580   -9.952  1.00 16.65 ? 12  VAL D CG1 1 
ATOM   670  C  CG2 . VAL D 2 12 ? 6.205   0.825   -8.314  1.00 17.05 ? 12  VAL D CG2 1 
ATOM   671  N  N   . GLU D 2 13 ? 4.101   -1.465  -9.322  1.00 10.70 ? 13  GLU D N   1 
ATOM   672  C  CA  . GLU D 2 13 ? 4.127   -2.928  -9.171  1.00 9.48  ? 13  GLU D CA  1 
ATOM   673  C  C   . GLU D 2 13 ? 3.307   -3.634  -10.216 1.00 16.63 ? 13  GLU D C   1 
ATOM   674  O  O   . GLU D 2 13 ? 3.706   -4.662  -10.825 1.00 13.03 ? 13  GLU D O   1 
ATOM   675  C  CB  . GLU D 2 13 ? 3.888   -3.133  -7.678  1.00 18.23 ? 13  GLU D CB  1 
ATOM   676  C  CG  . GLU D 2 13 ? 3.252   -4.545  -7.602  1.00 38.22 ? 13  GLU D CG  1 
ATOM   677  C  CD  . GLU D 2 13 ? 2.398   -4.744  -6.360  1.00 71.75 ? 13  GLU D CD  1 
ATOM   678  O  OE1 . GLU D 2 13 ? 3.186   -4.699  -5.357  1.00 66.94 ? 13  GLU D OE1 1 
ATOM   679  O  OE2 . GLU D 2 13 ? 1.165   -4.911  -6.394  1.00 71.34 ? 13  GLU D OE2 1 
ATOM   680  N  N   . ALA D 2 14 ? 2.101   -3.235  -10.596 1.00 13.76 ? 14  ALA D N   1 
ATOM   681  C  CA  . ALA D 2 14 ? 1.138   -3.651  -11.584 1.00 8.90  ? 14  ALA D CA  1 
ATOM   682  C  C   . ALA D 2 14 ? 1.838   -3.425  -12.940 1.00 20.86 ? 14  ALA D C   1 
ATOM   683  O  O   . ALA D 2 14 ? 1.822   -4.287  -13.836 1.00 14.85 ? 14  ALA D O   1 
ATOM   684  C  CB  . ALA D 2 14 ? -0.183  -2.871  -11.368 1.00 12.71 ? 14  ALA D CB  1 
ATOM   685  N  N   . LEU D 2 15 ? 2.547   -2.331  -13.144 1.00 13.25 ? 15  LEU D N   1 
ATOM   686  C  CA  . LEU D 2 15 ? 3.231   -2.051  -14.380 1.00 18.00 ? 15  LEU D CA  1 
ATOM   687  C  C   . LEU D 2 15 ? 4.400   -3.019  -14.600 1.00 17.56 ? 15  LEU D C   1 
ATOM   688  O  O   . LEU D 2 15 ? 4.867   -3.415  -15.691 1.00 14.51 ? 15  LEU D O   1 
ATOM   689  C  CB  . LEU D 2 15 ? 3.770   -0.594  -14.450 1.00 12.10 ? 15  LEU D CB  1 
ATOM   690  C  CG  . LEU D 2 15 ? 2.692   0.506   -14.638 1.00 10.19 ? 15  LEU D CG  1 
ATOM   691  C  CD1 . LEU D 2 15 ? 3.356   1.844   -14.782 1.00 7.74  ? 15  LEU D CD1 1 
ATOM   692  C  CD2 . LEU D 2 15 ? 2.103   0.138   -16.023 1.00 10.78 ? 15  LEU D CD2 1 
ATOM   693  N  N   . TYR D 2 16 ? 5.022   -3.289  -13.497 1.00 5.87  ? 16  TYR D N   1 
ATOM   694  C  CA  . TYR D 2 16 ? 6.170   -4.243  -13.627 1.00 14.95 ? 16  TYR D CA  1 
ATOM   695  C  C   . TYR D 2 16 ? 5.722   -5.615  -14.129 1.00 20.56 ? 16  TYR D C   1 
ATOM   696  O  O   . TYR D 2 16 ? 6.420   -6.309  -14.865 1.00 18.60 ? 16  TYR D O   1 
ATOM   697  C  CB  . TYR D 2 16 ? 6.872   -4.268  -12.219 1.00 15.90 ? 16  TYR D CB  1 
ATOM   698  C  CG  . TYR D 2 16 ? 7.920   -5.378  -12.117 1.00 18.07 ? 16  TYR D CG  1 
ATOM   699  C  CD1 . TYR D 2 16 ? 9.190   -5.108  -12.688 1.00 25.21 ? 16  TYR D CD1 1 
ATOM   700  C  CD2 . TYR D 2 16 ? 7.636   -6.624  -11.500 1.00 14.39 ? 16  TYR D CD2 1 
ATOM   701  C  CE1 . TYR D 2 16 ? 10.210  -6.102  -12.692 1.00 17.90 ? 16  TYR D CE1 1 
ATOM   702  C  CE2 . TYR D 2 16 ? 8.664   -7.623  -11.493 1.00 10.40 ? 16  TYR D CE2 1 
ATOM   703  C  CZ  . TYR D 2 16 ? 9.903   -7.372  -12.059 1.00 16.14 ? 16  TYR D CZ  1 
ATOM   704  O  OH  . TYR D 2 16 ? 10.985  -8.242  -12.025 1.00 19.87 ? 16  TYR D OH  1 
ATOM   705  N  N   . LEU D 2 17 ? 4.602   -6.147  -13.765 1.00 14.67 ? 17  LEU D N   1 
ATOM   706  C  CA  . LEU D 2 17 ? 4.036   -7.469  -14.131 1.00 9.47  ? 17  LEU D CA  1 
ATOM   707  C  C   . LEU D 2 17 ? 3.455   -7.449  -15.514 1.00 14.76 ? 17  LEU D C   1 
ATOM   708  O  O   . LEU D 2 17 ? 3.815   -8.325  -16.272 1.00 20.11 ? 17  LEU D O   1 
ATOM   709  C  CB  . LEU D 2 17 ? 3.005   -7.532  -13.062 1.00 13.67 ? 17  LEU D CB  1 
ATOM   710  C  CG  . LEU D 2 17 ? 2.622   -8.758  -12.347 1.00 37.39 ? 17  LEU D CG  1 
ATOM   711  C  CD1 . LEU D 2 17 ? 2.263   -8.245  -10.904 1.00 64.34 ? 17  LEU D CD1 1 
ATOM   712  C  CD2 . LEU D 2 17 ? 1.382   -9.196  -13.117 1.00 27.19 ? 17  LEU D CD2 1 
ATOM   713  N  N   . VAL D 2 18 ? 2.708   -6.397  -15.709 1.00 13.65 ? 18  VAL D N   1 
ATOM   714  C  CA  . VAL D 2 18 ? 2.028   -6.236  -17.007 1.00 12.72 ? 18  VAL D CA  1 
ATOM   715  C  C   . VAL D 2 18 ? 3.059   -6.122  -18.103 1.00 20.52 ? 18  VAL D C   1 
ATOM   716  O  O   . VAL D 2 18 ? 2.826   -6.629  -19.230 1.00 31.95 ? 18  VAL D O   1 
ATOM   717  C  CB  . VAL D 2 18 ? 0.987   -5.053  -17.066 1.00 18.03 ? 18  VAL D CB  1 
ATOM   718  C  CG1 . VAL D 2 18 ? 0.230   -4.975  -18.340 1.00 12.56 ? 18  VAL D CG1 1 
ATOM   719  C  CG2 . VAL D 2 18 ? -0.200  -5.311  -16.144 1.00 15.31 ? 18  VAL D CG2 1 
ATOM   720  N  N   . CYS D 2 19 ? 4.122   -5.389  -17.893 1.00 25.23 ? 19  CYS D N   1 
ATOM   721  C  CA  . CYS D 2 19 ? 5.083   -4.989  -18.933 1.00 36.39 ? 19  CYS D CA  1 
ATOM   722  C  C   . CYS D 2 19 ? 6.156   -6.013  -19.232 1.00 28.72 ? 19  CYS D C   1 
ATOM   723  O  O   . CYS D 2 19 ? 6.731   -5.839  -20.318 1.00 22.28 ? 19  CYS D O   1 
ATOM   724  C  CB  . CYS D 2 19 ? 5.643   -3.485  -18.813 1.00 13.27 ? 19  CYS D CB  1 
ATOM   725  S  SG  . CYS D 2 19 ? 4.306   -2.215  -18.635 1.00 19.14 ? 19  CYS D SG  1 
ATOM   726  N  N   . GLY D 2 20 ? 6.415   -6.949  -18.376 1.00 31.96 ? 20  GLY D N   1 
ATOM   727  C  CA  . GLY D 2 20 ? 7.468   -7.954  -18.619 1.00 24.52 ? 20  GLY D CA  1 
ATOM   728  C  C   . GLY D 2 20 ? 8.783   -7.262  -18.965 1.00 34.58 ? 20  GLY D C   1 
ATOM   729  O  O   . GLY D 2 20 ? 9.079   -6.260  -18.281 1.00 35.04 ? 20  GLY D O   1 
ATOM   730  N  N   . GLU D 2 21 ? 9.439   -7.819  -20.049 1.00 37.47 ? 21  GLU D N   1 
ATOM   731  C  CA  . GLU D 2 21 ? 10.734  -7.290  -20.573 1.00 32.88 ? 21  GLU D CA  1 
ATOM   732  C  C   . GLU D 2 21 ? 10.812  -5.941  -21.280 1.00 16.11 ? 21  GLU D C   1 
ATOM   733  O  O   . GLU D 2 21 ? 11.901  -5.318  -21.460 1.00 52.40 ? 21  GLU D O   1 
ATOM   734  C  CB  . GLU D 2 21 ? 11.392  -8.344  -21.484 1.00 39.10 ? 21  GLU D CB  1 
ATOM   735  C  CG  . GLU D 2 21 ? 10.442  -9.524  -21.781 0.50 33.49 ? 21  GLU D CG  1 
ATOM   736  C  CD  . GLU D 2 21 ? 11.160  -10.668 -22.488 0.50 65.78 ? 21  GLU D CD  1 
ATOM   737  O  OE1 . GLU D 2 21 ? 12.160  -10.239 -23.148 0.50 34.32 ? 21  GLU D OE1 1 
ATOM   738  O  OE2 . GLU D 2 21 ? 10.813  -11.858 -22.437 0.50 41.91 ? 21  GLU D OE2 1 
ATOM   739  N  N   . ARG D 2 22 ? 9.632   -5.464  -21.742 1.00 27.22 ? 22  ARG D N   1 
ATOM   740  C  CA  . ARG D 2 22 ? 9.378   -4.160  -22.339 1.00 27.37 ? 22  ARG D CA  1 
ATOM   741  C  C   . ARG D 2 22 ? 9.878   -3.071  -21.356 1.00 42.76 ? 22  ARG D C   1 
ATOM   742  O  O   . ARG D 2 22 ? 10.581  -2.174  -21.834 1.00 34.90 ? 22  ARG D O   1 
ATOM   743  C  CB  . ARG D 2 22 ? 7.853   -3.896  -22.253 1.00 25.56 ? 22  ARG D CB  1 
ATOM   744  C  CG  . ARG D 2 22 ? 7.354   -5.246  -22.848 1.00 35.42 ? 22  ARG D CG  1 
ATOM   745  C  CD  . ARG D 2 22 ? 6.127   -4.847  -23.630 1.00 39.72 ? 22  ARG D CD  1 
ATOM   746  N  NE  . ARG D 2 22 ? 6.648   -4.280  -24.888 1.00 67.08 ? 22  ARG D NE  1 
ATOM   747  C  CZ  . ARG D 2 22 ? 5.892   -3.430  -25.620 1.00 71.75 ? 22  ARG D CZ  1 
ATOM   748  N  NH1 . ARG D 2 22 ? 4.653   -3.084  -25.165 1.00 71.75 ? 22  ARG D NH1 1 
ATOM   749  N  NH2 . ARG D 2 22 ? 6.484   -3.037  -26.782 1.00 67.38 ? 22  ARG D NH2 1 
ATOM   750  N  N   . GLY D 2 23 ? 9.506   -3.352  -20.095 1.00 26.26 ? 23  GLY D N   1 
ATOM   751  C  CA  . GLY D 2 23 ? 9.833   -2.442  -18.972 1.00 17.17 ? 23  GLY D CA  1 
ATOM   752  C  C   . GLY D 2 23 ? 8.663   -1.449  -19.169 1.00 21.88 ? 23  GLY D C   1 
ATOM   753  O  O   . GLY D 2 23 ? 7.599   -1.753  -19.776 1.00 31.14 ? 23  GLY D O   1 
ATOM   754  N  N   . PHE D 2 24 ? 8.927   -0.267  -18.650 1.00 19.03 ? 24  PHE D N   1 
ATOM   755  C  CA  . PHE D 2 24 ? 7.929   0.809   -18.622 1.00 19.03 ? 24  PHE D CA  1 
ATOM   756  C  C   . PHE D 2 24 ? 8.703   2.032   -18.102 1.00 9.09  ? 24  PHE D C   1 
ATOM   757  O  O   . PHE D 2 24 ? 9.853   2.231   -17.553 1.00 19.87 ? 24  PHE D O   1 
ATOM   758  C  CB  . PHE D 2 24 ? 6.712   0.561   -17.645 1.00 20.42 ? 24  PHE D CB  1 
ATOM   759  C  CG  . PHE D 2 24 ? 7.114   0.264   -16.192 1.00 20.52 ? 24  PHE D CG  1 
ATOM   760  C  CD1 . PHE D 2 24 ? 7.608   -1.023  -15.799 1.00 13.57 ? 24  PHE D CD1 1 
ATOM   761  C  CD2 . PHE D 2 24 ? 7.126   1.273   -15.214 1.00 16.04 ? 24  PHE D CD2 1 
ATOM   762  C  CE1 . PHE D 2 24 ? 8.088   -1.167  -14.512 1.00 8.85  ? 24  PHE D CE1 1 
ATOM   763  C  CE2 . PHE D 2 24 ? 7.563   1.067   -13.887 1.00 17.43 ? 24  PHE D CE2 1 
ATOM   764  C  CZ  . PHE D 2 24 ? 8.079   -0.179  -13.532 1.00 9.88  ? 24  PHE D CZ  1 
ATOM   765  N  N   . PHE D 2 25 ? 7.786   3.018   -18.183 1.00 26.55 ? 25  PHE D N   1 
ATOM   766  C  CA  . PHE D 2 25 ? 8.326   4.302   -17.614 1.00 15.66 ? 25  PHE D CA  1 
ATOM   767  C  C   . PHE D 2 25 ? 7.078   4.863   -16.872 1.00 27.01 ? 25  PHE D C   1 
ATOM   768  O  O   . PHE D 2 25 ? 5.870   4.811   -17.223 1.00 29.01 ? 25  PHE D O   1 
ATOM   769  C  CB  . PHE D 2 25 ? 9.209   5.053   -18.589 1.00 54.98 ? 25  PHE D CB  1 
ATOM   770  C  CG  . PHE D 2 25 ? 8.615   6.422   -18.780 1.00 70.11 ? 25  PHE D CG  1 
ATOM   771  C  CD1 . PHE D 2 25 ? 7.315   6.536   -19.370 1.00 71.75 ? 25  PHE D CD1 1 
ATOM   772  C  CD2 . PHE D 2 25 ? 9.326   7.528   -18.285 1.00 62.91 ? 25  PHE D CD2 1 
ATOM   773  C  CE1 . PHE D 2 25 ? 6.681   7.806   -19.520 1.00 54.99 ? 25  PHE D CE1 1 
ATOM   774  C  CE2 . PHE D 2 25 ? 8.686   8.787   -18.413 1.00 71.75 ? 25  PHE D CE2 1 
ATOM   775  C  CZ  . PHE D 2 25 ? 7.423   8.921   -19.047 1.00 60.04 ? 25  PHE D CZ  1 
ATOM   776  N  N   . TYR D 2 26 ? 7.615   5.351   -15.748 1.00 17.78 ? 26  TYR D N   1 
ATOM   777  C  CA  . TYR D 2 26 ? 6.766   5.936   -14.755 1.00 21.60 ? 26  TYR D CA  1 
ATOM   778  C  C   . TYR D 2 26 ? 7.265   7.376   -14.539 1.00 18.60 ? 26  TYR D C   1 
ATOM   779  O  O   . TYR D 2 26 ? 8.390   7.783   -14.101 1.00 21.22 ? 26  TYR D O   1 
ATOM   780  C  CB  . TYR D 2 26 ? 6.944   5.225   -13.353 1.00 17.69 ? 26  TYR D CB  1 
ATOM   781  C  CG  . TYR D 2 26 ? 5.826   5.726   -12.458 1.00 11.69 ? 26  TYR D CG  1 
ATOM   782  C  CD1 . TYR D 2 26 ? 4.493   5.296   -12.623 1.00 21.17 ? 26  TYR D CD1 1 
ATOM   783  C  CD2 . TYR D 2 26 ? 6.184   6.589   -11.431 1.00 18.61 ? 26  TYR D CD2 1 
ATOM   784  C  CE1 . TYR D 2 26 ? 3.503   5.755   -11.729 1.00 36.01 ? 26  TYR D CE1 1 
ATOM   785  C  CE2 . TYR D 2 26 ? 5.183   7.041   -10.581 1.00 15.11 ? 26  TYR D CE2 1 
ATOM   786  C  CZ  . TYR D 2 26 ? 3.871   6.634   -10.722 1.00 20.55 ? 26  TYR D CZ  1 
ATOM   787  O  OH  . TYR D 2 26 ? 3.127   7.312   -9.786  1.00 30.79 ? 26  TYR D OH  1 
ATOM   788  N  N   . THR D 2 27 ? 6.171   8.085   -14.826 1.00 31.49 ? 27  THR D N   1 
ATOM   789  C  CA  . THR D 2 27 ? 6.220   9.561   -14.554 1.00 26.87 ? 27  THR D CA  1 
ATOM   790  C  C   . THR D 2 27 ? 4.812   9.824   -13.983 1.00 18.74 ? 27  THR D C   1 
ATOM   791  O  O   . THR D 2 27 ? 3.709   9.556   -14.550 1.00 45.92 ? 27  THR D O   1 
ATOM   792  C  CB  . THR D 2 27 ? 6.761   10.478  -15.688 1.00 40.97 ? 27  THR D CB  1 
ATOM   793  O  OG1 . THR D 2 27 ? 6.337   11.816  -15.281 1.00 64.87 ? 27  THR D OG1 1 
ATOM   794  C  CG2 . THR D 2 27 ? 6.300   10.043  -17.049 1.00 32.39 ? 27  THR D CG2 1 
ATOM   795  N  N   . PRO D 2 28 ? 4.925   10.289  -12.764 1.00 21.91 ? 28  PRO D N   1 
ATOM   796  C  CA  . PRO D 2 28 ? 3.724   10.627  -12.015 1.00 27.16 ? 28  PRO D CA  1 
ATOM   797  C  C   . PRO D 2 28 ? 3.418   12.121  -12.163 1.00 50.56 ? 28  PRO D C   1 
ATOM   798  O  O   . PRO D 2 28 ? 2.482   12.623  -12.766 1.00 44.21 ? 28  PRO D O   1 
ATOM   799  C  CB  . PRO D 2 28 ? 4.209   10.320  -10.584 1.00 34.52 ? 28  PRO D CB  1 
ATOM   800  C  CG  . PRO D 2 28 ? 5.667   10.791  -10.588 1.00 36.50 ? 28  PRO D CG  1 
ATOM   801  C  CD  . PRO D 2 28 ? 6.157   10.643  -12.016 1.00 24.70 ? 28  PRO D CD  1 
ATOM   802  N  N   . LYS D 2 29 ? 4.176   12.836  -11.417 1.00 43.08 ? 29  LYS D N   1 
ATOM   803  C  CA  . LYS D 2 29 ? 4.842   13.840  -10.694 1.00 32.28 ? 29  LYS D CA  1 
ATOM   804  C  C   . LYS D 2 29 ? 3.646   14.041  -9.679  1.00 50.59 ? 29  LYS D C   1 
ATOM   805  O  O   . LYS D 2 29 ? 2.643   14.559  -10.203 1.00 59.05 ? 29  LYS D O   1 
ATOM   806  C  CB  . LYS D 2 29 ? 5.383   15.211  -10.947 1.00 45.11 ? 29  LYS D CB  1 
ATOM   807  C  CG  . LYS D 2 29 ? 5.656   16.388  -10.845 0.00 30.00 ? 29  LYS D CG  1 
ATOM   808  C  CD  . LYS D 2 29 ? 5.979   16.228  -12.365 0.00 30.00 ? 29  LYS D CD  1 
ATOM   809  C  CE  . LYS D 2 29 ? 5.203   17.087  -13.378 0.00 30.00 ? 29  LYS D CE  1 
ATOM   810  N  NZ  . LYS D 2 29 ? 4.263   16.370  -14.350 0.00 30.00 ? 29  LYS D NZ  1 
ATOM   811  N  N   . ALA D 2 30 ? 3.758   13.572  -8.472  1.00 25.36 ? 30  ALA D N   1 
ATOM   812  C  CA  . ALA D 2 30 ? 2.731   13.582  -7.388  1.00 71.75 ? 30  ALA D CA  1 
ATOM   813  C  C   . ALA D 2 30 ? 1.302   12.959  -7.454  1.00 71.75 ? 30  ALA D C   1 
ATOM   814  O  O   . ALA D 2 30 ? 0.407   13.169  -6.513  1.00 60.88 ? 30  ALA D O   1 
ATOM   815  C  CB  . ALA D 2 30 ? 2.751   15.020  -6.782  1.00 71.75 ? 30  ALA D CB  1 
ATOM   816  O  OXT . ALA D 2 30 ? 0.841   12.162  -8.338  1.00 63.04 ? 30  ALA D OXT 1 
ATOM   817  N  N   . GLY E 1 1  ? -17.299 -9.411  1.234   1.00 46.62 ? 1   GLY E N   1 
ATOM   818  C  CA  . GLY E 1 1  ? -17.251 -10.374 2.382   1.00 49.56 ? 1   GLY E CA  1 
ATOM   819  C  C   . GLY E 1 1  ? -16.031 -9.880  3.163   1.00 21.78 ? 1   GLY E C   1 
ATOM   820  O  O   . GLY E 1 1  ? -16.179 -9.079  4.080   1.00 41.23 ? 1   GLY E O   1 
ATOM   821  N  N   . ILE E 1 2  ? -14.845 -10.236 2.721   1.00 42.31 ? 2   ILE E N   1 
ATOM   822  C  CA  . ILE E 1 2  ? -13.585 -9.766  3.339   1.00 52.42 ? 2   ILE E CA  1 
ATOM   823  C  C   . ILE E 1 2  ? -13.318 -8.266  3.149   1.00 35.20 ? 2   ILE E C   1 
ATOM   824  O  O   . ILE E 1 2  ? -12.738 -7.527  3.986   1.00 26.31 ? 2   ILE E O   1 
ATOM   825  C  CB  . ILE E 1 2  ? -12.559 -10.796 2.708   1.00 35.53 ? 2   ILE E CB  1 
ATOM   826  C  CG1 . ILE E 1 2  ? -11.327 -10.994 3.625   1.00 40.30 ? 2   ILE E CG1 1 
ATOM   827  C  CG2 . ILE E 1 2  ? -12.243 -10.411 1.235   1.00 39.81 ? 2   ILE E CG2 1 
ATOM   828  C  CD1 . ILE E 1 2  ? -11.519 -10.497 5.097   1.00 47.08 ? 2   ILE E CD1 1 
ATOM   829  N  N   . VAL E 1 3  ? -13.664 -7.702  1.982   1.00 27.24 ? 3   VAL E N   1 
ATOM   830  C  CA  . VAL E 1 3  ? -13.448 -6.251  1.629   1.00 15.25 ? 3   VAL E CA  1 
ATOM   831  C  C   . VAL E 1 3  ? -14.380 -5.451  2.516   1.00 18.06 ? 3   VAL E C   1 
ATOM   832  O  O   . VAL E 1 3  ? -13.751 -4.726  3.348   1.00 31.01 ? 3   VAL E O   1 
ATOM   833  C  CB  . VAL E 1 3  ? -13.600 -6.349  0.122   1.00 23.19 ? 3   VAL E CB  1 
ATOM   834  C  CG1 . VAL E 1 3  ? -14.273 -5.170  -0.509  1.00 50.62 ? 3   VAL E CG1 1 
ATOM   835  C  CG2 . VAL E 1 3  ? -12.311 -6.813  -0.561  1.00 20.98 ? 3   VAL E CG2 1 
ATOM   836  N  N   . GLU E 1 4  ? -15.704 -5.673  2.552   1.00 27.38 ? 4   GLU E N   1 
ATOM   837  C  CA  . GLU E 1 4  ? -16.608 -4.997  3.491   1.00 51.81 ? 4   GLU E CA  1 
ATOM   838  C  C   . GLU E 1 4  ? -16.254 -5.278  4.959   1.00 29.43 ? 4   GLU E C   1 
ATOM   839  O  O   . GLU E 1 4  ? -16.325 -4.423  5.896   1.00 25.11 ? 4   GLU E O   1 
ATOM   840  C  CB  . GLU E 1 4  ? -18.088 -5.424  3.341   1.00 71.75 ? 4   GLU E CB  1 
ATOM   841  C  CG  . GLU E 1 4  ? -18.991 -5.756  4.520   1.00 71.70 ? 4   GLU E CG  1 
ATOM   842  C  CD  . GLU E 1 4  ? -19.266 -7.136  5.127   1.00 71.75 ? 4   GLU E CD  1 
ATOM   843  O  OE1 . GLU E 1 4  ? -19.828 -7.906  4.246   1.00 71.75 ? 4   GLU E OE1 1 
ATOM   844  O  OE2 . GLU E 1 4  ? -19.079 -7.646  6.307   1.00 67.83 ? 4   GLU E OE2 1 
ATOM   845  N  N   . GLN E 1 5  ? -15.808 -6.562  5.179   1.00 15.25 ? 5   GLN E N   1 
ATOM   846  C  CA  . GLN E 1 5  ? -15.547 -6.833  6.630   1.00 12.17 ? 5   GLN E CA  1 
ATOM   847  C  C   . GLN E 1 5  ? -14.398 -6.026  7.184   1.00 24.12 ? 5   GLN E C   1 
ATOM   848  O  O   . GLN E 1 5  ? -14.443 -5.337  8.195   1.00 42.60 ? 5   GLN E O   1 
ATOM   849  C  CB  . GLN E 1 5  ? -15.513 -8.336  6.738   1.00 37.40 ? 5   GLN E CB  1 
ATOM   850  C  CG  . GLN E 1 5  ? -14.864 -8.946  7.967   1.00 71.75 ? 5   GLN E CG  1 
ATOM   851  C  CD  . GLN E 1 5  ? -15.271 -10.398 8.232   1.00 44.32 ? 5   GLN E CD  1 
ATOM   852  O  OE1 . GLN E 1 5  ? -16.473 -10.689 8.203   1.00 49.06 ? 5   GLN E OE1 1 
ATOM   853  N  NE2 . GLN E 1 5  ? -14.235 -11.198 8.453   1.00 40.15 ? 5   GLN E NE2 1 
ATOM   854  N  N   . CYS E 1 6  ? -13.334 -6.177  6.367   1.00 31.31 ? 6   CYS E N   1 
ATOM   855  C  CA  . CYS E 1 6  ? -12.011 -5.663  6.667   1.00 16.70 ? 6   CYS E CA  1 
ATOM   856  C  C   . CYS E 1 6  ? -11.383 -4.424  6.050   1.00 15.00 ? 6   CYS E C   1 
ATOM   857  O  O   . CYS E 1 6  ? -10.253 -4.245  6.543   1.00 18.73 ? 6   CYS E O   1 
ATOM   858  C  CB  . CYS E 1 6  ? -11.026 -6.824  6.434   1.00 13.63 ? 6   CYS E CB  1 
ATOM   859  S  SG  . CYS E 1 6  ? -11.551 -8.275  7.405   1.00 25.21 ? 6   CYS E SG  1 
ATOM   860  N  N   . CYS E 1 7  ? -12.102 -3.726  5.260   1.00 16.36 ? 7   CYS E N   1 
ATOM   861  C  CA  . CYS E 1 7  ? -11.613 -2.531  4.626   1.00 26.61 ? 7   CYS E CA  1 
ATOM   862  C  C   . CYS E 1 7  ? -11.982 -1.219  5.305   1.00 37.38 ? 7   CYS E C   1 
ATOM   863  O  O   . CYS E 1 7  ? -11.418 -0.133  4.896   1.00 43.05 ? 7   CYS E O   1 
ATOM   864  C  CB  . CYS E 1 7  ? -11.797 -2.794  3.151   1.00 12.65 ? 7   CYS E CB  1 
ATOM   865  S  SG  . CYS E 1 7  ? -10.560 -3.798  2.397   1.00 19.31 ? 7   CYS E SG  1 
ATOM   866  N  N   . THR E 1 8  ? -12.723 -1.143  6.382   1.00 41.21 ? 8   THR E N   1 
ATOM   867  C  CA  . THR E 1 8  ? -13.007 0.148   7.122   1.00 19.42 ? 8   THR E CA  1 
ATOM   868  C  C   . THR E 1 8  ? -12.436 0.039   8.522   1.00 44.44 ? 8   THR E C   1 
ATOM   869  O  O   . THR E 1 8  ? -11.583 0.834   8.943   1.00 24.65 ? 8   THR E O   1 
ATOM   870  C  CB  . THR E 1 8  ? -14.531 0.473   7.068   1.00 27.30 ? 8   THR E CB  1 
ATOM   871  O  OG1 . THR E 1 8  ? -15.223 -0.344  6.056   1.00 45.42 ? 8   THR E OG1 1 
ATOM   872  C  CG2 . THR E 1 8  ? -14.616 1.955   6.595   1.00 37.10 ? 8   THR E CG2 1 
ATOM   873  N  N   . SER E 1 9  ? -12.914 -1.059  9.136   1.00 23.04 ? 9   SER E N   1 
ATOM   874  C  CA  . SER E 1 9  ? -12.352 -1.393  10.481  1.00 27.33 ? 9   SER E CA  1 
ATOM   875  C  C   . SER E 1 9  ? -11.318 -2.484  10.188  1.00 38.66 ? 9   SER E C   1 
ATOM   876  O  O   . SER E 1 9  ? -11.653 -3.270  9.267   1.00 37.66 ? 9   SER E O   1 
ATOM   877  C  CB  . SER E 1 9  ? -13.464 -1.843  11.431  1.00 40.24 ? 9   SER E CB  1 
ATOM   878  O  OG  . SER E 1 9  ? -14.455 -0.822  11.561  1.00 56.57 ? 9   SER E OG  1 
ATOM   879  N  N   . ILE E 1 10 ? -10.200 -2.571  10.855  1.00 35.03 ? 10  ILE E N   1 
ATOM   880  C  CA  . ILE E 1 10 ? -9.105  -3.496  10.807  1.00 27.06 ? 10  ILE E CA  1 
ATOM   881  C  C   . ILE E 1 10 ? -9.457  -4.785  11.617  1.00 26.07 ? 10  ILE E C   1 
ATOM   882  O  O   . ILE E 1 10 ? -9.759  -4.944  12.809  1.00 35.89 ? 10  ILE E O   1 
ATOM   883  C  CB  . ILE E 1 10 ? -7.870  -2.930  11.544  1.00 25.40 ? 10  ILE E CB  1 
ATOM   884  C  CG1 . ILE E 1 10 ? -7.451  -1.511  11.062  1.00 28.29 ? 10  ILE E CG1 1 
ATOM   885  C  CG2 . ILE E 1 10 ? -6.681  -3.893  11.404  1.00 34.14 ? 10  ILE E CG2 1 
ATOM   886  C  CD1 . ILE E 1 10 ? -6.133  -1.070  11.737  1.00 35.44 ? 10  ILE E CD1 1 
ATOM   887  N  N   . CYS E 1 11 ? -9.314  -5.823  10.836  1.00 34.37 ? 11  CYS E N   1 
ATOM   888  C  CA  . CYS E 1 11 ? -9.539  -7.233  11.140  1.00 19.12 ? 11  CYS E CA  1 
ATOM   889  C  C   . CYS E 1 11 ? -8.228  -7.704  11.733  1.00 26.07 ? 11  CYS E C   1 
ATOM   890  O  O   . CYS E 1 11 ? -7.184  -7.450  11.134  1.00 40.07 ? 11  CYS E O   1 
ATOM   891  C  CB  . CYS E 1 11 ? -9.763  -8.029  9.911   1.00 11.81 ? 11  CYS E CB  1 
ATOM   892  S  SG  . CYS E 1 11 ? -11.344 -7.671  9.299   1.00 20.31 ? 11  CYS E SG  1 
ATOM   893  N  N   . SER E 1 12 ? -8.320  -8.355  12.877  1.00 42.47 ? 12  SER E N   1 
ATOM   894  C  CA  . SER E 1 12 ? -7.092  -8.866  13.553  1.00 26.09 ? 12  SER E CA  1 
ATOM   895  C  C   . SER E 1 12 ? -6.685  -10.101 12.745  1.00 16.46 ? 12  SER E C   1 
ATOM   896  O  O   . SER E 1 12 ? -7.455  -10.488 11.814  1.00 25.48 ? 12  SER E O   1 
ATOM   897  C  CB  . SER E 1 12 ? -7.425  -9.217  15.000  1.00 31.99 ? 12  SER E CB  1 
ATOM   898  O  OG  . SER E 1 12 ? -8.287  -10.349 15.044  1.00 41.98 ? 12  SER E OG  1 
ATOM   899  N  N   . LEU E 1 13 ? -5.531  -10.609 13.088  1.00 29.93 ? 13  LEU E N   1 
ATOM   900  C  CA  . LEU E 1 13 ? -4.975  -11.827 12.442  1.00 28.38 ? 13  LEU E CA  1 
ATOM   901  C  C   . LEU E 1 13 ? -5.976  -12.973 12.652  1.00 38.26 ? 13  LEU E C   1 
ATOM   902  O  O   . LEU E 1 13 ? -6.183  -13.853 11.740  1.00 26.59 ? 13  LEU E O   1 
ATOM   903  C  CB  . LEU E 1 13 ? -3.554  -11.967 12.995  1.00 34.39 ? 13  LEU E CB  1 
ATOM   904  C  CG  . LEU E 1 13 ? -2.555  -10.832 12.789  1.00 28.48 ? 13  LEU E CG  1 
ATOM   905  C  CD1 . LEU E 1 13 ? -1.687  -10.735 14.039  1.00 49.37 ? 13  LEU E CD1 1 
ATOM   906  C  CD2 . LEU E 1 13 ? -1.779  -11.170 11.502  1.00 47.47 ? 13  LEU E CD2 1 
ATOM   907  N  N   . TYR E 1 14 ? -6.687  -12.899 13.800  1.00 23.43 ? 14  TYR E N   1 
ATOM   908  C  CA  . TYR E 1 14 ? -7.698  -13.985 14.038  1.00 21.26 ? 14  TYR E CA  1 
ATOM   909  C  C   . TYR E 1 14 ? -9.017  -13.960 13.351  1.00 30.31 ? 14  TYR E C   1 
ATOM   910  O  O   . TYR E 1 14 ? -9.589  -15.039 13.201  1.00 41.18 ? 14  TYR E O   1 
ATOM   911  C  CB  . TYR E 1 14 ? -7.660  -14.430 15.439  1.00 50.91 ? 14  TYR E CB  1 
ATOM   912  C  CG  . TYR E 1 14 ? -8.777  -14.632 16.386  0.50 51.60 ? 14  TYR E CG  1 
ATOM   913  C  CD1 . TYR E 1 14 ? -9.216  -13.468 17.042  0.50 61.24 ? 14  TYR E CD1 1 
ATOM   914  C  CD2 . TYR E 1 14 ? -9.311  -15.881 16.748  0.50 59.55 ? 14  TYR E CD2 1 
ATOM   915  C  CE1 . TYR E 1 14 ? -10.193 -13.536 18.033  0.50 61.88 ? 14  TYR E CE1 1 
ATOM   916  C  CE2 . TYR E 1 14 ? -10.304 -15.958 17.736  0.50 50.49 ? 14  TYR E CE2 1 
ATOM   917  C  CZ  . TYR E 1 14 ? -10.722 -14.783 18.358  0.50 34.67 ? 14  TYR E CZ  1 
ATOM   918  O  OH  . TYR E 1 14 ? -11.673 -14.728 19.333  0.50 33.11 ? 14  TYR E OH  1 
ATOM   919  N  N   . GLN E 1 15 ? -9.473  -12.833 12.890  1.00 36.73 ? 15  GLN E N   1 
ATOM   920  C  CA  . GLN E 1 15 ? -10.707 -12.803 12.071  1.00 17.72 ? 15  GLN E CA  1 
ATOM   921  C  C   . GLN E 1 15 ? -10.217 -13.154 10.674  1.00 27.28 ? 15  GLN E C   1 
ATOM   922  O  O   . GLN E 1 15 ? -11.086 -13.505 9.860   1.00 35.33 ? 15  GLN E O   1 
ATOM   923  C  CB  . GLN E 1 15 ? -11.044 -11.301 11.962  1.00 20.69 ? 15  GLN E CB  1 
ATOM   924  C  CG  . GLN E 1 15 ? -12.418 -10.933 12.438  1.00 30.81 ? 15  GLN E CG  1 
ATOM   925  C  CD  . GLN E 1 15 ? -12.341 -9.566  13.117  1.00 53.36 ? 15  GLN E CD  1 
ATOM   926  O  OE1 . GLN E 1 15 ? -11.389 -9.131  13.754  1.00 41.20 ? 15  GLN E OE1 1 
ATOM   927  N  NE2 . GLN E 1 15 ? -13.460 -8.872  12.916  1.00 39.24 ? 15  GLN E NE2 1 
ATOM   928  N  N   . LEU E 1 16 ? -8.926  -12.955 10.325  1.00 27.97 ? 16  LEU E N   1 
ATOM   929  C  CA  . LEU E 1 16 ? -8.423  -13.253 8.973   1.00 17.29 ? 16  LEU E CA  1 
ATOM   930  C  C   . LEU E 1 16 ? -8.330  -14.772 8.725   1.00 20.18 ? 16  LEU E C   1 
ATOM   931  O  O   . LEU E 1 16 ? -8.517  -15.269 7.595   1.00 16.56 ? 16  LEU E O   1 
ATOM   932  C  CB  . LEU E 1 16 ? -7.022  -12.603 8.756   1.00 25.49 ? 16  LEU E CB  1 
ATOM   933  C  CG  . LEU E 1 16 ? -6.856  -11.085 8.721   1.00 43.10 ? 16  LEU E CG  1 
ATOM   934  C  CD1 . LEU E 1 16 ? -5.374  -10.689 8.577   1.00 25.27 ? 16  LEU E CD1 1 
ATOM   935  C  CD2 . LEU E 1 16 ? -7.782  -10.570 7.620   1.00 23.48 ? 16  LEU E CD2 1 
ATOM   936  N  N   . GLU E 1 17 ? -7.948  -15.465 9.803   1.00 23.46 ? 17  GLU E N   1 
ATOM   937  C  CA  . GLU E 1 17 ? -7.781  -16.921 9.784   1.00 26.80 ? 17  GLU E CA  1 
ATOM   938  C  C   . GLU E 1 17 ? -9.112  -17.524 9.351   1.00 13.70 ? 17  GLU E C   1 
ATOM   939  O  O   . GLU E 1 17 ? -9.048  -18.627 8.755   1.00 41.65 ? 17  GLU E O   1 
ATOM   940  C  CB  . GLU E 1 17 ? -7.444  -17.649 11.038  1.00 38.33 ? 17  GLU E CB  1 
ATOM   941  C  CG  . GLU E 1 17 ? -6.373  -18.391 11.756  1.00 50.06 ? 17  GLU E CG  1 
ATOM   942  C  CD  . GLU E 1 17 ? -6.490  -18.381 13.269  1.00 56.58 ? 17  GLU E CD  1 
ATOM   943  O  OE1 . GLU E 1 17 ? -7.406  -18.480 14.089  1.00 49.33 ? 17  GLU E OE1 1 
ATOM   944  O  OE2 . GLU E 1 17 ? -5.317  -18.188 13.660  1.00 47.20 ? 17  GLU E OE2 1 
ATOM   945  N  N   . ASN E 1 18 ? -10.156 -16.788 9.630   1.00 30.90 ? 18  ASN E N   1 
ATOM   946  C  CA  . ASN E 1 18 ? -11.486 -17.267 9.187   1.00 18.82 ? 18  ASN E CA  1 
ATOM   947  C  C   . ASN E 1 18 ? -11.485 -17.465 7.693   1.00 23.27 ? 18  ASN E C   1 
ATOM   948  O  O   . ASN E 1 18 ? -12.270 -18.404 7.407   1.00 53.97 ? 18  ASN E O   1 
ATOM   949  C  CB  . ASN E 1 18 ? -12.646 -16.356 9.600   1.00 20.58 ? 18  ASN E CB  1 
ATOM   950  C  CG  . ASN E 1 18 ? -12.888 -16.557 11.102  1.00 42.58 ? 18  ASN E CG  1 
ATOM   951  O  OD1 . ASN E 1 18 ? -12.135 -17.264 11.799  1.00 38.38 ? 18  ASN E OD1 1 
ATOM   952  N  ND2 . ASN E 1 18 ? -13.957 -15.897 11.520  1.00 39.69 ? 18  ASN E ND2 1 
ATOM   953  N  N   . TYR E 1 19 ? -10.714 -16.805 6.833   1.00 55.75 ? 19  TYR E N   1 
ATOM   954  C  CA  . TYR E 1 19 ? -10.792 -17.069 5.370   1.00 26.41 ? 19  TYR E CA  1 
ATOM   955  C  C   . TYR E 1 19 ? -9.768  -18.110 4.886   1.00 20.26 ? 19  TYR E C   1 
ATOM   956  O  O   . TYR E 1 19 ? -9.632  -18.493 3.686   1.00 19.92 ? 19  TYR E O   1 
ATOM   957  C  CB  . TYR E 1 19 ? -10.922 -15.755 4.499   1.00 27.87 ? 19  TYR E CB  1 
ATOM   958  C  CG  . TYR E 1 19 ? -11.923 -14.721 4.945   1.00 27.63 ? 19  TYR E CG  1 
ATOM   959  C  CD1 . TYR E 1 19 ? -11.698 -13.973 6.137   1.00 29.86 ? 19  TYR E CD1 1 
ATOM   960  C  CD2 . TYR E 1 19 ? -13.087 -14.399 4.270   1.00 33.64 ? 19  TYR E CD2 1 
ATOM   961  C  CE1 . TYR E 1 19 ? -12.591 -13.027 6.667   1.00 38.13 ? 19  TYR E CE1 1 
ATOM   962  C  CE2 . TYR E 1 19 ? -14.012 -13.426 4.779   1.00 25.62 ? 19  TYR E CE2 1 
ATOM   963  C  CZ  . TYR E 1 19 ? -13.770 -12.764 5.968   1.00 32.92 ? 19  TYR E CZ  1 
ATOM   964  O  OH  . TYR E 1 19 ? -14.713 -11.855 6.353   1.00 39.97 ? 19  TYR E OH  1 
ATOM   965  N  N   . CYS E 1 20 ? -8.943  -18.714 5.695   1.00 19.88 ? 20  CYS E N   1 
ATOM   966  C  CA  . CYS E 1 20 ? -7.936  -19.772 5.376   1.00 28.87 ? 20  CYS E CA  1 
ATOM   967  C  C   . CYS E 1 20 ? -8.563  -21.033 4.841   1.00 25.46 ? 20  CYS E C   1 
ATOM   968  O  O   . CYS E 1 20 ? -9.791  -21.150 5.114   1.00 40.56 ? 20  CYS E O   1 
ATOM   969  C  CB  . CYS E 1 20 ? -7.254  -20.012 6.732   1.00 14.35 ? 20  CYS E CB  1 
ATOM   970  S  SG  . CYS E 1 20 ? -6.112  -18.634 7.230   1.00 26.94 ? 20  CYS E SG  1 
ATOM   971  N  N   . ASN E 1 21 ? -8.024  -21.969 4.116   1.00 31.47 ? 21  ASN E N   1 
ATOM   972  C  CA  . ASN E 1 21 ? -8.610  -23.240 3.636   1.00 38.91 ? 21  ASN E CA  1 
ATOM   973  C  C   . ASN E 1 21 ? -8.864  -24.255 4.788   1.00 71.75 ? 21  ASN E C   1 
ATOM   974  O  O   . ASN E 1 21 ? -9.968  -24.900 4.730   1.00 62.71 ? 21  ASN E O   1 
ATOM   975  C  CB  . ASN E 1 21 ? -7.750  -23.896 2.536   1.00 27.55 ? 21  ASN E CB  1 
ATOM   976  C  CG  . ASN E 1 21 ? -8.462  -23.343 1.270   1.00 36.47 ? 21  ASN E CG  1 
ATOM   977  O  OD1 . ASN E 1 21 ? -7.879  -23.419 0.175   1.00 46.03 ? 21  ASN E OD1 1 
ATOM   978  N  ND2 . ASN E 1 21 ? -9.632  -22.866 1.656   1.00 33.11 ? 21  ASN E ND2 1 
ATOM   979  O  OXT . ASN E 1 21 ? -8.064  -24.403 5.761   1.00 48.50 ? 21  ASN E OXT 1 
ATOM   980  N  N   . PHE F 2 1  ? -13.301 3.211   -5.685  1.00 61.24 ? 1   PHE F N   1 
ATOM   981  C  CA  . PHE F 2 1  ? -13.089 1.769   -5.970  1.00 57.53 ? 1   PHE F CA  1 
ATOM   982  C  C   . PHE F 2 1  ? -11.552 1.612   -5.952  1.00 62.94 ? 1   PHE F C   1 
ATOM   983  O  O   . PHE F 2 1  ? -11.059 0.475   -5.905  1.00 60.93 ? 1   PHE F O   1 
ATOM   984  C  CB  . PHE F 2 1  ? -13.812 1.083   -7.054  1.00 43.89 ? 1   PHE F CB  1 
ATOM   985  C  CG  . PHE F 2 1  ? -13.966 0.652   -8.439  1.00 71.75 ? 1   PHE F CG  1 
ATOM   986  C  CD1 . PHE F 2 1  ? -13.181 1.141   -9.501  1.00 69.22 ? 1   PHE F CD1 1 
ATOM   987  C  CD2 . PHE F 2 1  ? -14.995 -0.284  -8.742  1.00 71.75 ? 1   PHE F CD2 1 
ATOM   988  C  CE1 . PHE F 2 1  ? -13.427 0.717   -10.815 1.00 43.71 ? 1   PHE F CE1 1 
ATOM   989  C  CE2 . PHE F 2 1  ? -15.246 -0.723  -10.041 1.00 71.75 ? 1   PHE F CE2 1 
ATOM   990  C  CZ  . PHE F 2 1  ? -14.444 -0.222  -11.082 1.00 53.00 ? 1   PHE F CZ  1 
ATOM   991  N  N   . VAL F 2 2  ? -10.881 2.744   -5.910  1.00 44.08 ? 2   VAL F N   1 
ATOM   992  C  CA  . VAL F 2 2  ? -9.421  2.676   -5.845  1.00 31.70 ? 2   VAL F CA  1 
ATOM   993  C  C   . VAL F 2 2  ? -9.014  2.259   -4.422  1.00 21.46 ? 2   VAL F C   1 
ATOM   994  O  O   . VAL F 2 2  ? -8.107  1.406   -4.291  1.00 16.73 ? 2   VAL F O   1 
ATOM   995  C  CB  . VAL F 2 2  ? -8.672  3.896   -6.332  1.00 34.01 ? 2   VAL F CB  1 
ATOM   996  C  CG1 . VAL F 2 2  ? -7.202  3.771   -5.873  1.00 27.91 ? 2   VAL F CG1 1 
ATOM   997  C  CG2 . VAL F 2 2  ? -8.939  3.968   -7.841  1.00 33.03 ? 2   VAL F CG2 1 
ATOM   998  N  N   . ASN F 2 3  ? -9.721  2.786   -3.445  1.00 15.04 ? 3   ASN F N   1 
ATOM   999  C  CA  . ASN F 2 3  ? -9.271  2.346   -2.094  1.00 20.86 ? 3   ASN F CA  1 
ATOM   1000 C  C   . ASN F 2 3  ? -9.816  0.928   -1.783  1.00 20.19 ? 3   ASN F C   1 
ATOM   1001 O  O   . ASN F 2 3  ? -8.989  0.448   -0.961  1.00 21.09 ? 3   ASN F O   1 
ATOM   1002 C  CB  . ASN F 2 3  ? -9.285  3.370   -0.990  1.00 28.61 ? 3   ASN F CB  1 
ATOM   1003 C  CG  . ASN F 2 3  ? -9.508  4.819   -1.356  1.00 27.14 ? 3   ASN F CG  1 
ATOM   1004 O  OD1 . ASN F 2 3  ? -8.896  5.625   -0.691  1.00 33.40 ? 3   ASN F OD1 1 
ATOM   1005 N  ND2 . ASN F 2 3  ? -10.438 5.085   -2.285  1.00 68.00 ? 3   ASN F ND2 1 
ATOM   1006 N  N   . GLN F 2 4  ? -10.792 0.230   -2.233  1.00 19.26 ? 4   GLN F N   1 
ATOM   1007 C  CA  . GLN F 2 4  ? -11.034 -1.138  -1.751  1.00 21.56 ? 4   GLN F CA  1 
ATOM   1008 C  C   . GLN F 2 4  ? -10.078 -2.012  -2.478  1.00 13.58 ? 4   GLN F C   1 
ATOM   1009 O  O   . GLN F 2 4  ? -9.733  -3.060  -2.079  1.00 18.15 ? 4   GLN F O   1 
ATOM   1010 C  CB  . GLN F 2 4  ? -12.496 -1.425  -1.618  1.00 36.89 ? 4   GLN F CB  1 
ATOM   1011 C  CG  . GLN F 2 4  ? -13.516 -0.654  -2.448  1.00 58.76 ? 4   GLN F CG  1 
ATOM   1012 C  CD  . GLN F 2 4  ? -13.866 -1.646  -3.570  1.00 71.75 ? 4   GLN F CD  1 
ATOM   1013 O  OE1 . GLN F 2 4  ? -13.714 -1.741  -4.808  1.00 70.80 ? 4   GLN F OE1 1 
ATOM   1014 N  NE2 . GLN F 2 4  ? -14.442 -2.689  -2.937  1.00 71.54 ? 4   GLN F NE2 1 
ATOM   1015 N  N   . HIS F 2 5  ? -9.599  -1.638  -3.589  1.00 13.35 ? 5   HIS F N   1 
ATOM   1016 C  CA  . HIS F 2 5  ? -8.648  -2.293  -4.469  1.00 12.09 ? 5   HIS F CA  1 
ATOM   1017 C  C   . HIS F 2 5  ? -7.313  -2.317  -3.744  1.00 12.41 ? 5   HIS F C   1 
ATOM   1018 O  O   . HIS F 2 5  ? -6.607  -3.313  -3.599  1.00 21.70 ? 5   HIS F O   1 
ATOM   1019 C  CB  . HIS F 2 5  ? -8.391  -1.461  -5.718  1.00 13.61 ? 5   HIS F CB  1 
ATOM   1020 C  CG  . HIS F 2 5  ? -7.409  -2.218  -6.520  1.00 42.05 ? 5   HIS F CG  1 
ATOM   1021 N  ND1 . HIS F 2 5  ? -7.872  -3.272  -7.286  1.00 40.27 ? 5   HIS F ND1 1 
ATOM   1022 C  CD2 . HIS F 2 5  ? -6.072  -2.081  -6.689  1.00 70.20 ? 5   HIS F CD2 1 
ATOM   1023 C  CE1 . HIS F 2 5  ? -6.802  -3.729  -7.952  1.00 29.38 ? 5   HIS F CE1 1 
ATOM   1024 N  NE2 . HIS F 2 5  ? -5.701  -3.070  -7.597  1.00 53.91 ? 5   HIS F NE2 1 
ATOM   1025 N  N   . LEU F 2 6  ? -6.832  -1.211  -3.241  1.00 20.23 ? 6   LEU F N   1 
ATOM   1026 C  CA  . LEU F 2 6  ? -5.595  -1.025  -2.518  1.00 17.77 ? 6   LEU F CA  1 
ATOM   1027 C  C   . LEU F 2 6  ? -5.545  -1.910  -1.274  1.00 7.22  ? 6   LEU F C   1 
ATOM   1028 O  O   . LEU F 2 6  ? -4.533  -2.430  -0.755  1.00 15.56 ? 6   LEU F O   1 
ATOM   1029 C  CB  . LEU F 2 6  ? -5.253  0.454   -2.130  1.00 12.66 ? 6   LEU F CB  1 
ATOM   1030 C  CG  . LEU F 2 6  ? -5.129  1.470   -3.236  1.00 16.63 ? 6   LEU F CG  1 
ATOM   1031 C  CD1 . LEU F 2 6  ? -4.408  2.715   -2.599  1.00 25.60 ? 6   LEU F CD1 1 
ATOM   1032 C  CD2 . LEU F 2 6  ? -4.183  1.169   -4.311  1.00 13.75 ? 6   LEU F CD2 1 
ATOM   1033 N  N   . CYS F 2 7  ? -6.668  -1.878  -0.610  1.00 10.87 ? 7   CYS F N   1 
ATOM   1034 C  CA  . CYS F 2 7  ? -6.912  -2.641  0.610   1.00 22.38 ? 7   CYS F CA  1 
ATOM   1035 C  C   . CYS F 2 7  ? -7.007  -4.128  0.166   1.00 9.40  ? 7   CYS F C   1 
ATOM   1036 O  O   . CYS F 2 7  ? -6.347  -4.779  0.981   1.00 13.31 ? 7   CYS F O   1 
ATOM   1037 C  CB  . CYS F 2 7  ? -8.185  -2.556  1.318   1.00 9.75  ? 7   CYS F CB  1 
ATOM   1038 S  SG  . CYS F 2 7  ? -8.745  -3.194  2.822   1.00 11.68 ? 7   CYS F SG  1 
ATOM   1039 N  N   . GLY F 2 8  ? -7.704  -4.521  -0.790  1.00 5.97  ? 8   GLY F N   1 
ATOM   1040 C  CA  . GLY F 2 8  ? -7.616  -6.037  -0.968  1.00 11.68 ? 8   GLY F CA  1 
ATOM   1041 C  C   . GLY F 2 8  ? -6.179  -6.432  -1.206  1.00 12.90 ? 8   GLY F C   1 
ATOM   1042 O  O   . GLY F 2 8  ? -5.790  -7.579  -0.894  1.00 14.78 ? 8   GLY F O   1 
ATOM   1043 N  N   . SER F 2 9  ? -5.337  -5.660  -1.854  1.00 10.47 ? 9   SER F N   1 
ATOM   1044 C  CA  . SER F 2 9  ? -3.945  -5.964  -2.114  1.00 11.60 ? 9   SER F CA  1 
ATOM   1045 C  C   . SER F 2 9  ? -3.207  -6.247  -0.830  1.00 22.05 ? 9   SER F C   1 
ATOM   1046 O  O   . SER F 2 9  ? -2.393  -7.144  -0.667  1.00 23.72 ? 9   SER F O   1 
ATOM   1047 C  CB  . SER F 2 9  ? -3.514  -4.664  -2.812  1.00 21.75 ? 9   SER F CB  1 
ATOM   1048 O  OG  . SER F 2 9  ? -2.174  -4.715  -3.142  1.00 33.02 ? 9   SER F OG  1 
ATOM   1049 N  N   . HIS F 2 10 ? -3.366  -5.458  0.198   1.00 12.13 ? 10  HIS F N   1 
ATOM   1050 C  CA  . HIS F 2 10 ? -2.680  -5.777  1.489   1.00 7.72  ? 10  HIS F CA  1 
ATOM   1051 C  C   . HIS F 2 10 ? -3.327  -6.998  2.199   1.00 13.02 ? 10  HIS F C   1 
ATOM   1052 O  O   . HIS F 2 10 ? -2.623  -7.655  2.959   1.00 15.12 ? 10  HIS F O   1 
ATOM   1053 C  CB  . HIS F 2 10 ? -2.903  -4.667  2.541   1.00 9.07  ? 10  HIS F CB  1 
ATOM   1054 C  CG  . HIS F 2 10 ? -2.241  -3.547  1.826   1.00 11.23 ? 10  HIS F CG  1 
ATOM   1055 N  ND1 . HIS F 2 10 ? -0.951  -3.459  2.279   1.00 15.63 ? 10  HIS F ND1 1 
ATOM   1056 C  CD2 . HIS F 2 10 ? -2.526  -2.569  0.926   1.00 14.61 ? 10  HIS F CD2 1 
ATOM   1057 C  CE1 . HIS F 2 10 ? -0.369  -2.376  1.637   1.00 19.33 ? 10  HIS F CE1 1 
ATOM   1058 N  NE2 . HIS F 2 10 ? -1.318  -1.876  0.865   1.00 11.46 ? 10  HIS F NE2 1 
ATOM   1059 N  N   . LEU F 2 11 ? -4.622  -7.172  2.029   1.00 12.93 ? 11  LEU F N   1 
ATOM   1060 C  CA  . LEU F 2 11 ? -5.445  -8.237  2.609   1.00 13.02 ? 11  LEU F CA  1 
ATOM   1061 C  C   . LEU F 2 11 ? -4.979  -9.551  1.964   1.00 12.11 ? 11  LEU F C   1 
ATOM   1062 O  O   . LEU F 2 11 ? -4.803  -10.396 2.839   1.00 16.29 ? 11  LEU F O   1 
ATOM   1063 C  CB  . LEU F 2 11 ? -6.977  -8.169  2.425   1.00 15.00 ? 11  LEU F CB  1 
ATOM   1064 C  CG  . LEU F 2 11 ? -7.911  -7.360  3.316   1.00 18.73 ? 11  LEU F CG  1 
ATOM   1065 C  CD1 . LEU F 2 11 ? -9.369  -7.367  2.768   1.00 26.64 ? 11  LEU F CD1 1 
ATOM   1066 C  CD2 . LEU F 2 11 ? -7.894  -7.977  4.697   1.00 19.20 ? 11  LEU F CD2 1 
ATOM   1067 N  N   . VAL F 2 12 ? -4.748  -9.772  0.681   1.00 13.24 ? 12  VAL F N   1 
ATOM   1068 C  CA  . VAL F 2 12 ? -4.311  -11.060 0.127   1.00 15.05 ? 12  VAL F CA  1 
ATOM   1069 C  C   . VAL F 2 12 ? -2.898  -11.211 0.699   1.00 13.10 ? 12  VAL F C   1 
ATOM   1070 O  O   . VAL F 2 12 ? -2.615  -12.390 0.823   1.00 16.58 ? 12  VAL F O   1 
ATOM   1071 C  CB  . VAL F 2 12 ? -4.525  -11.233 -1.385  1.00 11.22 ? 12  VAL F CB  1 
ATOM   1072 C  CG1 . VAL F 2 12 ? -5.961  -10.970 -1.669  1.00 9.16  ? 12  VAL F CG1 1 
ATOM   1073 C  CG2 . VAL F 2 12 ? -3.695  -10.355 -2.290  1.00 19.03 ? 12  VAL F CG2 1 
ATOM   1074 N  N   . GLU F 2 13 ? -2.054  -10.219 0.903   1.00 15.27 ? 13  GLU F N   1 
ATOM   1075 C  CA  . GLU F 2 13 ? -0.747  -10.371 1.497   1.00 20.31 ? 13  GLU F CA  1 
ATOM   1076 C  C   . GLU F 2 13 ? -0.828  -10.820 2.971   1.00 17.78 ? 13  GLU F C   1 
ATOM   1077 O  O   . GLU F 2 13 ? -0.024  -11.625 3.495   1.00 11.76 ? 13  GLU F O   1 
ATOM   1078 C  CB  . GLU F 2 13 ? 0.053   -9.051  1.478   1.00 30.25 ? 13  GLU F CB  1 
ATOM   1079 C  CG  . GLU F 2 13 ? 0.917   -8.593  0.343   1.00 27.53 ? 13  GLU F CG  1 
ATOM   1080 C  CD  . GLU F 2 13 ? 0.640   -8.560  -1.101  1.00 45.18 ? 13  GLU F CD  1 
ATOM   1081 O  OE1 . GLU F 2 13 ? -0.412  -9.198  -1.382  1.00 58.10 ? 13  GLU F OE1 1 
ATOM   1082 O  OE2 . GLU F 2 13 ? 1.216   -8.080  -2.053  1.00 49.67 ? 13  GLU F OE2 1 
ATOM   1083 N  N   . ALA F 2 14 ? -1.770  -10.372 3.757   1.00 9.20  ? 14  ALA F N   1 
ATOM   1084 C  CA  . ALA F 2 14 ? -2.084  -10.678 5.149   1.00 14.58 ? 14  ALA F CA  1 
ATOM   1085 C  C   . ALA F 2 14 ? -2.518  -12.180 5.261   1.00 34.69 ? 14  ALA F C   1 
ATOM   1086 O  O   . ALA F 2 14 ? -1.946  -12.819 6.182   1.00 31.37 ? 14  ALA F O   1 
ATOM   1087 C  CB  . ALA F 2 14 ? -3.157  -9.796  5.725   1.00 9.13  ? 14  ALA F CB  1 
ATOM   1088 N  N   . LEU F 2 15 ? -3.423  -12.685 4.421   1.00 19.39 ? 15  LEU F N   1 
ATOM   1089 C  CA  . LEU F 2 15 ? -4.001  -14.025 4.259   1.00 26.06 ? 15  LEU F CA  1 
ATOM   1090 C  C   . LEU F 2 15 ? -2.887  -15.037 3.934   1.00 12.69 ? 15  LEU F C   1 
ATOM   1091 O  O   . LEU F 2 15 ? -2.757  -16.094 4.560   1.00 16.09 ? 15  LEU F O   1 
ATOM   1092 C  CB  . LEU F 2 15 ? -5.201  -14.212 3.268   1.00 18.18 ? 15  LEU F CB  1 
ATOM   1093 C  CG  . LEU F 2 15 ? -6.495  -13.461 3.607   1.00 15.23 ? 15  LEU F CG  1 
ATOM   1094 C  CD1 . LEU F 2 15 ? -7.449  -13.432 2.454   1.00 9.31  ? 15  LEU F CD1 1 
ATOM   1095 C  CD2 . LEU F 2 15 ? -7.006  -14.080 4.923   1.00 19.66 ? 15  LEU F CD2 1 
ATOM   1096 N  N   . TYR F 2 16 ? -2.049  -14.538 2.955   1.00 10.30 ? 16  TYR F N   1 
ATOM   1097 C  CA  . TYR F 2 16 ? -0.863  -15.370 2.617   1.00 15.95 ? 16  TYR F CA  1 
ATOM   1098 C  C   . TYR F 2 16 ? -0.083  -15.880 3.833   1.00 25.77 ? 16  TYR F C   1 
ATOM   1099 O  O   . TYR F 2 16 ? 0.202   -17.073 4.034   1.00 18.55 ? 16  TYR F O   1 
ATOM   1100 C  CB  . TYR F 2 16 ? 0.032   -14.550 1.663   1.00 13.68 ? 16  TYR F CB  1 
ATOM   1101 C  CG  . TYR F 2 16 ? 1.160   -15.488 1.230   1.00 19.38 ? 16  TYR F CG  1 
ATOM   1102 C  CD1 . TYR F 2 16 ? 0.970   -16.573 0.396   1.00 13.18 ? 16  TYR F CD1 1 
ATOM   1103 C  CD2 . TYR F 2 16 ? 2.382   -15.249 1.809   1.00 15.03 ? 16  TYR F CD2 1 
ATOM   1104 C  CE1 . TYR F 2 16 ? 2.005   -17.427 0.048   1.00 11.42 ? 16  TYR F CE1 1 
ATOM   1105 C  CE2 . TYR F 2 16 ? 3.492   -16.033 1.462   1.00 12.60 ? 16  TYR F CE2 1 
ATOM   1106 C  CZ  . TYR F 2 16 ? 3.216   -17.123 0.617   1.00 11.89 ? 16  TYR F CZ  1 
ATOM   1107 O  OH  . TYR F 2 16 ? 4.350   -17.820 0.400   1.00 14.17 ? 16  TYR F OH  1 
ATOM   1108 N  N   . LEU F 2 17 ? 0.363   -14.970 4.668   1.00 23.41 ? 17  LEU F N   1 
ATOM   1109 C  CA  . LEU F 2 17 ? 1.123   -15.006 5.888   1.00 18.97 ? 17  LEU F CA  1 
ATOM   1110 C  C   . LEU F 2 17 ? 0.266   -15.775 6.923   1.00 50.50 ? 17  LEU F C   1 
ATOM   1111 O  O   . LEU F 2 17 ? 0.753   -16.785 7.504   1.00 25.41 ? 17  LEU F O   1 
ATOM   1112 C  CB  . LEU F 2 17 ? 1.608   -13.634 6.360   1.00 19.06 ? 17  LEU F CB  1 
ATOM   1113 C  CG  . LEU F 2 17 ? 2.680   -12.885 5.506   1.00 20.40 ? 17  LEU F CG  1 
ATOM   1114 C  CD1 . LEU F 2 17 ? 3.150   -11.671 6.319   1.00 23.88 ? 17  LEU F CD1 1 
ATOM   1115 C  CD2 . LEU F 2 17 ? 3.776   -13.863 5.121   1.00 22.03 ? 17  LEU F CD2 1 
ATOM   1116 N  N   . VAL F 2 18 ? -0.965  -15.297 7.109   1.00 21.89 ? 18  VAL F N   1 
ATOM   1117 C  CA  . VAL F 2 18 ? -1.847  -15.946 8.131   1.00 22.86 ? 18  VAL F CA  1 
ATOM   1118 C  C   . VAL F 2 18 ? -2.252  -17.383 7.831   1.00 34.56 ? 18  VAL F C   1 
ATOM   1119 O  O   . VAL F 2 18 ? -2.234  -18.169 8.765   1.00 24.30 ? 18  VAL F O   1 
ATOM   1120 C  CB  . VAL F 2 18 ? -3.021  -15.074 8.551   1.00 24.55 ? 18  VAL F CB  1 
ATOM   1121 C  CG1 . VAL F 2 18 ? -4.181  -15.786 9.266   1.00 22.00 ? 18  VAL F CG1 1 
ATOM   1122 C  CG2 . VAL F 2 18 ? -2.375  -13.872 9.280   1.00 26.82 ? 18  VAL F CG2 1 
ATOM   1123 N  N   . CYS F 2 19 ? -2.547  -17.711 6.624   1.00 25.96 ? 19  CYS F N   1 
ATOM   1124 C  CA  . CYS F 2 19 ? -2.978  -19.005 6.129   1.00 24.21 ? 19  CYS F CA  1 
ATOM   1125 C  C   . CYS F 2 19 ? -1.798  -19.942 5.940   1.00 32.68 ? 19  CYS F C   1 
ATOM   1126 O  O   . CYS F 2 19 ? -2.008  -21.163 6.099   1.00 31.62 ? 19  CYS F O   1 
ATOM   1127 C  CB  . CYS F 2 19 ? -3.930  -18.882 4.940   1.00 10.55 ? 19  CYS F CB  1 
ATOM   1128 S  SG  . CYS F 2 19 ? -5.349  -17.932 5.539   1.00 22.49 ? 19  CYS F SG  1 
ATOM   1129 N  N   . GLY F 2 20 ? -0.648  -19.352 5.715   1.00 20.27 ? 20  GLY F N   1 
ATOM   1130 C  CA  . GLY F 2 20 ? 0.459   -20.234 5.581   1.00 16.36 ? 20  GLY F CA  1 
ATOM   1131 C  C   . GLY F 2 20 ? 0.076   -21.381 4.634   1.00 39.42 ? 20  GLY F C   1 
ATOM   1132 O  O   . GLY F 2 20 ? -0.641  -21.215 3.646   1.00 26.64 ? 20  GLY F O   1 
ATOM   1133 N  N   . GLU F 2 21 ? 0.631   -22.542 5.011   1.00 34.99 ? 21  GLU F N   1 
ATOM   1134 C  CA  . GLU F 2 21 ? 0.553   -23.829 4.369   1.00 52.49 ? 21  GLU F CA  1 
ATOM   1135 C  C   . GLU F 2 21 ? -0.845  -24.199 3.943   1.00 20.50 ? 21  GLU F C   1 
ATOM   1136 O  O   . GLU F 2 21 ? -0.930  -24.880 2.890   1.00 32.13 ? 21  GLU F O   1 
ATOM   1137 C  CB  . GLU F 2 21 ? 1.125   -25.141 4.912   1.00 22.65 ? 21  GLU F CB  1 
ATOM   1138 C  CG  . GLU F 2 21 ? 0.678   -25.605 6.296   0.50 18.33 ? 21  GLU F CG  1 
ATOM   1139 C  CD  . GLU F 2 21 ? 2.059   -26.116 6.752   0.50 34.83 ? 21  GLU F CD  1 
ATOM   1140 O  OE1 . GLU F 2 21 ? 2.890   -26.294 5.863   0.50 29.73 ? 21  GLU F OE1 1 
ATOM   1141 O  OE2 . GLU F 2 21 ? 1.937   -26.122 7.974   0.50 37.58 ? 21  GLU F OE2 1 
ATOM   1142 N  N   . ARG F 2 22 ? -1.895  -23.771 4.577   1.00 15.23 ? 22  ARG F N   1 
ATOM   1143 C  CA  . ARG F 2 22 ? -3.205  -24.140 4.024   1.00 15.40 ? 22  ARG F CA  1 
ATOM   1144 C  C   . ARG F 2 22 ? -3.787  -23.383 2.802   1.00 33.23 ? 22  ARG F C   1 
ATOM   1145 O  O   . ARG F 2 22 ? -4.757  -23.847 2.144   1.00 21.18 ? 22  ARG F O   1 
ATOM   1146 C  CB  . ARG F 2 22 ? -4.155  -23.982 5.261   1.00 29.32 ? 22  ARG F CB  1 
ATOM   1147 C  CG  . ARG F 2 22 ? -4.125  -24.942 6.435   1.00 30.14 ? 22  ARG F CG  1 
ATOM   1148 C  CD  . ARG F 2 22 ? -4.560  -24.451 7.769   1.00 37.40 ? 22  ARG F CD  1 
ATOM   1149 N  NE  . ARG F 2 22 ? -3.954  -23.327 8.510   1.00 64.11 ? 22  ARG F NE  1 
ATOM   1150 C  CZ  . ARG F 2 22 ? -4.803  -22.401 9.069   1.00 65.03 ? 22  ARG F CZ  1 
ATOM   1151 N  NH1 . ARG F 2 22 ? -6.138  -22.561 8.761   1.00 41.84 ? 22  ARG F NH1 1 
ATOM   1152 N  NH2 . ARG F 2 22 ? -4.370  -21.391 9.857   1.00 38.69 ? 22  ARG F NH2 1 
ATOM   1153 N  N   . GLY F 2 23 ? -3.341  -22.187 2.402   1.00 33.51 ? 23  GLY F N   1 
ATOM   1154 C  CA  . GLY F 2 23 ? -3.987  -21.581 1.219   1.00 18.94 ? 23  GLY F CA  1 
ATOM   1155 C  C   . GLY F 2 23 ? -5.180  -20.835 1.753   1.00 18.10 ? 23  GLY F C   1 
ATOM   1156 O  O   . GLY F 2 23 ? -5.561  -20.830 2.923   1.00 19.97 ? 23  GLY F O   1 
ATOM   1157 N  N   . PHE F 2 24 ? -5.711  -20.141 0.797   1.00 17.24 ? 24  PHE F N   1 
ATOM   1158 C  CA  . PHE F 2 24 ? -6.891  -19.287 1.098   1.00 16.06 ? 24  PHE F CA  1 
ATOM   1159 C  C   . PHE F 2 24 ? -7.585  -19.175 -0.233  1.00 8.21  ? 24  PHE F C   1 
ATOM   1160 O  O   . PHE F 2 24 ? -7.264  -19.449 -1.437  1.00 22.54 ? 24  PHE F O   1 
ATOM   1161 C  CB  . PHE F 2 24 ? -6.581  -18.019 1.979   1.00 20.35 ? 24  PHE F CB  1 
ATOM   1162 C  CG  . PHE F 2 24 ? -5.671  -17.150 1.199   1.00 13.41 ? 24  PHE F CG  1 
ATOM   1163 C  CD1 . PHE F 2 24 ? -6.188  -16.303 0.214   1.00 25.75 ? 24  PHE F CD1 1 
ATOM   1164 C  CD2 . PHE F 2 24 ? -4.294  -17.324 1.288   1.00 15.24 ? 24  PHE F CD2 1 
ATOM   1165 C  CE1 . PHE F 2 24 ? -5.346  -15.591 -0.645  1.00 16.59 ? 24  PHE F CE1 1 
ATOM   1166 C  CE2 . PHE F 2 24 ? -3.417  -16.591 0.430   1.00 18.87 ? 24  PHE F CE2 1 
ATOM   1167 C  CZ  . PHE F 2 24 ? -3.940  -15.691 -0.524  1.00 22.93 ? 24  PHE F CZ  1 
ATOM   1168 N  N   . PHE F 2 25 ? -8.863  -18.660 0.012   1.00 24.95 ? 25  PHE F N   1 
ATOM   1169 C  CA  . PHE F 2 25 ? -9.831  -18.387 -1.085  1.00 26.37 ? 25  PHE F CA  1 
ATOM   1170 C  C   . PHE F 2 25 ? -9.967  -16.854 -0.861  1.00 35.17 ? 25  PHE F C   1 
ATOM   1171 O  O   . PHE F 2 25 ? -9.987  -16.409 0.266   1.00 27.93 ? 25  PHE F O   1 
ATOM   1172 C  CB  . PHE F 2 25 ? -11.291 -18.853 -1.250  1.00 27.18 ? 25  PHE F CB  1 
ATOM   1173 C  CG  . PHE F 2 25 ? -11.214 -19.980 -2.263  0.50 18.78 ? 25  PHE F CG  1 
ATOM   1174 C  CD1 . PHE F 2 25 ? -10.940 -21.258 -1.774  0.50 35.14 ? 25  PHE F CD1 1 
ATOM   1175 C  CD2 . PHE F 2 25 ? -11.294 -19.765 -3.625  0.50 27.09 ? 25  PHE F CD2 1 
ATOM   1176 C  CE1 . PHE F 2 25 ? -10.813 -22.383 -2.589  0.50 18.16 ? 25  PHE F CE1 1 
ATOM   1177 C  CE2 . PHE F 2 25 ? -11.178 -20.840 -4.497  0.50 42.72 ? 25  PHE F CE2 1 
ATOM   1178 C  CZ  . PHE F 2 25 ? -10.942 -22.126 -3.971  0.50 37.95 ? 25  PHE F CZ  1 
ATOM   1179 N  N   . TYR F 2 26 ? -9.938  -16.177 -1.977  1.00 32.23 ? 26  TYR F N   1 
ATOM   1180 C  CA  . TYR F 2 26 ? -10.072 -14.727 -2.031  1.00 19.23 ? 26  TYR F CA  1 
ATOM   1181 C  C   . TYR F 2 26 ? -11.258 -14.476 -2.999  1.00 16.01 ? 26  TYR F C   1 
ATOM   1182 O  O   . TYR F 2 26 ? -11.003 -14.729 -4.193  1.00 29.86 ? 26  TYR F O   1 
ATOM   1183 C  CB  . TYR F 2 26 ? -8.997  -13.848 -2.754  1.00 38.96 ? 26  TYR F CB  1 
ATOM   1184 C  CG  . TYR F 2 26 ? -9.271  -12.376 -2.506  1.00 21.14 ? 26  TYR F CG  1 
ATOM   1185 C  CD1 . TYR F 2 26 ? -9.092  -11.891 -1.182  1.00 34.31 ? 26  TYR F CD1 1 
ATOM   1186 C  CD2 . TYR F 2 26 ? -9.619  -11.476 -3.514  1.00 34.50 ? 26  TYR F CD2 1 
ATOM   1187 C  CE1 . TYR F 2 26 ? -9.248  -10.542 -0.828  1.00 29.32 ? 26  TYR F CE1 1 
ATOM   1188 C  CE2 . TYR F 2 26 ? -9.821  -10.135 -3.173  1.00 33.94 ? 26  TYR F CE2 1 
ATOM   1189 C  CZ  . TYR F 2 26 ? -9.662  -9.705  -1.863  1.00 22.85 ? 26  TYR F CZ  1 
ATOM   1190 O  OH  . TYR F 2 26 ? -9.790  -8.407  -1.558  1.00 42.41 ? 26  TYR F OH  1 
ATOM   1191 N  N   . THR F 2 27 ? -12.334 -14.009 -2.365  1.00 39.95 ? 27  THR F N   1 
ATOM   1192 C  CA  . THR F 2 27 ? -13.463 -13.674 -3.228  1.00 39.72 ? 27  THR F CA  1 
ATOM   1193 C  C   . THR F 2 27 ? -13.810 -12.221 -2.907  1.00 33.53 ? 27  THR F C   1 
ATOM   1194 O  O   . THR F 2 27 ? -14.166 -12.086 -1.734  1.00 41.97 ? 27  THR F O   1 
ATOM   1195 C  CB  . THR F 2 27 ? -14.748 -14.577 -3.140  1.00 38.22 ? 27  THR F CB  1 
ATOM   1196 O  OG1 . THR F 2 27 ? -15.125 -14.955 -1.787  1.00 33.56 ? 27  THR F OG1 1 
ATOM   1197 C  CG2 . THR F 2 27 ? -14.567 -15.912 -3.887  1.00 48.15 ? 27  THR F CG2 1 
ATOM   1198 N  N   . PRO F 2 28 ? -13.587 -11.332 -3.823  1.00 33.43 ? 28  PRO F N   1 
ATOM   1199 C  CA  . PRO F 2 28 ? -13.984 -9.903  -3.686  1.00 61.97 ? 28  PRO F CA  1 
ATOM   1200 C  C   . PRO F 2 28 ? -15.513 -9.892  -3.928  1.00 66.52 ? 28  PRO F C   1 
ATOM   1201 O  O   . PRO F 2 28 ? -16.215 -9.233  -4.739  1.00 61.00 ? 28  PRO F O   1 
ATOM   1202 C  CB  . PRO F 2 28 ? -13.236 -9.217  -4.841  1.00 39.44 ? 28  PRO F CB  1 
ATOM   1203 C  CG  . PRO F 2 28 ? -12.164 -10.233 -5.221  1.00 55.32 ? 28  PRO F CG  1 
ATOM   1204 C  CD  . PRO F 2 28 ? -13.033 -11.528 -5.168  1.00 63.34 ? 28  PRO F CD  1 
ATOM   1205 N  N   . LYS F 2 29 ? -16.200 -10.767 -3.198  1.00 48.92 ? 29  LYS F N   1 
ATOM   1206 C  CA  . LYS F 2 29 ? -17.647 -10.972 -3.323  1.00 45.63 ? 29  LYS F CA  1 
ATOM   1207 C  C   . LYS F 2 29 ? -18.229 -11.506 -2.014  1.00 71.75 ? 29  LYS F C   1 
ATOM   1208 O  O   . LYS F 2 29 ? -18.350 -10.604 -1.137  1.00 71.75 ? 29  LYS F O   1 
ATOM   1209 C  CB  . LYS F 2 29 ? -17.953 -12.000 -4.431  1.00 37.96 ? 29  LYS F CB  1 
ATOM   1210 C  CG  . LYS F 2 29 ? -19.339 -11.665 -5.032  1.00 58.11 ? 29  LYS F CG  1 
ATOM   1211 C  CD  . LYS F 2 29 ? -20.108 -12.998 -5.145  1.00 67.93 ? 29  LYS F CD  1 
ATOM   1212 C  CE  . LYS F 2 29 ? -19.495 -13.750 -6.318  1.00 71.75 ? 29  LYS F CE  1 
ATOM   1213 N  NZ  . LYS F 2 29 ? -19.252 -15.205 -6.122  1.00 63.20 ? 29  LYS F NZ  1 
ATOM   1214 N  N   . ALA F 2 30 ? -18.497 -12.834 -2.015  1.00 41.29 ? 30  ALA F N   1 
ATOM   1215 C  CA  . ALA F 2 30 ? -19.061 -13.476 -0.797  1.00 56.78 ? 30  ALA F CA  1 
ATOM   1216 C  C   . ALA F 2 30 ? -18.235 -14.454 0.055   1.00 71.75 ? 30  ALA F C   1 
ATOM   1217 O  O   . ALA F 2 30 ? -18.858 -15.469 0.523   1.00 65.17 ? 30  ALA F O   1 
ATOM   1218 C  CB  . ALA F 2 30 ? -20.424 -14.087 -1.198  1.00 62.50 ? 30  ALA F CB  1 
ATOM   1219 O  OXT . ALA F 2 30 ? -17.029 -14.315 0.399   1.00 66.90 ? 30  ALA F OXT 1 
ATOM   1220 N  N   . UNK G 3 1  ? 7.656   12.716  -1.985  0.50 49.81 ? 5   UNK G N   1 
ATOM   1221 C  CA  . UNK G 3 1  ? 6.662   12.214  -2.975  0.50 61.48 ? 5   UNK G CA  1 
ATOM   1222 C  C   . UNK G 3 1  ? 6.867   10.716  -3.245  0.50 71.75 ? 5   UNK G C   1 
ATOM   1223 O  O   . UNK G 3 1  ? 6.582   9.949   -2.267  0.50 58.82 ? 5   UNK G O   1 
ATOM   1224 C  CB  . UNK G 3 1  ? 6.592   13.204  -4.132  0.50 27.46 ? 5   UNK G CB  1 
ATOM   1225 N  N   . UNK G 3 2  ? 7.306   10.240  -4.403  0.50 62.92 ? 6   UNK G N   1 
ATOM   1226 C  CA  . UNK G 3 2  ? 7.482   8.757   -4.689  0.50 21.75 ? 6   UNK G CA  1 
ATOM   1227 C  C   . UNK G 3 2  ? 8.451   8.334   -3.597  0.50 53.32 ? 6   UNK G C   1 
ATOM   1228 O  O   . UNK G 3 2  ? 8.168   8.433   -2.334  0.50 37.96 ? 6   UNK G O   1 
ATOM   1229 C  CB  . UNK G 3 2  ? 7.412   8.635   -6.206  0.50 21.28 ? 6   UNK G CB  1 
ATOM   1230 C  CG  . UNK G 3 2  ? 6.142   9.400   -6.607  0.50 45.89 ? 6   UNK G CG  1 
ATOM   1231 C  CD  . UNK G 3 2  ? 5.258   9.571   -7.728  0.50 47.92 ? 6   UNK G CD  1 
ATOM   1232 N  NE  . UNK G 3 2  ? 3.841   9.272   -7.730  0.50 54.48 ? 6   UNK G NE  1 
ATOM   1233 C  CZ  . UNK G 3 2  ? 2.608   9.643   -7.431  0.50 25.19 ? 6   UNK G CZ  1 
ATOM   1234 N  NH1 . UNK G 3 2  ? 2.175   10.791  -6.928  0.50 34.35 ? 6   UNK G NH1 1 
ATOM   1235 N  NH2 . UNK G 3 2  ? 1.510   8.875   -7.446  0.50 32.57 ? 6   UNK G NH2 1 
ATOM   1236 N  N   . UNK G 3 3  ? -5.836  9.882   2.996   0.00 30.00 ? 8   UNK G N   1 
ATOM   1237 C  CA  . UNK G 3 3  ? -5.336  10.813  3.416   0.50 36.34 ? 8   UNK G CA  1 
ATOM   1238 C  C   . UNK G 3 3  ? -3.917  11.009  3.901   0.50 25.83 ? 8   UNK G C   1 
ATOM   1239 O  O   . UNK G 3 3  ? -3.283  12.062  3.843   0.50 30.79 ? 8   UNK G O   1 
ATOM   1240 C  CB  . UNK G 3 3  ? -6.325  10.601  4.565   0.50 58.43 ? 8   UNK G CB  1 
ATOM   1241 C  CG  . UNK G 3 3  ? -7.556  9.759   4.242   0.50 54.29 ? 8   UNK G CG  1 
ATOM   1242 C  CD  . UNK G 3 3  ? -7.383  8.294   4.519   0.50 30.82 ? 8   UNK G CD  1 
ATOM   1243 N  NE  . UNK G 3 3  ? -7.880  7.494   3.460   0.50 30.04 ? 8   UNK G NE  1 
ATOM   1244 C  CZ  . UNK G 3 3  ? -8.905  7.116   2.765   0.50 39.92 ? 8   UNK G CZ  1 
ATOM   1245 N  NH1 . UNK G 3 3  ? -10.187 7.399   2.898   0.50 36.43 ? 8   UNK G NH1 1 
ATOM   1246 N  NH2 . UNK G 3 3  ? -8.531  6.424   1.667   0.50 40.02 ? 8   UNK G NH2 1 
ATOM   1247 N  N   . UNK G 3 4  ? 4.110   11.714  17.603  0.50 52.23 ? 11  UNK G N   1 
ATOM   1248 C  CA  . UNK G 3 4  ? 5.288   12.379  18.223  0.50 18.58 ? 11  UNK G CA  1 
ATOM   1249 C  C   . UNK G 3 4  ? 5.342   13.784  17.625  0.50 34.19 ? 11  UNK G C   1 
ATOM   1250 O  O   . UNK G 3 4  ? 4.820   14.284  16.600  0.50 32.30 ? 11  UNK G O   1 
ATOM   1251 C  CB  . UNK G 3 4  ? 6.448   11.382  18.075  0.50 38.05 ? 11  UNK G CB  1 
ATOM   1252 C  CG  . UNK G 3 4  ? 6.736   10.426  16.931  0.50 46.30 ? 11  UNK G CG  1 
ATOM   1253 C  CD  . UNK G 3 4  ? 7.310   9.086   17.213  0.50 23.81 ? 11  UNK G CD  1 
ATOM   1254 N  NE  . UNK G 3 4  ? 7.888   8.152   16.288  0.50 42.78 ? 11  UNK G NE  1 
ATOM   1255 C  CZ  . UNK G 3 4  ? 7.492   6.941   15.835  0.50 61.92 ? 11  UNK G CZ  1 
ATOM   1256 N  NH1 . UNK G 3 4  ? 6.270   6.562   16.248  0.50 50.08 ? 11  UNK G NH1 1 
ATOM   1257 N  NH2 . UNK G 3 4  ? 8.135   5.959   15.118  0.50 32.27 ? 11  UNK G NH2 1 
ATOM   1258 N  N   . UNK G 3 5  ? -4.809  14.180  5.243   0.50 31.09 ? 20  UNK G N   1 
ATOM   1259 C  CA  . UNK G 3 5  ? -6.164  14.745  5.452   0.50 32.86 ? 20  UNK G CA  1 
ATOM   1260 C  C   . UNK G 3 5  ? -6.111  15.685  6.653   0.50 40.57 ? 20  UNK G C   1 
ATOM   1261 O  O   . UNK G 3 5  ? -7.036  16.317  7.179   0.50 46.56 ? 20  UNK G O   1 
ATOM   1262 N  N   . UNK G 3 6  ? -5.792  15.246  7.353   0.50 50.23 ? 21  UNK G N   1 
ATOM   1263 C  CA  . UNK G 3 6  ? -5.720  15.971  8.632   0.50 41.44 ? 21  UNK G CA  1 
ATOM   1264 C  C   . UNK G 3 6  ? -5.494  14.949  9.758   0.50 43.38 ? 21  UNK G C   1 
ATOM   1265 O  O   . UNK G 3 6  ? -6.203  14.917  10.776  0.50 39.28 ? 21  UNK G O   1 
ATOM   1266 N  N   . UNK G 3 7  ? -4.289  14.931  11.180  0.50 48.41 ? 22  UNK G N   1 
ATOM   1267 C  CA  . UNK G 3 7  ? -5.098  14.202  12.153  0.50 27.33 ? 22  UNK G CA  1 
ATOM   1268 C  C   . UNK G 3 7  ? -4.257  12.957  12.541  0.50 26.00 ? 22  UNK G C   1 
ATOM   1269 O  O   . UNK G 3 7  ? -3.070  13.244  12.797  0.50 38.31 ? 22  UNK G O   1 
ATOM   1270 N  N   . UNK G 3 8  ? -4.748  12.420  12.364  0.50 31.73 ? 23  UNK G N   1 
ATOM   1271 C  CA  . UNK G 3 8  ? -3.951  11.212  12.154  0.50 46.45 ? 23  UNK G CA  1 
ATOM   1272 C  C   . UNK G 3 8  ? -4.188  10.224  13.298  0.50 58.21 ? 23  UNK G C   1 
ATOM   1273 O  O   . UNK G 3 8  ? -4.944  9.254   13.133  0.50 55.11 ? 23  UNK G O   1 
ATOM   1274 N  N   . UNK G 3 9  ? 9.883   9.738   -2.806  0.50 36.82 ? 25  UNK G N   1 
ATOM   1275 C  CA  . UNK G 3 9  ? 10.482  10.350  -1.625  0.50 28.59 ? 25  UNK G CA  1 
ATOM   1276 C  C   . UNK G 3 9  ? 11.846  10.901  -2.075  0.50 24.69 ? 25  UNK G C   1 
ATOM   1277 O  O   . UNK G 3 9  ? 12.384  11.806  -1.370  0.50 35.95 ? 25  UNK G O   1 
ATOM   1278 N  N   . UNK G 3 10 ? -19.630 -4.633  -1.436  0.50 47.58 ? 27  UNK G N   1 
ATOM   1279 C  CA  . UNK G 3 10 ? -18.965 -4.468  -0.115  0.50 42.52 ? 27  UNK G CA  1 
ATOM   1280 C  C   . UNK G 3 10 ? -18.188 -3.182  0.034   0.50 48.94 ? 27  UNK G C   1 
ATOM   1281 O  O   . UNK G 3 10 ? -18.033 -2.295  0.865   0.50 37.80 ? 27  UNK G O   1 
ATOM   1282 C  CB  . UNK G 3 10 ? -18.055 -5.671  -0.028  0.50 23.02 ? 27  UNK G CB  1 
ATOM   1283 C  CG  . UNK G 3 10 ? -18.464 -6.721  0.972   0.50 25.46 ? 27  UNK G CG  1 
ATOM   1284 C  CD  . UNK G 3 10 ? -18.355 -7.989  0.244   0.50 26.65 ? 27  UNK G CD  1 
ATOM   1285 N  NE  . UNK G 3 10 ? -17.100 -8.097  -0.439  0.50 38.54 ? 27  UNK G NE  1 
ATOM   1286 C  CZ  . UNK G 3 10 ? -15.878 -8.514  -0.301  0.50 19.85 ? 27  UNK G CZ  1 
ATOM   1287 N  NH1 . UNK G 3 10 ? -15.354 -8.877  0.861   0.50 41.38 ? 27  UNK G NH1 1 
ATOM   1288 N  NH2 . UNK G 3 10 ? -14.962 -8.630  -1.249  0.50 30.59 ? 27  UNK G NH2 1 
ATOM   1289 N  N   . UNK G 3 11 ? 18.458  -0.216  2.139   0.50 48.45 ? 29  UNK G N   1 
ATOM   1290 C  CA  . UNK G 3 11 ? 18.443  -1.616  2.626   0.50 40.98 ? 29  UNK G CA  1 
ATOM   1291 C  C   . UNK G 3 11 ? 18.184  -2.264  1.813   0.00 30.00 ? 29  UNK G C   1 
ATOM   1292 O  O   . UNK G 3 11 ? 18.542  -3.430  2.038   0.00 30.00 ? 29  UNK G O   1 
ATOM   1293 C  CB  . UNK G 3 11 ? 17.938  -1.723  4.064   0.50 22.50 ? 29  UNK G CB  1 
ATOM   1294 C  CG  . UNK G 3 11 ? 18.264  -3.068  4.683   0.50 26.93 ? 29  UNK G CG  1 
ATOM   1295 C  CD  . UNK G 3 11 ? 17.783  -3.204  6.125   0.50 58.62 ? 29  UNK G CD  1 
ATOM   1296 C  CE  . UNK G 3 11 ? 18.544  -4.248  6.925   0.50 40.24 ? 29  UNK G CE  1 
ATOM   1297 N  NZ  . UNK G 3 11 ? 17.673  -4.840  7.970   0.50 34.12 ? 29  UNK G NZ  1 
ATOM   1298 N  N   . UNK G 3 12 ? -6.574  3.492   0.137   0.50 51.74 ? 33  UNK G N   1 
ATOM   1299 C  CA  . UNK G 3 12 ? -6.558  3.368   1.582   0.50 55.15 ? 33  UNK G CA  1 
ATOM   1300 C  C   . UNK G 3 12 ? -5.702  4.222   2.457   0.50 55.10 ? 33  UNK G C   1 
ATOM   1301 O  O   . UNK G 3 12 ? -4.478  4.377   2.643   0.50 45.24 ? 33  UNK G O   1 
ATOM   1302 C  CB  . UNK G 3 12 ? -7.712  2.594   2.180   0.50 36.17 ? 33  UNK G CB  1 
ATOM   1303 C  CG  . UNK G 3 12 ? -8.453  3.277   3.321   0.50 22.10 ? 33  UNK G CG  1 
ATOM   1304 C  CD  . UNK G 3 12 ? -9.476  2.434   3.994   0.50 50.55 ? 33  UNK G CD  1 
ATOM   1305 C  CE  . UNK G 3 12 ? -10.424 2.833   5.074   0.50 13.60 ? 33  UNK G CE  1 
ATOM   1306 N  NZ  . UNK G 3 12 ? -10.550 1.649   5.964   0.50 38.62 ? 33  UNK G NZ  1 
ATOM   1307 N  N   . UNK G 3 13 ? -4.288  4.708   0.755   0.00 30.00 ? 35  UNK G N   1 
ATOM   1308 C  CA  . UNK G 3 13 ? -3.424  3.519   -0.231  0.50 42.36 ? 35  UNK G CA  1 
ATOM   1309 C  C   . UNK G 3 13 ? -2.717  2.371   0.445   0.50 29.14 ? 35  UNK G C   1 
ATOM   1310 O  O   . UNK G 3 13 ? -2.306  1.325   -0.010  0.50 8.83  ? 35  UNK G O   1 
ATOM   1311 N  N   . UNK G 3 14 ? -0.508  -5.204  6.798   0.50 21.05 ? 39  UNK G N   1 
ATOM   1312 C  CA  . UNK G 3 14 ? -0.682  -5.254  5.358   0.50 17.87 ? 39  UNK G CA  1 
ATOM   1313 C  C   . UNK G 3 14 ? -1.353  -6.593  5.047   0.50 47.67 ? 39  UNK G C   1 
ATOM   1314 O  O   . UNK G 3 14 ? -0.687  -7.607  4.749   0.50 45.28 ? 39  UNK G O   1 
ATOM   1315 C  CB  . UNK G 3 14 ? 0.501   -4.973  4.497   0.50 37.49 ? 39  UNK G CB  1 
ATOM   1316 C  CG  . UNK G 3 14 ? 1.379   -5.305  3.376   0.50 22.28 ? 39  UNK G CG  1 
ATOM   1317 C  CD  . UNK G 3 14 ? 1.321   -5.840  2.030   0.50 40.55 ? 39  UNK G CD  1 
ATOM   1318 N  NE  . UNK G 3 14 ? 1.373   -5.089  0.814   0.50 59.60 ? 39  UNK G NE  1 
ATOM   1319 C  CZ  . UNK G 3 14 ? 1.580   -4.571  -0.386  0.50 53.03 ? 39  UNK G CZ  1 
ATOM   1320 N  NH1 . UNK G 3 14 ? 2.462   -3.598  -0.734  0.50 19.80 ? 39  UNK G NH1 1 
ATOM   1321 N  NH2 . UNK G 3 14 ? 0.816   -4.995  -1.437  0.50 38.50 ? 39  UNK G NH2 1 
ATOM   1322 N  N   . UNK G 3 15 ? 5.957   8.552   -1.214  0.00 30.00 ? 41  UNK G N   1 
ATOM   1323 C  CA  . UNK G 3 15 ? 5.715   7.464   -2.173  0.00 30.00 ? 41  UNK G CA  1 
ATOM   1324 C  C   . UNK G 3 15 ? 4.607   7.864   -3.150  0.00 30.00 ? 41  UNK G C   1 
ATOM   1325 O  O   . UNK G 3 15 ? 4.239   7.093   -4.048  0.00 30.00 ? 41  UNK G O   1 
ATOM   1326 C  CB  . UNK G 3 15 ? 5.287   6.197   -1.430  0.00 30.00 ? 41  UNK G CB  1 
ATOM   1327 C  CG  . UNK G 3 15 ? 4.197   4.920   -2.175  0.50 56.50 ? 41  UNK G CG  1 
ATOM   1328 C  CD  . UNK G 3 15 ? 4.246   3.619   -1.441  0.50 43.93 ? 41  UNK G CD  1 
ATOM   1329 N  NE  . UNK G 3 15 ? 5.533   3.505   -0.760  0.50 39.29 ? 41  UNK G NE  1 
ATOM   1330 C  CZ  . UNK G 3 15 ? 5.868   2.313   -0.258  0.50 49.30 ? 41  UNK G CZ  1 
ATOM   1331 N  NH1 . UNK G 3 15 ? 5.274   1.295   -0.873  0.50 37.52 ? 41  UNK G NH1 1 
ATOM   1332 N  NH2 . UNK G 3 15 ? 6.709   2.331   0.770   0.50 37.93 ? 41  UNK G NH2 1 
ATOM   1333 N  N   . UNK G 3 16 ? 1.670   7.180   -5.592  0.50 49.09 ? 43  UNK G N   1 
ATOM   1334 C  CA  . UNK G 3 16 ? 3.724   7.672   -5.260  0.00 30.00 ? 43  UNK G CA  1 
ATOM   1335 C  C   . UNK G 3 16 ? 3.772   9.187   -5.045  0.00 30.00 ? 43  UNK G C   1 
ATOM   1336 O  O   . UNK G 3 16 ? 4.855   9.781   -4.927  0.00 30.00 ? 43  UNK G O   1 
ATOM   1337 C  CB  . UNK G 3 16 ? 4.484   7.329   -6.543  0.00 30.00 ? 43  UNK G CB  1 
ATOM   1338 C  CG  . UNK G 3 16 ? 5.949   7.767   -6.506  0.00 30.00 ? 43  UNK G CG  1 
ATOM   1339 C  CD  . UNK G 3 16 ? 6.709   7.424   -7.789  0.00 30.00 ? 43  UNK G CD  1 
ATOM   1340 N  NE  . UNK G 3 16 ? 7.870   7.894   -7.461  0.50 15.16 ? 43  UNK G NE  1 
ATOM   1341 C  CZ  . UNK G 3 16 ? 8.758   7.795   -8.459  0.50 9.26  ? 43  UNK G CZ  1 
ATOM   1342 N  NH1 . UNK G 3 16 ? 8.402   7.289   -9.613  0.50 28.73 ? 43  UNK G NH1 1 
ATOM   1343 N  NH2 . UNK G 3 16 ? 10.024  8.167   -8.350  0.50 32.40 ? 43  UNK G NH2 1 
HETATM 1344 C  C1  A CRS H 4 .  ? 4.910   8.533   3.166   0.50 32.48 ? 22  CRS A C1  1 
HETATM 1345 C  C1  B CRS H 4 .  ? 4.096   7.418   3.305   0.50 24.43 ? 22  CRS A C1  1 
HETATM 1346 C  C2  A CRS H 4 .  ? 6.209   8.391   2.675   0.50 21.20 ? 22  CRS A C2  1 
HETATM 1347 C  C2  B CRS H 4 .  ? 4.910   8.533   3.166   0.50 32.48 ? 22  CRS A C2  1 
HETATM 1348 C  C3  A CRS H 4 .  ? 6.689   7.105   2.318   0.50 19.53 ? 22  CRS A C3  1 
HETATM 1349 C  C3  B CRS H 4 .  ? 6.209   8.391   2.675   0.50 21.20 ? 22  CRS A C3  1 
HETATM 1350 C  C4  A CRS H 4 .  ? 5.832   6.035   2.527   0.50 16.14 ? 22  CRS A C4  1 
HETATM 1351 C  C4  B CRS H 4 .  ? 6.689   7.105   2.318   0.50 19.53 ? 22  CRS A C4  1 
HETATM 1352 C  C5  A CRS H 4 .  ? 4.513   6.143   2.954   0.50 12.32 ? 22  CRS A C5  1 
HETATM 1353 C  C5  B CRS H 4 .  ? 5.832   6.035   2.527   0.50 16.14 ? 22  CRS A C5  1 
HETATM 1354 C  C6  A CRS H 4 .  ? 4.096   7.418   3.305   0.50 24.43 ? 22  CRS A C6  1 
HETATM 1355 C  C6  B CRS H 4 .  ? 4.513   6.143   2.954   0.50 12.32 ? 22  CRS A C6  1 
HETATM 1356 C  C7  . CRS H 4 .  ? 8.054   6.956   1.764   1.00 23.96 ? 22  CRS A C7  1 
HETATM 1357 O  O1  A CRS H 4 .  ? 4.470   9.850   3.765   0.50 25.43 ? 22  CRS A O1  1 
HETATM 1358 O  O1  B CRS H 4 .  ? 2.848   7.646   3.724   0.50 24.18 ? 22  CRS A O1  1 
HETATM 1359 C  C1  . CRS I 4 .  ? -4.858  0.632   -10.675 1.00 39.47 ? 22  CRS C C1  1 
HETATM 1360 C  C2  . CRS I 4 .  ? -4.194  0.610   -9.447  1.00 64.92 ? 22  CRS C C2  1 
HETATM 1361 C  C3  . CRS I 4 .  ? -3.404  -0.490  -9.114  1.00 37.74 ? 22  CRS C C3  1 
HETATM 1362 C  C4  . CRS I 4 .  ? -3.241  -1.589  -9.992  1.00 20.45 ? 22  CRS C C4  1 
HETATM 1363 C  C5  . CRS I 4 .  ? -3.918  -1.569  -11.205 1.00 28.78 ? 22  CRS C C5  1 
HETATM 1364 C  C6  . CRS I 4 .  ? -4.722  -0.464  -11.532 1.00 28.90 ? 22  CRS C C6  1 
HETATM 1365 O  O1  . CRS I 4 .  ? -5.736  1.594   -11.130 1.00 20.58 ? 22  CRS C O1  1 
HETATM 1366 ZN ZN  . ZN  J 5 .  ? -0.681  -0.082  -0.204  1.00 12.40 ? 31  ZN  D ZN  1 
HETATM 1367 N  NE  . UNL K 6 .  ? -2.489  -3.286  -5.925  0.50 23.01 ? 45  UNL D NE  1 
HETATM 1368 C  CZ  . UNL K 6 .  ? -2.025  -3.760  -7.091  0.50 39.68 ? 45  UNL D CZ  1 
HETATM 1369 N  NH1 . UNL K 6 .  ? -0.840  -3.518  -7.679  0.50 21.70 ? 45  UNL D NH1 1 
HETATM 1370 N  NH2 . UNL K 6 .  ? -2.884  -4.602  -7.706  0.50 41.99 ? 45  UNL D NH2 1 
HETATM 1371 C  CG  . UNL L 6 .  ? -9.441  8.654   -1.619  0.50 47.81 ? 47  UNL D CG  1 
HETATM 1372 C  CD  . UNL L 6 .  ? -9.221  8.118   -2.992  0.50 49.40 ? 47  UNL D CD  1 
HETATM 1373 N  NE  . UNL L 6 .  ? -9.001  9.161   -4.001  0.50 46.65 ? 47  UNL D NE  1 
HETATM 1374 C  CZ  . UNL L 6 .  ? -9.200  8.837   -5.300  0.50 50.06 ? 47  UNL D CZ  1 
HETATM 1375 N  NH1 . UNL L 6 .  ? -9.481  7.540   -5.494  0.50 42.36 ? 47  UNL D NH1 1 
HETATM 1376 N  NH2 . UNL L 6 .  ? -9.128  9.793   -6.232  0.50 27.88 ? 47  UNL D NH2 1 
HETATM 1377 C  C1  . CRS M 4 .  ? -7.056  -5.207  7.190   1.00 30.26 ? 22  CRS E C1  1 
HETATM 1378 C  C2  . CRS M 4 .  ? -6.749  -4.735  5.919   1.00 17.71 ? 22  CRS E C2  1 
HETATM 1379 C  C3  . CRS M 4 .  ? -5.505  -5.077  5.410   1.00 17.15 ? 22  CRS E C3  1 
HETATM 1380 C  C4  . CRS M 4 .  ? -4.604  -5.839  6.135   1.00 22.46 ? 22  CRS E C4  1 
HETATM 1381 C  C5  . CRS M 4 .  ? -4.927  -6.344  7.388   1.00 17.40 ? 22  CRS E C5  1 
HETATM 1382 C  C6  . CRS M 4 .  ? -6.183  -6.006  7.893   1.00 25.65 ? 22  CRS E C6  1 
HETATM 1383 O  O1  . CRS M 4 .  ? -8.300  -4.928  7.723   1.00 22.90 ? 22  CRS E O1  1 
HETATM 1384 O  O   . HOH N 7 .  ? 7.068   18.504  9.846   1.00 41.27 ? 23  HOH A O   1 
HETATM 1385 O  O   . HOH N 7 .  ? 8.602   16.034  9.580   1.00 57.12 ? 24  HOH A O   1 
HETATM 1386 O  O   . HOH N 7 .  ? 17.710  8.644   14.010  1.00 58.23 ? 25  HOH A O   1 
HETATM 1387 O  O   . HOH N 7 .  ? 21.428  9.906   14.375  1.00 63.23 ? 26  HOH A O   1 
HETATM 1388 O  O   . HOH N 7 .  ? 2.484   7.594   14.932  1.00 38.70 ? 27  HOH A O   1 
HETATM 1389 O  O   . HOH N 7 .  ? 15.051  16.440  1.281   1.00 52.06 ? 28  HOH A O   1 
HETATM 1390 O  O   . HOH N 7 .  ? 14.031  19.237  0.113   1.00 44.76 ? 29  HOH A O   1 
HETATM 1391 O  O   . HOH N 7 .  ? 23.460  3.960   16.669  1.00 61.28 ? 30  HOH A O   1 
HETATM 1392 O  O   . HOH N 7 .  ? 19.205  9.176   18.917  1.00 54.15 ? 31  HOH A O   1 
HETATM 1393 O  O   . HOH N 7 .  ? 19.773  -0.331  19.477  1.00 61.27 ? 32  HOH A O   1 
HETATM 1394 O  O   . HOH N 7 .  ? 15.234  9.658   17.991  1.00 63.18 ? 33  HOH A O   1 
HETATM 1395 O  O   . HOH N 7 .  ? 13.704  9.117   16.406  1.00 46.85 ? 34  HOH A O   1 
HETATM 1396 O  O   . HOH N 7 .  ? 1.925   15.159  8.086   1.00 64.34 ? 35  HOH A O   1 
HETATM 1397 O  O   . HOH N 7 .  ? -4.668  12.445  16.232  1.00 70.21 ? 36  HOH A O   1 
HETATM 1398 O  O   . HOH N 7 .  ? -1.929  13.886  2.190   1.00 44.72 ? 37  HOH A O   1 
HETATM 1399 O  O   . HOH N 7 .  ? 1.502   10.108  15.279  1.00 37.53 ? 38  HOH A O   1 
HETATM 1400 O  O   . HOH N 7 .  ? 12.329  11.149  15.378  1.00 59.94 ? 39  HOH A O   1 
HETATM 1401 O  O   . HOH O 7 .  ? 16.719  -1.073  8.212   1.00 22.84 ? 31  HOH B O   1 
HETATM 1402 O  O   . HOH O 7 .  ? 6.444   -3.707  -0.986  1.00 59.96 ? 32  HOH B O   1 
HETATM 1403 O  O   . HOH O 7 .  ? -6.860  6.988   10.676  1.00 35.13 ? 33  HOH B O   1 
HETATM 1404 O  O   . HOH O 7 .  ? 20.670  5.951   5.757   1.00 57.49 ? 34  HOH B O   1 
HETATM 1405 O  O   . HOH O 7 .  ? -0.065  2.469   11.875  1.00 41.32 ? 35  HOH B O   1 
HETATM 1406 O  O   . HOH O 7 .  ? 25.155  8.356   16.623  1.00 70.28 ? 36  HOH B O   1 
HETATM 1407 O  O   . HOH O 7 .  ? 24.476  6.901   12.827  1.00 71.75 ? 37  HOH B O   1 
HETATM 1408 O  O   . HOH O 7 .  ? 22.909  8.902   10.565  1.00 47.79 ? 38  HOH B O   1 
HETATM 1409 O  O   . HOH O 7 .  ? 14.039  3.224   -1.255  1.00 71.75 ? 39  HOH B O   1 
HETATM 1410 O  O   . HOH O 7 .  ? 21.490  -6.973  3.052   1.00 40.96 ? 40  HOH B O   1 
HETATM 1411 O  O   . HOH O 7 .  ? 25.998  0.349   -1.006  1.00 48.99 ? 41  HOH B O   1 
HETATM 1412 O  O   . HOH O 7 .  ? 28.865  4.247   4.442   1.00 60.89 ? 42  HOH B O   1 
HETATM 1413 O  O   . HOH O 7 .  ? 25.475  4.087   3.962   1.00 63.24 ? 43  HOH B O   1 
HETATM 1414 O  O   . HOH O 7 .  ? 32.364  3.404   6.432   1.00 54.77 ? 44  HOH B O   1 
HETATM 1415 O  O   . HOH O 7 .  ? 30.137  1.339   -4.841  1.00 70.24 ? 45  HOH B O   1 
HETATM 1416 O  O   . HOH O 7 .  ? 32.772  -5.649  -7.288  1.00 61.47 ? 46  HOH B O   1 
HETATM 1417 O  O   . HOH O 7 .  ? 10.605  -2.822  1.622   1.00 48.10 ? 47  HOH B O   1 
HETATM 1418 O  O   . HOH O 7 .  ? 7.652   9.133   21.611  1.00 62.52 ? 48  HOH B O   1 
HETATM 1419 O  O   . HOH O 7 .  ? 20.093  7.257   11.503  1.00 64.32 ? 49  HOH B O   1 
HETATM 1420 O  O   . HOH P 7 .  ? 0.066   -7.618  -20.650 0.50 27.29 ? 23  HOH C O   1 
HETATM 1421 O  O   . HOH P 7 .  ? 12.064  3.707   -21.298 1.00 56.02 ? 24  HOH C O   1 
HETATM 1422 O  O   . HOH P 7 .  ? -3.077  -9.573  -21.056 0.50 22.79 ? 25  HOH C O   1 
HETATM 1423 O  O   . HOH P 7 .  ? -5.490  -11.610 -26.634 1.00 35.93 ? 26  HOH C O   1 
HETATM 1424 O  O   . HOH P 7 .  ? -1.972  9.433   -18.992 1.00 44.30 ? 27  HOH C O   1 
HETATM 1425 O  O   . HOH Q 7 .  ? 3.327   -1.457  -2.895  1.00 30.51 ? 48  HOH D O   1 
HETATM 1426 O  O   . HOH Q 7 .  ? 3.064   -10.562 -18.240 1.00 60.89 ? 49  HOH D O   1 
HETATM 1427 O  O   . HOH Q 7 .  ? 7.363   -9.087  -15.298 1.00 49.26 ? 50  HOH D O   1 
HETATM 1428 O  O   . HOH Q 7 .  ? -5.734  6.552   -3.393  1.00 53.66 ? 51  HOH D O   1 
HETATM 1429 O  O   . HOH Q 7 .  ? 3.059   -12.483 -19.643 1.00 35.37 ? 52  HOH D O   1 
HETATM 1430 O  O   . HOH Q 7 .  ? 13.127  -7.852  -14.435 1.00 51.22 ? 53  HOH D O   1 
HETATM 1431 O  O   . HOH Q 7 .  ? 0.537   11.438  -13.324 1.00 33.72 ? 54  HOH D O   1 
HETATM 1432 O  O   . HOH Q 7 .  ? 1.141   15.633  1.199   1.00 39.45 ? 55  HOH D O   1 
HETATM 1433 O  O   . HOH Q 7 .  ? 1.097   16.195  -2.057  1.00 60.58 ? 56  HOH D O   1 
HETATM 1434 O  O   . HOH Q 7 .  ? 5.627   -11.704 -23.043 1.00 55.91 ? 57  HOH D O   1 
HETATM 1435 O  O   . HOH Q 7 .  ? 7.851   -11.979 -26.148 1.00 57.01 ? 58  HOH D O   1 
HETATM 1436 O  O   . HOH Q 7 .  ? 9.317   -8.768  -29.141 1.00 59.99 ? 59  HOH D O   1 
HETATM 1437 O  O   . HOH Q 7 .  ? 13.319  -13.709 -24.846 1.00 70.89 ? 60  HOH D O   1 
HETATM 1438 O  O   . HOH Q 7 .  ? 16.837  -13.926 -26.567 1.00 66.30 ? 61  HOH D O   1 
HETATM 1439 O  O   . HOH Q 7 .  ? 14.844  -16.612 -24.946 1.00 71.75 ? 62  HOH D O   1 
HETATM 1440 O  O   . HOH Q 7 .  ? 13.869  -9.742  -32.558 1.00 58.79 ? 63  HOH D O   1 
HETATM 1441 O  O   . HOH Q 7 .  ? 17.646  -3.780  -31.413 1.00 69.49 ? 64  HOH D O   1 
HETATM 1442 O  O   . HOH Q 7 .  ? -10.734 12.005  -3.042  1.00 49.17 ? 65  HOH D O   1 
HETATM 1443 O  O   . HOH Q 7 .  ? -1.872  17.427  -4.115  1.00 40.76 ? 66  HOH D O   1 
HETATM 1444 O  O   . HOH Q 7 .  ? 0.994   17.148  -11.753 1.00 64.18 ? 67  HOH D O   1 
HETATM 1445 O  O   . HOH Q 7 .  ? 6.203   -0.530  -5.395  1.00 51.77 ? 68  HOH D O   1 
HETATM 1446 O  O   . HOH Q 7 .  ? 0.927   12.547  -4.295  1.00 53.97 ? 69  HOH D O   1 
HETATM 1447 O  O   . HOH Q 7 .  ? -4.324  18.934  -0.562  1.00 69.61 ? 70  HOH D O   1 
HETATM 1448 O  O   . HOH Q 7 .  ? -0.161  12.993  -11.279 1.00 55.47 ? 71  HOH D O   1 
HETATM 1449 O  O   . HOH Q 7 .  ? 4.324   6.475   -16.492 1.00 42.02 ? 72  HOH D O   1 
HETATM 1450 O  O   . HOH Q 7 .  ? 2.750   9.874   -19.128 1.00 49.15 ? 73  HOH D O   1 
HETATM 1451 O  O   . HOH Q 7 .  ? 3.843   13.396  -14.571 1.00 54.25 ? 74  HOH D O   1 
HETATM 1452 O  O   . HOH Q 7 .  ? 3.386   -5.972  -22.530 1.00 55.83 ? 75  HOH D O   1 
HETATM 1453 O  O   . HOH Q 7 .  ? 4.570   -12.964 -16.141 1.00 61.12 ? 76  HOH D O   1 
HETATM 1454 O  O   . HOH Q 7 .  ? 2.181   9.595   -16.463 1.00 49.69 ? 77  HOH D O   1 
HETATM 1455 O  O   . HOH Q 7 .  ? 4.194   15.949  -14.750 1.00 51.01 ? 78  HOH D O   1 
HETATM 1456 O  O   . HOH R 7 .  ? -13.630 2.813   3.857   1.00 50.03 ? 23  HOH E O   1 
HETATM 1457 O  O   . HOH R 7 .  ? -7.616  -8.027  17.286  1.00 52.65 ? 24  HOH E O   1 
HETATM 1458 O  O   . HOH R 7 .  ? -16.136 -16.180 7.270   1.00 47.86 ? 25  HOH E O   1 
HETATM 1459 O  O   . HOH R 7 .  ? -16.335 -20.647 7.219   1.00 60.64 ? 26  HOH E O   1 
HETATM 1460 O  O   . HOH R 7 .  ? -14.424 -5.432  11.039  1.00 52.82 ? 27  HOH E O   1 
HETATM 1461 O  O   . HOH R 7 .  ? -10.061 1.012   2.339   1.00 59.56 ? 28  HOH E O   1 
HETATM 1462 O  O   . HOH R 7 .  ? -8.298  -19.457 23.385  1.00 57.28 ? 29  HOH E O   1 
HETATM 1463 O  O   . HOH R 7 .  ? -18.586 -9.308  14.322  1.00 52.36 ? 30  HOH E O   1 
HETATM 1464 O  O   . HOH R 7 .  ? -10.647 -2.153  17.038  1.00 41.71 ? 31  HOH E O   1 
HETATM 1465 O  O   . HOH R 7 .  ? -12.563 -18.516 14.366  1.00 60.15 ? 32  HOH E O   1 
HETATM 1466 O  O   . HOH R 7 .  ? -15.254 -0.614  2.857   1.00 71.75 ? 33  HOH E O   1 
HETATM 1467 O  O   . HOH R 7 .  ? -9.908  -18.530 26.312  1.00 64.61 ? 34  HOH E O   1 
HETATM 1468 O  O   . HOH R 7 .  ? -11.657 -16.879 24.859  1.00 64.77 ? 35  HOH E O   1 
HETATM 1469 O  O   . HOH R 7 .  ? -12.725 -4.427  14.623  1.00 50.28 ? 36  HOH E O   1 
HETATM 1470 O  O   . HOH R 7 .  ? -4.194  -14.483 18.142  1.00 58.54 ? 37  HOH E O   1 
HETATM 1471 O  O   . HOH S 7 .  ? -11.331 -1.422  -8.187  1.00 42.69 ? 31  HOH F O   1 
HETATM 1472 O  O   . HOH S 7 .  ? -17.998 -19.793 -0.256  1.00 59.08 ? 32  HOH F O   1 
HETATM 1473 O  O   . HOH S 7 .  ? -21.276 -17.851 -0.949  1.00 58.72 ? 33  HOH F O   1 
HETATM 1474 O  O   . HOH S 7 .  ? -18.450 -19.619 -3.293  1.00 52.61 ? 34  HOH F O   1 
HETATM 1475 O  O   . HOH S 7 .  ? -17.853 -20.730 4.511   1.00 55.68 ? 35  HOH F O   1 
HETATM 1476 O  O   . HOH S 7 .  ? -23.704 -14.026 4.817   1.00 58.75 ? 36  HOH F O   1 
HETATM 1477 O  O   . HOH S 7 .  ? -22.672 -18.543 3.198   1.00 59.90 ? 37  HOH F O   1 
HETATM 1478 O  O   . HOH S 7 .  ? -18.763 -16.959 -3.072  1.00 48.52 ? 38  HOH F O   1 
HETATM 1479 O  O   . HOH S 7 .  ? -13.699 2.867   -0.733  1.00 68.13 ? 39  HOH F O   1 
HETATM 1480 O  O   . HOH S 7 .  ? -15.552 -5.711  -2.745  1.00 47.51 ? 40  HOH F O   1 
HETATM 1481 O  O   . HOH S 7 .  ? -15.921 4.374   -4.851  1.00 63.50 ? 41  HOH F O   1 
HETATM 1482 O  O   . HOH S 7 .  ? -11.281 -4.987  -8.595  1.00 65.23 ? 42  HOH F O   1 
HETATM 1483 O  O   . HOH S 7 .  ? -14.549 -22.432 4.057   1.00 55.66 ? 43  HOH F O   1 
HETATM 1484 O  O   . HOH T 7 .  ? 19.880  -0.157  -0.420  1.00 38.57 ? 24  HOH G O   1 
HETATM 1485 O  O   . HOH T 7 .  ? 3.533   -2.356  1.586   1.00 46.51 ? 26  HOH G O   1 
HETATM 1486 O  O   . HOH T 7 .  ? 2.828   15.155  19.988  1.00 61.43 ? 64  HOH G O   1 
HETATM 1487 O  O   . HOH T 7 .  ? -20.016 1.778   -3.602  1.00 53.52 ? 87  HOH G O   1 
HETATM 1488 O  O   . HOH T 7 .  ? 8.984   14.826  -0.849  1.00 63.34 ? 112 HOH G O   1 
HETATM 1489 O  O   . HOH T 7 .  ? -9.467  8.362   18.069  1.00 68.64 ? 153 HOH G O   1 
HETATM 1490 O  O   . HOH T 7 .  ? -5.277  8.755   2.143   1.00 53.81 ? 159 HOH G O   1 
HETATM 1491 O  O   . HOH T 7 .  ? -4.772  11.561  0.960   1.00 50.11 ? 160 HOH G O   1 
HETATM 1492 O  O   . HOH T 7 .  ? 6.592   15.495  17.466  1.00 65.39 ? 164 HOH G O   1 
# 
